data_5XR1
#
_entry.id   5XR1
#
_entity_poly.entity_id   1
_entity_poly.type   'polypeptide(L)'
_entity_poly.pdbx_seq_one_letter_code
;GSSHHHHHHSSGLVPRGSHPLFKSATTTVMNGASGSGASGSGGAHKVRAGGPGLERAEAGVPAEFSIWTREAGAGGLAIA
VEGPSKAEISFEDRKDGSCGVAYVVQEPGDYEVSVKFNEEHIPDSPFVVPVASPS
;
_entity_poly.pdbx_strand_id   A
#
# COMPACT_ATOMS: atom_id res chain seq x y z
N PRO A 20 -5.66 4.78 -17.56
CA PRO A 20 -6.16 3.50 -17.07
C PRO A 20 -5.28 2.96 -15.95
N LEU A 21 -5.82 2.95 -14.74
CA LEU A 21 -5.13 2.43 -13.55
C LEU A 21 -3.90 3.28 -13.23
N PHE A 22 -3.09 2.82 -12.27
CA PHE A 22 -1.87 3.51 -11.84
C PHE A 22 -2.19 4.94 -11.45
N LYS A 23 -3.37 5.14 -10.87
CA LYS A 23 -3.84 6.46 -10.49
C LYS A 23 -2.86 7.17 -9.57
N SER A 24 -2.27 6.43 -8.64
CA SER A 24 -1.27 6.99 -7.76
C SER A 24 -0.27 5.92 -7.37
N ALA A 25 1.01 6.23 -7.48
CA ALA A 25 2.04 5.28 -7.13
C ALA A 25 3.16 5.98 -6.37
N THR A 26 3.91 5.22 -5.60
CA THR A 26 4.99 5.76 -4.85
C THR A 26 6.10 4.74 -4.69
N THR A 27 7.29 5.18 -4.91
CA THR A 27 8.47 4.36 -4.70
C THR A 27 9.33 4.97 -3.60
N THR A 28 9.38 4.30 -2.46
CA THR A 28 10.11 4.83 -1.31
C THR A 28 11.20 3.87 -0.86
N VAL A 29 12.42 4.35 -0.79
CA VAL A 29 13.53 3.52 -0.34
C VAL A 29 13.44 3.33 1.18
N MET A 30 13.75 2.14 1.63
CA MET A 30 13.65 1.84 3.04
C MET A 30 15.01 2.00 3.71
N ASN A 31 15.11 2.98 4.58
CA ASN A 31 16.36 3.25 5.28
C ASN A 31 16.13 3.29 6.79
N GLY A 42 15.29 -11.82 3.96
CA GLY A 42 15.44 -13.04 3.13
C GLY A 42 14.94 -12.85 1.72
N GLY A 43 14.30 -11.72 1.48
CA GLY A 43 13.77 -11.44 0.19
C GLY A 43 12.34 -10.98 0.28
N ALA A 44 11.79 -10.58 -0.84
CA ALA A 44 10.43 -10.08 -0.90
C ALA A 44 9.41 -11.15 -0.50
N HIS A 45 9.77 -12.42 -0.64
CA HIS A 45 8.85 -13.49 -0.27
C HIS A 45 8.67 -13.54 1.25
N LYS A 46 9.59 -12.92 1.96
CA LYS A 46 9.52 -12.84 3.41
C LYS A 46 8.73 -11.60 3.80
N VAL A 47 8.42 -10.78 2.81
CA VAL A 47 7.71 -9.54 3.00
C VAL A 47 6.27 -9.66 2.56
N ARG A 48 5.36 -9.50 3.50
CA ARG A 48 3.95 -9.53 3.20
C ARG A 48 3.30 -8.27 3.73
N ALA A 49 2.24 -7.85 3.10
CA ALA A 49 1.58 -6.63 3.51
C ALA A 49 0.19 -6.93 4.03
N GLY A 50 -0.23 -6.15 5.01
CA GLY A 50 -1.55 -6.33 5.58
C GLY A 50 -2.01 -5.09 6.30
N GLY A 51 -3.04 -5.23 7.10
CA GLY A 51 -3.55 -4.10 7.83
C GLY A 51 -4.88 -3.65 7.30
N PRO A 52 -5.59 -2.78 8.05
CA PRO A 52 -6.91 -2.27 7.66
C PRO A 52 -6.94 -1.69 6.26
N GLY A 53 -5.88 -0.96 5.90
CA GLY A 53 -5.81 -0.31 4.61
C GLY A 53 -5.79 -1.26 3.42
N LEU A 54 -5.49 -2.52 3.65
CA LEU A 54 -5.47 -3.50 2.56
C LEU A 54 -6.70 -4.40 2.56
N GLU A 55 -7.53 -4.29 3.60
CA GLU A 55 -8.74 -5.09 3.65
C GLU A 55 -9.96 -4.25 3.31
N ARG A 56 -9.96 -2.99 3.74
CA ARG A 56 -11.04 -2.07 3.42
C ARG A 56 -10.54 -0.65 3.41
N ALA A 57 -11.20 0.16 2.64
CA ALA A 57 -10.84 1.55 2.53
C ALA A 57 -12.06 2.41 2.40
N GLU A 58 -11.98 3.63 2.88
CA GLU A 58 -13.11 4.52 2.84
C GLU A 58 -12.85 5.67 1.90
N ALA A 59 -13.83 5.95 1.07
CA ALA A 59 -13.72 7.02 0.09
C ALA A 59 -13.49 8.36 0.77
N GLY A 60 -12.34 8.95 0.51
CA GLY A 60 -12.00 10.24 1.08
C GLY A 60 -11.35 10.11 2.44
N VAL A 61 -10.84 8.93 2.72
CA VAL A 61 -10.23 8.65 4.02
C VAL A 61 -8.89 7.94 3.83
N PRO A 62 -7.85 8.36 4.56
CA PRO A 62 -6.53 7.72 4.50
C PRO A 62 -6.55 6.31 5.09
N ALA A 63 -6.51 5.32 4.23
CA ALA A 63 -6.49 3.94 4.66
C ALA A 63 -5.05 3.51 4.89
N GLU A 64 -4.73 3.17 6.13
CA GLU A 64 -3.37 2.83 6.50
C GLU A 64 -3.16 1.31 6.58
N PHE A 65 -2.16 0.84 5.87
CA PHE A 65 -1.77 -0.54 5.92
C PHE A 65 -0.30 -0.64 6.31
N SER A 66 0.11 -1.77 6.81
CA SER A 66 1.48 -1.95 7.23
C SER A 66 2.13 -3.10 6.48
N ILE A 67 3.39 -2.90 6.12
CA ILE A 67 4.13 -3.92 5.40
C ILE A 67 5.08 -4.63 6.35
N TRP A 68 5.03 -5.95 6.34
CA TRP A 68 5.89 -6.76 7.18
C TRP A 68 7.32 -6.76 6.64
N THR A 69 8.15 -5.92 7.21
CA THR A 69 9.53 -5.79 6.77
C THR A 69 10.49 -6.27 7.83
N ARG A 70 10.06 -7.27 8.61
CA ARG A 70 10.88 -7.83 9.68
C ARG A 70 12.10 -8.53 9.06
N GLU A 71 11.90 -9.68 8.47
CA GLU A 71 12.97 -10.37 7.77
C GLU A 71 12.96 -9.95 6.32
N ALA A 72 13.69 -8.91 6.01
CA ALA A 72 13.72 -8.39 4.66
C ALA A 72 15.10 -7.86 4.32
N GLY A 73 15.63 -7.00 5.18
CA GLY A 73 16.94 -6.43 4.95
C GLY A 73 16.85 -5.05 4.34
N ALA A 74 15.65 -4.47 4.34
CA ALA A 74 15.39 -3.16 3.77
C ALA A 74 15.64 -3.12 2.27
N GLY A 75 15.47 -1.98 1.68
CA GLY A 75 15.69 -1.83 0.26
C GLY A 75 14.84 -0.75 -0.34
N GLY A 76 13.83 -1.15 -1.08
CA GLY A 76 12.95 -0.20 -1.72
C GLY A 76 11.53 -0.68 -1.78
N LEU A 77 10.63 0.12 -1.25
CA LEU A 77 9.22 -0.21 -1.23
C LEU A 77 8.48 0.58 -2.30
N ALA A 78 8.07 -0.11 -3.34
CA ALA A 78 7.33 0.50 -4.41
C ALA A 78 5.88 0.07 -4.33
N ILE A 79 5.00 1.03 -4.40
CA ILE A 79 3.58 0.77 -4.27
C ILE A 79 2.81 1.52 -5.34
N ALA A 80 1.94 0.82 -6.03
CA ALA A 80 1.12 1.46 -7.04
C ALA A 80 -0.36 1.19 -6.75
N VAL A 81 -1.12 2.24 -6.52
CA VAL A 81 -2.54 2.13 -6.26
C VAL A 81 -3.32 2.28 -7.55
N GLU A 82 -3.91 1.21 -7.99
CA GLU A 82 -4.68 1.23 -9.22
C GLU A 82 -6.17 1.14 -8.89
N GLY A 83 -6.93 2.14 -9.32
CA GLY A 83 -8.35 2.13 -9.06
C GLY A 83 -9.12 3.02 -9.99
N PRO A 84 -10.44 3.14 -9.78
CA PRO A 84 -11.32 3.98 -10.60
C PRO A 84 -10.99 5.47 -10.49
N SER A 85 -10.47 5.89 -9.35
CA SER A 85 -10.20 7.31 -9.15
C SER A 85 -8.84 7.53 -8.49
N LYS A 86 -8.49 8.79 -8.31
CA LYS A 86 -7.23 9.17 -7.72
C LYS A 86 -7.16 8.78 -6.24
N ALA A 87 -5.97 8.41 -5.81
CA ALA A 87 -5.75 8.04 -4.43
C ALA A 87 -4.63 8.90 -3.85
N GLU A 88 -4.73 9.22 -2.58
CA GLU A 88 -3.71 10.06 -1.94
C GLU A 88 -2.79 9.21 -1.12
N ILE A 89 -1.65 8.90 -1.66
CA ILE A 89 -0.68 8.05 -0.98
C ILE A 89 0.23 8.88 -0.09
N SER A 90 0.19 8.59 1.18
CA SER A 90 1.07 9.22 2.13
C SER A 90 1.92 8.16 2.81
N PHE A 91 3.18 8.42 2.92
CA PHE A 91 4.11 7.49 3.51
C PHE A 91 4.69 8.07 4.79
N GLU A 92 4.56 7.34 5.87
CA GLU A 92 5.08 7.76 7.13
C GLU A 92 5.98 6.69 7.73
N ASP A 93 7.08 7.12 8.31
CA ASP A 93 8.05 6.20 8.87
C ASP A 93 7.72 5.90 10.32
N ARG A 94 8.42 4.94 10.89
CA ARG A 94 8.20 4.54 12.27
C ARG A 94 9.52 4.33 12.98
N LYS A 95 9.56 4.69 14.27
CA LYS A 95 10.78 4.67 15.06
C LYS A 95 11.44 3.29 15.12
N ASP A 96 10.63 2.24 15.16
CA ASP A 96 11.15 0.87 15.24
C ASP A 96 11.73 0.42 13.89
N GLY A 97 11.38 1.15 12.85
CA GLY A 97 11.80 0.79 11.53
C GLY A 97 10.71 0.01 10.81
N SER A 98 9.48 0.33 11.15
CA SER A 98 8.33 -0.32 10.56
C SER A 98 7.75 0.56 9.45
N CYS A 99 6.99 -0.05 8.55
CA CYS A 99 6.41 0.67 7.42
C CYS A 99 4.91 0.92 7.64
N GLY A 100 4.51 2.16 7.40
CA GLY A 100 3.11 2.53 7.50
C GLY A 100 2.71 3.42 6.35
N VAL A 101 1.79 2.93 5.52
CA VAL A 101 1.36 3.68 4.35
C VAL A 101 -0.14 3.93 4.40
N ALA A 102 -0.53 5.18 4.21
CA ALA A 102 -1.93 5.54 4.24
C ALA A 102 -2.32 6.23 2.95
N TYR A 103 -3.34 5.70 2.29
CA TYR A 103 -3.80 6.26 1.03
C TYR A 103 -5.25 6.51 1.07
N VAL A 104 -5.64 7.61 0.50
CA VAL A 104 -6.99 7.90 0.38
C VAL A 104 -7.47 7.52 -0.93
N VAL A 105 -8.71 7.54 -1.04
CA VAL A 105 -9.36 7.28 -2.22
C VAL A 105 -10.30 8.40 -2.46
N GLN A 106 -10.42 8.85 -3.65
CA GLN A 106 -11.30 9.93 -3.87
C GLN A 106 -12.73 9.45 -4.15
N GLU A 107 -12.86 8.21 -4.64
CA GLU A 107 -14.18 7.63 -4.98
C GLU A 107 -14.20 6.13 -4.69
N PRO A 108 -15.32 5.64 -4.14
CA PRO A 108 -15.45 4.22 -3.76
C PRO A 108 -15.28 3.26 -4.94
N GLY A 109 -14.90 2.03 -4.64
CA GLY A 109 -14.67 1.04 -5.67
C GLY A 109 -13.57 0.08 -5.29
N ASP A 110 -13.17 -0.79 -6.18
CA ASP A 110 -12.11 -1.75 -5.90
C ASP A 110 -10.77 -1.16 -6.28
N TYR A 111 -9.78 -1.35 -5.45
CA TYR A 111 -8.48 -0.75 -5.67
C TYR A 111 -7.40 -1.77 -5.52
N GLU A 112 -6.63 -1.95 -6.54
CA GLU A 112 -5.61 -2.95 -6.49
C GLU A 112 -4.27 -2.31 -6.27
N VAL A 113 -3.75 -2.50 -5.08
CA VAL A 113 -2.48 -1.97 -4.69
C VAL A 113 -1.39 -2.95 -5.04
N SER A 114 -0.63 -2.63 -6.06
CA SER A 114 0.45 -3.50 -6.47
C SER A 114 1.75 -3.07 -5.78
N VAL A 115 2.32 -3.95 -4.97
CA VAL A 115 3.54 -3.60 -4.26
C VAL A 115 4.74 -4.31 -4.82
N LYS A 116 5.88 -3.74 -4.56
CA LYS A 116 7.15 -4.30 -4.94
C LYS A 116 8.19 -4.00 -3.89
N PHE A 117 8.75 -5.04 -3.33
CA PHE A 117 9.84 -4.90 -2.38
C PHE A 117 11.13 -5.26 -3.09
N ASN A 118 11.95 -4.26 -3.33
CA ASN A 118 13.23 -4.43 -4.03
C ASN A 118 12.98 -5.00 -5.43
N GLU A 119 12.00 -4.38 -6.11
CA GLU A 119 11.60 -4.74 -7.48
C GLU A 119 10.74 -6.02 -7.51
N GLU A 120 10.52 -6.62 -6.37
CA GLU A 120 9.75 -7.85 -6.31
C GLU A 120 8.30 -7.61 -5.89
N HIS A 121 7.41 -8.07 -6.73
CA HIS A 121 5.94 -7.98 -6.59
C HIS A 121 5.37 -8.67 -5.34
N ILE A 122 6.23 -9.09 -4.44
CA ILE A 122 5.96 -10.04 -3.33
C ILE A 122 4.90 -11.14 -3.64
N PRO A 123 4.88 -12.20 -2.86
CA PRO A 123 3.86 -13.21 -3.01
C PRO A 123 2.50 -12.67 -2.61
N ASP A 124 1.73 -12.36 -3.62
CA ASP A 124 0.33 -11.92 -3.51
C ASP A 124 0.18 -10.41 -3.29
N SER A 125 1.08 -9.58 -3.85
CA SER A 125 0.96 -8.12 -3.72
C SER A 125 -0.26 -7.51 -4.28
N PRO A 126 -0.87 -8.01 -5.37
CA PRO A 126 -1.91 -7.28 -5.92
C PRO A 126 -3.20 -7.37 -5.09
N PHE A 127 -3.22 -6.61 -4.03
CA PHE A 127 -4.32 -6.55 -3.08
C PHE A 127 -5.38 -5.59 -3.55
N VAL A 128 -6.57 -6.10 -3.78
CA VAL A 128 -7.67 -5.25 -4.15
C VAL A 128 -8.47 -4.91 -2.91
N VAL A 129 -8.42 -3.66 -2.55
CA VAL A 129 -9.08 -3.17 -1.38
C VAL A 129 -10.42 -2.55 -1.74
N PRO A 130 -11.52 -3.10 -1.22
CA PRO A 130 -12.85 -2.55 -1.45
C PRO A 130 -13.03 -1.23 -0.71
N VAL A 131 -13.05 -0.16 -1.46
CA VAL A 131 -13.28 1.13 -0.88
C VAL A 131 -14.76 1.42 -0.88
N ALA A 132 -15.26 1.85 0.23
CA ALA A 132 -16.65 2.14 0.36
C ALA A 132 -16.84 3.53 0.95
N SER A 133 -18.03 4.05 0.83
CA SER A 133 -18.32 5.37 1.34
C SER A 133 -18.42 5.33 2.86
N PRO A 134 -17.75 6.27 3.56
CA PRO A 134 -17.79 6.33 5.02
C PRO A 134 -19.21 6.53 5.54
N SER A 135 -20.02 7.18 4.72
CA SER A 135 -21.42 7.38 5.05
C SER A 135 -22.24 6.15 4.65
N PRO A 20 -7.19 3.58 -15.50
CA PRO A 20 -7.74 2.36 -14.91
C PRO A 20 -6.68 1.64 -14.07
N LEU A 21 -5.43 1.84 -14.44
CA LEU A 21 -4.32 1.22 -13.74
C LEU A 21 -3.20 2.21 -13.57
N PHE A 22 -2.24 1.88 -12.68
CA PHE A 22 -1.14 2.78 -12.33
C PHE A 22 -1.70 4.17 -12.02
N LYS A 23 -2.77 4.19 -11.24
CA LYS A 23 -3.45 5.41 -10.92
C LYS A 23 -2.59 6.27 -9.98
N SER A 24 -2.25 5.74 -8.82
CA SER A 24 -1.38 6.42 -7.90
C SER A 24 -0.24 5.50 -7.53
N ALA A 25 0.84 6.05 -7.01
CA ALA A 25 1.99 5.22 -6.65
C ALA A 25 2.90 5.92 -5.67
N THR A 26 3.66 5.11 -4.95
CA THR A 26 4.65 5.60 -4.03
C THR A 26 5.88 4.68 -4.06
N THR A 27 6.89 5.11 -4.77
CA THR A 27 8.11 4.35 -4.90
C THR A 27 9.20 4.90 -3.97
N THR A 28 9.56 4.12 -2.99
CA THR A 28 10.57 4.52 -2.04
C THR A 28 11.69 3.47 -1.99
N VAL A 29 12.80 3.80 -1.35
CA VAL A 29 13.92 2.90 -1.26
C VAL A 29 14.60 3.02 0.11
N MET A 30 15.11 1.89 0.61
CA MET A 30 15.77 1.84 1.94
C MET A 30 14.83 2.27 3.06
N ASN A 31 14.28 1.29 3.76
CA ASN A 31 13.35 1.57 4.84
C ASN A 31 14.07 1.55 6.17
N GLY A 42 15.44 -12.14 3.17
CA GLY A 42 15.63 -13.21 2.15
C GLY A 42 15.06 -12.83 0.80
N GLY A 43 14.40 -11.69 0.78
CA GLY A 43 13.78 -11.22 -0.42
C GLY A 43 12.41 -10.68 -0.12
N ALA A 44 11.70 -10.30 -1.15
CA ALA A 44 10.37 -9.74 -0.99
C ALA A 44 9.40 -10.74 -0.38
N HIS A 45 9.69 -12.03 -0.52
CA HIS A 45 8.83 -13.07 0.04
C HIS A 45 8.78 -12.99 1.57
N LYS A 46 9.80 -12.37 2.16
CA LYS A 46 9.85 -12.20 3.61
C LYS A 46 9.00 -11.01 4.00
N VAL A 47 8.60 -10.24 3.02
CA VAL A 47 7.83 -9.06 3.24
C VAL A 47 6.38 -9.27 2.91
N ARG A 48 5.53 -8.66 3.68
CA ARG A 48 4.12 -8.73 3.46
C ARG A 48 3.47 -7.53 4.14
N ALA A 49 2.33 -7.13 3.66
CA ALA A 49 1.64 -5.99 4.21
C ALA A 49 0.28 -6.39 4.72
N GLY A 50 -0.10 -5.87 5.86
CA GLY A 50 -1.37 -6.21 6.44
C GLY A 50 -1.96 -5.07 7.21
N GLY A 51 -3.24 -5.15 7.49
CA GLY A 51 -3.91 -4.11 8.22
C GLY A 51 -5.18 -3.69 7.54
N PRO A 52 -5.96 -2.79 8.16
CA PRO A 52 -7.24 -2.32 7.60
C PRO A 52 -7.08 -1.73 6.21
N GLY A 53 -5.90 -1.16 5.95
CA GLY A 53 -5.62 -0.53 4.67
C GLY A 53 -5.73 -1.49 3.48
N LEU A 54 -5.43 -2.76 3.70
CA LEU A 54 -5.51 -3.73 2.61
C LEU A 54 -6.75 -4.61 2.73
N GLU A 55 -7.54 -4.34 3.76
CA GLU A 55 -8.75 -5.11 3.98
C GLU A 55 -9.96 -4.40 3.37
N ARG A 56 -10.17 -3.16 3.77
CA ARG A 56 -11.26 -2.37 3.27
C ARG A 56 -10.94 -0.90 3.49
N ALA A 57 -11.22 -0.09 2.50
CA ALA A 57 -10.90 1.32 2.58
C ALA A 57 -12.13 2.18 2.39
N GLU A 58 -12.00 3.45 2.70
CA GLU A 58 -13.10 4.37 2.58
C GLU A 58 -12.69 5.61 1.80
N ALA A 59 -13.61 6.12 1.00
CA ALA A 59 -13.35 7.29 0.17
C ALA A 59 -13.08 8.52 1.02
N GLY A 60 -11.87 9.07 0.92
CA GLY A 60 -11.53 10.25 1.70
C GLY A 60 -11.38 9.95 3.18
N VAL A 61 -10.98 8.74 3.49
CA VAL A 61 -10.79 8.28 4.88
C VAL A 61 -9.52 7.45 4.93
N PRO A 62 -8.47 7.99 5.58
CA PRO A 62 -7.14 7.36 5.62
C PRO A 62 -7.15 5.90 6.05
N ALA A 63 -6.94 5.03 5.08
CA ALA A 63 -6.82 3.61 5.34
C ALA A 63 -5.34 3.24 5.38
N GLU A 64 -4.87 2.84 6.55
CA GLU A 64 -3.46 2.56 6.73
C GLU A 64 -3.20 1.07 6.92
N PHE A 65 -2.19 0.58 6.24
CA PHE A 65 -1.75 -0.79 6.40
C PHE A 65 -0.28 -0.81 6.77
N SER A 66 0.11 -1.77 7.60
CA SER A 66 1.48 -1.88 8.05
C SER A 66 2.25 -2.88 7.19
N ILE A 67 3.47 -2.52 6.83
CA ILE A 67 4.29 -3.38 6.01
C ILE A 67 5.40 -4.01 6.85
N TRP A 68 5.51 -5.32 6.79
CA TRP A 68 6.53 -6.02 7.52
C TRP A 68 7.77 -6.17 6.66
N THR A 69 8.66 -5.19 6.75
CA THR A 69 9.89 -5.18 5.98
C THR A 69 11.06 -5.73 6.79
N ARG A 70 10.74 -6.54 7.77
CA ARG A 70 11.76 -7.10 8.66
C ARG A 70 12.29 -8.42 8.10
N GLU A 71 13.52 -8.75 8.50
CA GLU A 71 14.20 -10.00 8.10
C GLU A 71 14.47 -10.02 6.60
N ALA A 72 14.51 -8.86 5.99
CA ALA A 72 14.76 -8.75 4.57
C ALA A 72 16.18 -8.28 4.31
N GLY A 73 16.52 -7.10 4.82
CA GLY A 73 17.85 -6.56 4.63
C GLY A 73 17.86 -5.33 3.75
N ALA A 74 16.70 -4.89 3.32
CA ALA A 74 16.56 -3.71 2.47
C ALA A 74 15.12 -3.24 2.45
N GLY A 75 14.81 -2.30 1.57
CA GLY A 75 13.45 -1.82 1.45
C GLY A 75 12.96 -1.84 0.02
N GLY A 76 13.13 -0.73 -0.66
CA GLY A 76 12.69 -0.62 -2.04
C GLY A 76 11.23 -0.92 -2.19
N LEU A 77 10.39 -0.09 -1.61
CA LEU A 77 8.96 -0.29 -1.67
C LEU A 77 8.32 0.55 -2.75
N ALA A 78 7.89 -0.09 -3.80
CA ALA A 78 7.18 0.58 -4.86
C ALA A 78 5.74 0.13 -4.83
N ILE A 79 4.88 0.97 -4.30
CA ILE A 79 3.48 0.66 -4.15
C ILE A 79 2.67 1.44 -5.15
N ALA A 80 1.82 0.77 -5.88
CA ALA A 80 0.99 1.44 -6.83
C ALA A 80 -0.49 1.11 -6.61
N VAL A 81 -1.29 2.14 -6.35
CA VAL A 81 -2.72 1.97 -6.18
C VAL A 81 -3.39 2.16 -7.53
N GLU A 82 -3.92 1.10 -8.06
CA GLU A 82 -4.52 1.13 -9.36
C GLU A 82 -6.04 1.08 -9.28
N GLY A 83 -6.69 2.01 -9.96
CA GLY A 83 -8.14 2.03 -9.95
C GLY A 83 -8.73 3.13 -10.81
N PRO A 84 -10.06 3.31 -10.74
CA PRO A 84 -10.78 4.32 -11.54
C PRO A 84 -10.58 5.76 -11.08
N SER A 85 -9.98 5.95 -9.91
CA SER A 85 -9.75 7.31 -9.41
C SER A 85 -8.44 7.39 -8.64
N LYS A 86 -7.91 8.59 -8.56
CA LYS A 86 -6.62 8.83 -7.91
C LYS A 86 -6.73 8.66 -6.40
N ALA A 87 -5.73 7.99 -5.85
CA ALA A 87 -5.66 7.76 -4.45
C ALA A 87 -4.55 8.60 -3.83
N GLU A 88 -4.80 9.11 -2.64
CA GLU A 88 -3.82 9.88 -1.92
C GLU A 88 -3.00 8.94 -1.07
N ILE A 89 -1.81 8.65 -1.52
CA ILE A 89 -0.95 7.71 -0.83
C ILE A 89 0.10 8.43 0.00
N SER A 90 0.35 7.91 1.19
CA SER A 90 1.37 8.47 2.05
C SER A 90 2.14 7.36 2.73
N PHE A 91 3.44 7.47 2.65
CA PHE A 91 4.35 6.53 3.28
C PHE A 91 4.85 7.15 4.57
N GLU A 92 4.45 6.59 5.69
CA GLU A 92 4.78 7.19 6.96
C GLU A 92 5.60 6.28 7.87
N ASP A 93 6.67 6.85 8.38
CA ASP A 93 7.51 6.24 9.39
C ASP A 93 7.69 7.26 10.50
N ARG A 94 7.21 6.93 11.69
CA ARG A 94 7.22 7.89 12.79
C ARG A 94 8.61 7.94 13.48
N LYS A 95 9.63 7.51 12.74
CA LYS A 95 11.03 7.52 13.21
C LYS A 95 11.22 6.57 14.38
N ASP A 96 10.30 5.65 14.52
CA ASP A 96 10.34 4.67 15.57
C ASP A 96 10.50 3.29 14.97
N GLY A 97 10.23 3.17 13.68
CA GLY A 97 10.33 1.91 13.01
C GLY A 97 8.99 1.41 12.51
N SER A 98 7.95 2.20 12.74
CA SER A 98 6.62 1.85 12.29
C SER A 98 6.44 2.21 10.83
N CYS A 99 6.52 1.21 9.97
CA CYS A 99 6.33 1.42 8.57
C CYS A 99 4.88 1.17 8.21
N GLY A 100 4.21 2.21 7.77
CA GLY A 100 2.82 2.10 7.41
C GLY A 100 2.48 3.00 6.26
N VAL A 101 1.53 2.57 5.45
CA VAL A 101 1.11 3.34 4.31
C VAL A 101 -0.38 3.59 4.37
N ALA A 102 -0.75 4.84 4.31
CA ALA A 102 -2.15 5.23 4.36
C ALA A 102 -2.56 5.82 3.02
N TYR A 103 -3.72 5.42 2.55
CA TYR A 103 -4.22 5.94 1.29
C TYR A 103 -5.68 6.17 1.34
N VAL A 104 -6.07 7.16 0.60
CA VAL A 104 -7.43 7.49 0.45
C VAL A 104 -7.74 7.61 -0.97
N VAL A 105 -8.96 7.50 -1.29
CA VAL A 105 -9.36 7.74 -2.61
C VAL A 105 -10.30 8.88 -2.60
N GLN A 106 -10.47 9.48 -3.71
CA GLN A 106 -11.37 10.58 -3.78
C GLN A 106 -12.70 10.10 -4.38
N GLU A 107 -12.70 8.87 -4.89
CA GLU A 107 -13.90 8.26 -5.48
C GLU A 107 -13.94 6.79 -5.11
N PRO A 108 -15.07 6.32 -4.58
CA PRO A 108 -15.21 4.93 -4.11
C PRO A 108 -15.12 3.90 -5.26
N GLY A 109 -14.82 2.67 -4.90
CA GLY A 109 -14.67 1.60 -5.86
C GLY A 109 -13.63 0.60 -5.41
N ASP A 110 -13.26 -0.32 -6.26
CA ASP A 110 -12.25 -1.32 -5.92
C ASP A 110 -10.91 -0.81 -6.37
N TYR A 111 -9.87 -1.12 -5.64
CA TYR A 111 -8.55 -0.61 -5.95
C TYR A 111 -7.52 -1.65 -5.71
N GLU A 112 -6.66 -1.84 -6.67
CA GLU A 112 -5.67 -2.86 -6.59
C GLU A 112 -4.33 -2.27 -6.24
N VAL A 113 -3.90 -2.51 -5.02
CA VAL A 113 -2.65 -2.02 -4.53
C VAL A 113 -1.55 -3.00 -4.87
N SER A 114 -0.84 -2.72 -5.92
CA SER A 114 0.23 -3.58 -6.35
C SER A 114 1.53 -3.12 -5.71
N VAL A 115 2.09 -3.95 -4.87
CA VAL A 115 3.32 -3.60 -4.17
C VAL A 115 4.52 -4.26 -4.76
N LYS A 116 5.67 -3.67 -4.51
CA LYS A 116 6.93 -4.20 -4.93
C LYS A 116 7.99 -3.89 -3.89
N PHE A 117 8.52 -4.93 -3.31
CA PHE A 117 9.61 -4.81 -2.35
C PHE A 117 10.87 -5.25 -3.05
N ASN A 118 11.88 -4.36 -3.11
CA ASN A 118 13.12 -4.67 -3.87
C ASN A 118 12.76 -4.94 -5.32
N GLU A 119 11.72 -4.24 -5.80
CA GLU A 119 11.19 -4.37 -7.16
C GLU A 119 10.41 -5.67 -7.36
N GLU A 120 10.17 -6.40 -6.29
CA GLU A 120 9.43 -7.64 -6.37
C GLU A 120 7.99 -7.47 -5.88
N HIS A 121 7.08 -7.92 -6.70
CA HIS A 121 5.61 -7.91 -6.48
C HIS A 121 5.15 -8.65 -5.22
N ILE A 122 6.07 -9.04 -4.37
CA ILE A 122 5.88 -10.02 -3.27
C ILE A 122 4.93 -11.19 -3.66
N PRO A 123 4.79 -12.20 -2.83
CA PRO A 123 3.81 -13.24 -3.10
C PRO A 123 2.38 -12.74 -2.90
N ASP A 124 1.79 -12.38 -4.01
CA ASP A 124 0.38 -11.98 -4.13
C ASP A 124 0.13 -10.52 -3.75
N SER A 125 1.00 -9.59 -4.19
CA SER A 125 0.80 -8.16 -3.91
C SER A 125 -0.42 -7.55 -4.44
N PRO A 126 -0.97 -7.94 -5.59
CA PRO A 126 -2.02 -7.18 -6.09
C PRO A 126 -3.32 -7.35 -5.31
N PHE A 127 -3.41 -6.62 -4.23
CA PHE A 127 -4.55 -6.65 -3.32
C PHE A 127 -5.58 -5.63 -3.73
N VAL A 128 -6.78 -6.07 -4.03
CA VAL A 128 -7.84 -5.15 -4.36
C VAL A 128 -8.64 -4.85 -3.13
N VAL A 129 -8.51 -3.65 -2.66
CA VAL A 129 -9.18 -3.22 -1.46
C VAL A 129 -10.47 -2.48 -1.82
N PRO A 130 -11.62 -2.98 -1.36
CA PRO A 130 -12.90 -2.32 -1.60
C PRO A 130 -12.98 -1.01 -0.83
N VAL A 131 -13.01 0.08 -1.56
CA VAL A 131 -13.09 1.39 -0.97
C VAL A 131 -14.48 1.95 -1.16
N ALA A 132 -15.13 2.27 -0.08
CA ALA A 132 -16.49 2.74 -0.15
C ALA A 132 -16.67 4.02 0.66
N SER A 133 -17.67 4.80 0.31
CA SER A 133 -17.94 6.04 1.00
C SER A 133 -18.82 5.79 2.22
N PRO A 134 -18.39 6.25 3.39
CA PRO A 134 -19.17 6.11 4.62
C PRO A 134 -20.43 6.99 4.59
N SER A 135 -21.40 6.60 5.37
CA SER A 135 -22.68 7.31 5.41
C SER A 135 -22.61 8.50 6.38
N PRO A 20 -8.18 3.33 -16.12
CA PRO A 20 -8.89 2.64 -15.05
C PRO A 20 -7.92 2.05 -14.03
N LEU A 21 -6.64 2.00 -14.39
CA LEU A 21 -5.61 1.47 -13.52
C LEU A 21 -4.39 2.39 -13.54
N PHE A 22 -3.39 2.07 -12.73
CA PHE A 22 -2.16 2.87 -12.61
C PHE A 22 -2.47 4.32 -12.26
N LYS A 23 -3.26 4.52 -11.21
CA LYS A 23 -3.63 5.87 -10.78
C LYS A 23 -2.47 6.62 -10.16
N SER A 24 -1.98 6.14 -9.03
CA SER A 24 -0.86 6.81 -8.36
C SER A 24 0.04 5.78 -7.68
N ALA A 25 1.24 6.19 -7.31
CA ALA A 25 2.18 5.27 -6.67
C ALA A 25 3.13 5.99 -5.73
N THR A 26 3.82 5.23 -4.90
CA THR A 26 4.79 5.75 -4.00
C THR A 26 5.97 4.78 -3.86
N THR A 27 7.11 5.22 -4.29
CA THR A 27 8.32 4.43 -4.17
C THR A 27 9.29 5.08 -3.19
N THR A 28 9.61 4.37 -2.13
CA THR A 28 10.52 4.89 -1.12
C THR A 28 11.26 3.74 -0.42
N VAL A 29 12.52 3.98 -0.07
CA VAL A 29 13.31 2.97 0.62
C VAL A 29 12.80 2.77 2.05
N MET A 30 12.97 1.58 2.57
CA MET A 30 12.53 1.28 3.92
C MET A 30 13.63 1.63 4.90
N ASN A 31 13.54 2.82 5.48
CA ASN A 31 14.52 3.27 6.45
C ASN A 31 13.83 4.14 7.50
N GLY A 42 15.46 -12.48 3.36
CA GLY A 42 15.52 -13.63 2.40
C GLY A 42 15.02 -13.26 1.03
N GLY A 43 14.44 -12.08 0.91
CA GLY A 43 13.91 -11.63 -0.33
C GLY A 43 12.54 -11.02 -0.14
N ALA A 44 11.93 -10.59 -1.22
CA ALA A 44 10.62 -9.96 -1.18
C ALA A 44 9.56 -10.92 -0.63
N HIS A 45 9.76 -12.21 -0.88
CA HIS A 45 8.81 -13.23 -0.40
C HIS A 45 8.72 -13.27 1.12
N LYS A 46 9.71 -12.69 1.79
CA LYS A 46 9.71 -12.62 3.24
C LYS A 46 8.79 -11.49 3.71
N VAL A 47 8.39 -10.66 2.76
CA VAL A 47 7.57 -9.50 3.05
C VAL A 47 6.17 -9.66 2.45
N ARG A 48 5.17 -9.24 3.19
CA ARG A 48 3.80 -9.19 2.73
C ARG A 48 3.12 -7.98 3.31
N ALA A 49 2.10 -7.49 2.64
CA ALA A 49 1.43 -6.30 3.10
C ALA A 49 0.01 -6.60 3.53
N GLY A 50 -0.36 -6.08 4.68
CA GLY A 50 -1.69 -6.26 5.21
C GLY A 50 -1.95 -5.34 6.37
N GLY A 51 -3.20 -5.20 6.74
CA GLY A 51 -3.54 -4.34 7.86
C GLY A 51 -4.49 -3.24 7.47
N PRO A 52 -4.71 -2.26 8.37
CA PRO A 52 -5.63 -1.14 8.13
C PRO A 52 -5.32 -0.41 6.84
N GLY A 53 -6.26 -0.44 5.91
CA GLY A 53 -6.07 0.21 4.65
C GLY A 53 -6.02 -0.78 3.52
N LEU A 54 -5.51 -1.96 3.79
CA LEU A 54 -5.45 -3.02 2.79
C LEU A 54 -6.60 -4.00 2.98
N GLU A 55 -7.15 -4.03 4.19
CA GLU A 55 -8.29 -4.88 4.50
C GLU A 55 -9.52 -4.34 3.78
N ARG A 56 -9.85 -3.10 4.07
CA ARG A 56 -10.95 -2.40 3.43
C ARG A 56 -10.65 -0.91 3.43
N ALA A 57 -11.10 -0.20 2.43
CA ALA A 57 -10.82 1.21 2.32
C ALA A 57 -12.10 2.02 2.29
N GLU A 58 -11.98 3.27 2.70
CA GLU A 58 -13.12 4.16 2.77
C GLU A 58 -12.90 5.38 1.91
N ALA A 59 -13.90 5.72 1.12
CA ALA A 59 -13.81 6.83 0.18
C ALA A 59 -13.59 8.16 0.91
N GLY A 60 -12.44 8.76 0.67
CA GLY A 60 -12.11 10.03 1.29
C GLY A 60 -11.49 9.87 2.65
N VAL A 61 -10.87 8.74 2.87
CA VAL A 61 -10.24 8.46 4.14
C VAL A 61 -8.79 8.02 3.94
N PRO A 62 -7.84 8.71 4.58
CA PRO A 62 -6.43 8.35 4.53
C PRO A 62 -6.17 7.05 5.29
N ALA A 63 -6.06 5.97 4.54
CA ALA A 63 -5.79 4.67 5.12
C ALA A 63 -4.29 4.51 5.31
N GLU A 64 -3.87 4.27 6.54
CA GLU A 64 -2.47 4.15 6.85
C GLU A 64 -2.11 2.74 7.26
N PHE A 65 -1.26 2.10 6.49
CA PHE A 65 -0.82 0.77 6.81
C PHE A 65 0.69 0.71 6.91
N SER A 66 1.17 0.05 7.93
CA SER A 66 2.59 -0.13 8.12
C SER A 66 2.96 -1.56 7.78
N ILE A 67 3.81 -1.72 6.77
CA ILE A 67 4.28 -3.03 6.40
C ILE A 67 5.33 -3.50 7.41
N TRP A 68 6.52 -2.90 7.33
CA TRP A 68 7.65 -3.19 8.23
C TRP A 68 8.18 -4.62 8.05
N THR A 69 9.45 -4.71 7.71
CA THR A 69 10.09 -5.99 7.56
C THR A 69 11.37 -6.04 8.38
N ARG A 70 11.67 -7.20 8.92
CA ARG A 70 12.85 -7.39 9.76
C ARG A 70 13.72 -8.50 9.20
N GLU A 71 13.09 -9.38 8.48
CA GLU A 71 13.73 -10.57 7.96
C GLU A 71 14.26 -10.40 6.53
N ALA A 72 13.75 -9.40 5.82
CA ALA A 72 14.15 -9.18 4.44
C ALA A 72 15.49 -8.44 4.35
N GLY A 73 15.77 -7.62 5.34
CA GLY A 73 17.00 -6.86 5.34
C GLY A 73 16.84 -5.50 4.69
N ALA A 74 15.64 -4.92 4.85
CA ALA A 74 15.30 -3.61 4.31
C ALA A 74 15.36 -3.61 2.79
N GLY A 75 15.15 -2.46 2.21
CA GLY A 75 15.21 -2.35 0.78
C GLY A 75 14.34 -1.25 0.26
N GLY A 76 13.75 -1.46 -0.90
CA GLY A 76 12.91 -0.46 -1.50
C GLY A 76 11.46 -0.85 -1.52
N LEU A 77 10.61 -0.02 -0.96
CA LEU A 77 9.19 -0.27 -0.96
C LEU A 77 8.49 0.58 -2.00
N ALA A 78 8.05 -0.06 -3.06
CA ALA A 78 7.32 0.64 -4.10
C ALA A 78 5.88 0.18 -4.09
N ILE A 79 4.98 1.10 -3.91
CA ILE A 79 3.57 0.80 -3.83
C ILE A 79 2.78 1.58 -4.87
N ALA A 80 2.01 0.87 -5.67
CA ALA A 80 1.20 1.54 -6.66
C ALA A 80 -0.29 1.26 -6.43
N VAL A 81 -1.10 2.31 -6.43
CA VAL A 81 -2.52 2.17 -6.21
C VAL A 81 -3.27 2.31 -7.54
N GLU A 82 -3.97 1.27 -7.91
CA GLU A 82 -4.72 1.28 -9.14
C GLU A 82 -6.20 1.17 -8.86
N GLY A 83 -6.96 2.13 -9.34
CA GLY A 83 -8.39 2.11 -9.10
C GLY A 83 -9.16 2.98 -10.06
N PRO A 84 -10.50 3.04 -9.92
CA PRO A 84 -11.36 3.83 -10.79
C PRO A 84 -11.14 5.33 -10.65
N SER A 85 -10.52 5.74 -9.56
CA SER A 85 -10.25 7.14 -9.31
C SER A 85 -8.88 7.30 -8.68
N LYS A 86 -8.42 8.53 -8.57
CA LYS A 86 -7.10 8.82 -8.05
C LYS A 86 -7.06 8.67 -6.53
N ALA A 87 -5.91 8.23 -6.03
CA ALA A 87 -5.72 8.03 -4.61
C ALA A 87 -4.65 8.98 -4.09
N GLU A 88 -4.87 9.52 -2.89
CA GLU A 88 -3.90 10.44 -2.30
C GLU A 88 -2.91 9.65 -1.48
N ILE A 89 -1.75 9.46 -2.01
CA ILE A 89 -0.75 8.63 -1.37
C ILE A 89 0.36 9.46 -0.74
N SER A 90 0.73 9.10 0.46
CA SER A 90 1.83 9.71 1.15
C SER A 90 2.60 8.67 1.91
N PHE A 91 3.87 8.65 1.69
CA PHE A 91 4.76 7.70 2.34
C PHE A 91 5.59 8.41 3.39
N GLU A 92 5.29 8.14 4.63
CA GLU A 92 6.00 8.77 5.73
C GLU A 92 7.14 7.88 6.20
N ASP A 93 8.35 8.30 5.86
CA ASP A 93 9.55 7.57 6.25
C ASP A 93 10.09 8.09 7.58
N ARG A 94 11.27 7.62 7.96
CA ARG A 94 11.92 7.99 9.23
C ARG A 94 11.15 7.38 10.40
N LYS A 95 10.28 8.18 11.02
CA LYS A 95 9.48 7.73 12.17
C LYS A 95 10.36 7.06 13.22
N ASP A 96 9.86 5.99 13.80
CA ASP A 96 10.62 5.20 14.77
C ASP A 96 11.36 4.10 14.05
N GLY A 97 11.57 4.29 12.76
CA GLY A 97 12.18 3.26 11.95
C GLY A 97 11.11 2.49 11.22
N SER A 98 9.90 3.02 11.27
CA SER A 98 8.74 2.39 10.68
C SER A 98 8.34 3.11 9.38
N CYS A 99 7.51 2.45 8.59
CA CYS A 99 7.04 2.99 7.33
C CYS A 99 5.54 3.27 7.39
N GLY A 100 5.17 4.53 7.27
CA GLY A 100 3.76 4.88 7.30
C GLY A 100 3.22 5.21 5.94
N VAL A 101 2.48 4.28 5.36
CA VAL A 101 1.90 4.48 4.04
C VAL A 101 0.44 4.86 4.16
N ALA A 102 0.11 6.09 3.81
CA ALA A 102 -1.25 6.59 3.90
C ALA A 102 -1.80 6.93 2.53
N TYR A 103 -2.95 6.36 2.18
CA TYR A 103 -3.58 6.68 0.90
C TYR A 103 -5.04 6.86 1.04
N VAL A 104 -5.54 7.82 0.33
CA VAL A 104 -6.92 8.06 0.30
C VAL A 104 -7.44 7.66 -0.99
N VAL A 105 -8.68 7.60 -1.01
CA VAL A 105 -9.40 7.36 -2.16
C VAL A 105 -10.36 8.46 -2.31
N GLN A 106 -10.54 8.96 -3.48
CA GLN A 106 -11.48 10.01 -3.64
C GLN A 106 -12.85 9.47 -4.05
N GLU A 107 -12.87 8.24 -4.58
CA GLU A 107 -14.12 7.63 -5.07
C GLU A 107 -14.13 6.13 -4.80
N PRO A 108 -15.25 5.61 -4.29
CA PRO A 108 -15.36 4.19 -3.91
C PRO A 108 -15.23 3.24 -5.10
N GLY A 109 -14.91 2.00 -4.81
CA GLY A 109 -14.71 1.00 -5.83
C GLY A 109 -13.59 0.05 -5.46
N ASP A 110 -13.18 -0.80 -6.38
CA ASP A 110 -12.10 -1.73 -6.12
C ASP A 110 -10.79 -1.07 -6.42
N TYR A 111 -9.80 -1.31 -5.58
CA TYR A 111 -8.51 -0.68 -5.74
C TYR A 111 -7.42 -1.69 -5.57
N GLU A 112 -6.62 -1.87 -6.57
CA GLU A 112 -5.60 -2.86 -6.51
C GLU A 112 -4.26 -2.22 -6.21
N VAL A 113 -3.84 -2.39 -4.98
CA VAL A 113 -2.59 -1.86 -4.53
C VAL A 113 -1.50 -2.85 -4.84
N SER A 114 -0.77 -2.59 -5.88
CA SER A 114 0.29 -3.47 -6.31
C SER A 114 1.60 -3.03 -5.66
N VAL A 115 2.13 -3.87 -4.79
CA VAL A 115 3.37 -3.53 -4.10
C VAL A 115 4.55 -4.22 -4.69
N LYS A 116 5.69 -3.65 -4.43
CA LYS A 116 6.94 -4.16 -4.88
C LYS A 116 8.03 -3.89 -3.86
N PHE A 117 8.58 -4.95 -3.34
CA PHE A 117 9.71 -4.84 -2.41
C PHE A 117 10.96 -5.17 -3.17
N ASN A 118 11.83 -4.17 -3.34
CA ASN A 118 13.04 -4.31 -4.14
C ASN A 118 12.66 -4.61 -5.58
N GLU A 119 11.56 -3.95 -6.01
CA GLU A 119 10.99 -4.08 -7.35
C GLU A 119 10.30 -5.44 -7.53
N GLU A 120 10.09 -6.14 -6.43
CA GLU A 120 9.45 -7.42 -6.47
C GLU A 120 8.02 -7.38 -5.91
N HIS A 121 7.12 -7.82 -6.74
CA HIS A 121 5.66 -7.88 -6.51
C HIS A 121 5.23 -8.67 -5.27
N ILE A 122 6.16 -9.05 -4.44
CA ILE A 122 5.99 -10.04 -3.35
C ILE A 122 4.95 -11.17 -3.67
N PRO A 123 4.75 -12.14 -2.78
CA PRO A 123 3.66 -13.07 -2.96
C PRO A 123 2.31 -12.43 -2.64
N ASP A 124 1.56 -12.18 -3.70
CA ASP A 124 0.17 -11.68 -3.65
C ASP A 124 0.06 -10.16 -3.52
N SER A 125 1.05 -9.39 -3.98
CA SER A 125 0.98 -7.93 -3.84
C SER A 125 -0.21 -7.30 -4.40
N PRO A 126 -0.79 -7.75 -5.53
CA PRO A 126 -1.84 -7.02 -6.05
C PRO A 126 -3.12 -7.22 -5.25
N PHE A 127 -3.18 -6.51 -4.16
CA PHE A 127 -4.28 -6.57 -3.22
C PHE A 127 -5.36 -5.60 -3.62
N VAL A 128 -6.52 -6.11 -3.92
CA VAL A 128 -7.63 -5.25 -4.27
C VAL A 128 -8.42 -4.92 -3.03
N VAL A 129 -8.31 -3.69 -2.61
CA VAL A 129 -8.97 -3.22 -1.44
C VAL A 129 -10.29 -2.58 -1.84
N PRO A 130 -11.39 -3.08 -1.30
CA PRO A 130 -12.71 -2.53 -1.59
C PRO A 130 -12.92 -1.21 -0.87
N VAL A 131 -12.99 -0.14 -1.62
CA VAL A 131 -13.29 1.14 -1.03
C VAL A 131 -14.78 1.35 -1.05
N ALA A 132 -15.31 1.76 0.08
CA ALA A 132 -16.72 1.94 0.20
C ALA A 132 -17.06 3.23 0.93
N SER A 133 -18.31 3.64 0.85
CA SER A 133 -18.77 4.83 1.52
C SER A 133 -19.62 4.44 2.74
N PRO A 134 -19.18 4.80 3.94
CA PRO A 134 -19.92 4.51 5.16
C PRO A 134 -21.13 5.42 5.34
N SER A 135 -22.30 4.87 5.17
CA SER A 135 -23.53 5.63 5.33
C SER A 135 -24.27 5.18 6.59
N PRO A 20 -5.96 3.20 -17.17
CA PRO A 20 -6.76 3.17 -15.95
C PRO A 20 -5.92 2.69 -14.75
N LEU A 21 -4.91 1.89 -15.04
CA LEU A 21 -4.03 1.37 -14.00
C LEU A 21 -2.90 2.36 -13.75
N PHE A 22 -2.01 2.00 -12.80
CA PHE A 22 -0.90 2.88 -12.40
C PHE A 22 -1.46 4.26 -12.03
N LYS A 23 -2.66 4.26 -11.48
CA LYS A 23 -3.38 5.48 -11.15
C LYS A 23 -2.62 6.31 -10.12
N SER A 24 -2.12 5.68 -9.08
CA SER A 24 -1.27 6.35 -8.11
C SER A 24 -0.14 5.42 -7.73
N ALA A 25 0.99 5.95 -7.35
CA ALA A 25 2.14 5.11 -6.98
C ALA A 25 3.15 5.87 -6.15
N THR A 26 3.90 5.14 -5.34
CA THR A 26 4.93 5.73 -4.54
C THR A 26 6.07 4.73 -4.30
N THR A 27 7.24 5.11 -4.71
CA THR A 27 8.43 4.35 -4.44
C THR A 27 9.06 4.87 -3.14
N THR A 28 9.00 4.07 -2.10
CA THR A 28 9.50 4.45 -0.81
C THR A 28 10.64 3.56 -0.36
N VAL A 29 11.71 4.16 0.12
CA VAL A 29 12.85 3.39 0.59
C VAL A 29 12.78 3.18 2.11
N MET A 30 12.95 1.94 2.52
CA MET A 30 12.94 1.60 3.94
C MET A 30 14.35 1.69 4.49
N ASN A 31 14.54 2.60 5.43
CA ASN A 31 15.85 2.77 6.07
C ASN A 31 16.16 1.57 6.95
N GLY A 42 15.23 -13.69 2.72
CA GLY A 42 15.70 -12.30 2.93
C GLY A 42 15.37 -11.41 1.75
N GLY A 43 14.27 -11.71 1.10
CA GLY A 43 13.85 -10.94 -0.04
C GLY A 43 12.38 -10.63 0.04
N ALA A 44 11.77 -10.41 -1.12
CA ALA A 44 10.35 -10.09 -1.19
C ALA A 44 9.47 -11.21 -0.63
N HIS A 45 9.97 -12.43 -0.67
CA HIS A 45 9.20 -13.56 -0.16
C HIS A 45 9.08 -13.52 1.36
N LYS A 46 9.87 -12.67 2.02
CA LYS A 46 9.77 -12.51 3.46
C LYS A 46 8.78 -11.39 3.78
N VAL A 47 8.38 -10.66 2.74
CA VAL A 47 7.50 -9.55 2.90
C VAL A 47 6.10 -9.89 2.43
N ARG A 48 5.16 -9.78 3.32
CA ARG A 48 3.77 -9.99 3.00
C ARG A 48 2.95 -8.98 3.77
N ALA A 49 2.02 -8.33 3.11
CA ALA A 49 1.26 -7.29 3.73
C ALA A 49 -0.20 -7.68 3.88
N GLY A 50 -0.79 -7.26 4.98
CA GLY A 50 -2.19 -7.55 5.23
C GLY A 50 -2.69 -6.81 6.43
N GLY A 51 -3.99 -6.82 6.62
CA GLY A 51 -4.57 -6.14 7.75
C GLY A 51 -5.36 -4.91 7.35
N PRO A 52 -5.58 -3.97 8.28
CA PRO A 52 -6.33 -2.76 8.01
C PRO A 52 -5.71 -1.96 6.87
N GLY A 53 -6.55 -1.37 6.05
CA GLY A 53 -6.07 -0.62 4.91
C GLY A 53 -6.06 -1.45 3.64
N LEU A 54 -5.63 -2.71 3.76
CA LEU A 54 -5.60 -3.60 2.60
C LEU A 54 -6.84 -4.49 2.55
N GLU A 55 -7.53 -4.60 3.68
CA GLU A 55 -8.77 -5.39 3.74
C GLU A 55 -9.95 -4.62 3.14
N ARG A 56 -10.16 -3.39 3.61
CA ARG A 56 -11.22 -2.53 3.12
C ARG A 56 -10.88 -1.09 3.46
N ALA A 57 -11.17 -0.17 2.55
CA ALA A 57 -10.87 1.23 2.78
C ALA A 57 -12.10 2.10 2.59
N GLU A 58 -12.01 3.36 2.98
CA GLU A 58 -13.12 4.27 2.84
C GLU A 58 -12.76 5.43 1.92
N ALA A 59 -13.76 5.88 1.17
CA ALA A 59 -13.59 6.98 0.24
C ALA A 59 -13.35 8.29 0.98
N GLY A 60 -12.22 8.92 0.69
CA GLY A 60 -11.88 10.18 1.34
C GLY A 60 -11.35 9.97 2.73
N VAL A 61 -10.86 8.77 2.99
CA VAL A 61 -10.34 8.41 4.31
C VAL A 61 -8.95 7.80 4.15
N PRO A 62 -7.97 8.31 4.92
CA PRO A 62 -6.60 7.83 4.85
C PRO A 62 -6.43 6.49 5.52
N ALA A 63 -6.49 5.45 4.71
CA ALA A 63 -6.34 4.09 5.18
C ALA A 63 -4.87 3.76 5.32
N GLU A 64 -4.47 3.42 6.54
CA GLU A 64 -3.09 3.10 6.83
C GLU A 64 -2.87 1.61 6.90
N PHE A 65 -2.01 1.10 6.04
CA PHE A 65 -1.65 -0.30 6.09
C PHE A 65 -0.17 -0.44 6.37
N SER A 66 0.17 -1.32 7.29
CA SER A 66 1.53 -1.49 7.71
C SER A 66 2.13 -2.72 7.02
N ILE A 67 3.06 -2.47 6.11
CA ILE A 67 3.73 -3.54 5.38
C ILE A 67 4.75 -4.21 6.28
N TRP A 68 4.60 -5.50 6.49
CA TRP A 68 5.47 -6.25 7.36
C TRP A 68 6.82 -6.50 6.69
N THR A 69 7.80 -5.66 7.01
CA THR A 69 9.13 -5.79 6.49
C THR A 69 10.14 -5.97 7.63
N ARG A 70 10.34 -7.20 8.04
CA ARG A 70 11.26 -7.49 9.14
C ARG A 70 12.42 -8.36 8.68
N GLU A 71 12.11 -9.56 8.22
CA GLU A 71 13.12 -10.54 7.84
C GLU A 71 13.60 -10.33 6.41
N ALA A 72 13.39 -9.15 5.89
CA ALA A 72 13.82 -8.82 4.55
C ALA A 72 15.16 -8.10 4.57
N GLY A 73 15.32 -7.18 5.50
CA GLY A 73 16.56 -6.45 5.62
C GLY A 73 16.52 -5.11 4.92
N ALA A 74 15.33 -4.48 4.94
CA ALA A 74 15.09 -3.18 4.32
C ALA A 74 15.20 -3.24 2.80
N GLY A 75 14.78 -2.18 2.14
CA GLY A 75 14.83 -2.12 0.70
C GLY A 75 13.89 -1.07 0.15
N GLY A 76 13.60 -1.15 -1.13
CA GLY A 76 12.72 -0.19 -1.74
C GLY A 76 11.33 -0.74 -1.98
N LEU A 77 10.34 -0.09 -1.42
CA LEU A 77 8.95 -0.50 -1.57
C LEU A 77 8.24 0.39 -2.57
N ALA A 78 7.92 -0.15 -3.72
CA ALA A 78 7.19 0.58 -4.73
C ALA A 78 5.73 0.17 -4.71
N ILE A 79 4.90 1.03 -4.18
CA ILE A 79 3.48 0.78 -4.04
C ILE A 79 2.71 1.50 -5.12
N ALA A 80 1.87 0.80 -5.83
CA ALA A 80 1.07 1.43 -6.84
C ALA A 80 -0.42 1.14 -6.63
N VAL A 81 -1.20 2.18 -6.45
CA VAL A 81 -2.63 2.06 -6.29
C VAL A 81 -3.28 2.20 -7.65
N GLU A 82 -3.78 1.11 -8.17
CA GLU A 82 -4.37 1.11 -9.49
C GLU A 82 -5.86 0.97 -9.40
N GLY A 83 -6.59 1.90 -10.00
CA GLY A 83 -8.03 1.85 -9.93
C GLY A 83 -8.72 2.96 -10.71
N PRO A 84 -10.05 3.05 -10.61
CA PRO A 84 -10.86 4.05 -11.34
C PRO A 84 -10.60 5.50 -10.93
N SER A 85 -10.01 5.70 -9.76
CA SER A 85 -9.75 7.04 -9.29
C SER A 85 -8.41 7.10 -8.56
N LYS A 86 -7.90 8.32 -8.39
CA LYS A 86 -6.61 8.51 -7.77
C LYS A 86 -6.69 8.42 -6.27
N ALA A 87 -5.61 7.98 -5.69
CA ALA A 87 -5.52 7.80 -4.27
C ALA A 87 -4.47 8.72 -3.67
N GLU A 88 -4.77 9.25 -2.49
CA GLU A 88 -3.83 10.13 -1.81
C GLU A 88 -2.87 9.31 -1.02
N ILE A 89 -1.74 9.04 -1.60
CA ILE A 89 -0.75 8.22 -0.97
C ILE A 89 0.17 9.05 -0.09
N SER A 90 0.30 8.65 1.15
CA SER A 90 1.17 9.30 2.07
C SER A 90 1.99 8.24 2.81
N PHE A 91 3.23 8.51 3.04
CA PHE A 91 4.12 7.57 3.68
C PHE A 91 4.88 8.25 4.80
N GLU A 92 4.97 7.58 5.93
CA GLU A 92 5.70 8.12 7.07
C GLU A 92 6.49 7.04 7.77
N ASP A 93 7.63 7.41 8.32
CA ASP A 93 8.49 6.49 9.04
C ASP A 93 8.17 6.54 10.53
N ARG A 94 6.98 7.06 10.85
CA ARG A 94 6.54 7.21 12.25
C ARG A 94 6.02 5.90 12.84
N LYS A 95 6.39 4.79 12.25
CA LYS A 95 5.98 3.48 12.76
C LYS A 95 7.09 2.88 13.61
N ASP A 96 6.81 1.75 14.24
CA ASP A 96 7.78 1.13 15.15
C ASP A 96 8.75 0.20 14.43
N GLY A 97 8.93 0.41 13.14
CA GLY A 97 9.86 -0.42 12.39
C GLY A 97 9.23 -0.99 11.15
N SER A 98 7.92 -0.92 11.07
CA SER A 98 7.21 -1.39 9.92
C SER A 98 6.93 -0.21 8.99
N CYS A 99 6.61 -0.49 7.74
CA CYS A 99 6.35 0.57 6.78
C CYS A 99 4.86 0.88 6.74
N GLY A 100 4.51 2.09 7.13
CA GLY A 100 3.11 2.49 7.16
C GLY A 100 2.73 3.34 5.99
N VAL A 101 1.88 2.82 5.13
CA VAL A 101 1.42 3.55 3.97
C VAL A 101 -0.03 3.95 4.14
N ALA A 102 -0.33 5.22 3.92
CA ALA A 102 -1.68 5.72 4.04
C ALA A 102 -2.19 6.16 2.69
N TYR A 103 -3.42 5.83 2.37
CA TYR A 103 -4.01 6.25 1.11
C TYR A 103 -5.47 6.45 1.21
N VAL A 104 -5.92 7.46 0.54
CA VAL A 104 -7.28 7.76 0.45
C VAL A 104 -7.68 7.66 -0.95
N VAL A 105 -8.92 7.47 -1.18
CA VAL A 105 -9.37 7.58 -2.48
C VAL A 105 -10.33 8.70 -2.54
N GLN A 106 -10.49 9.26 -3.65
CA GLN A 106 -11.44 10.32 -3.75
C GLN A 106 -12.77 9.77 -4.26
N GLU A 107 -12.75 8.52 -4.73
CA GLU A 107 -13.94 7.86 -5.28
C GLU A 107 -13.97 6.39 -4.90
N PRO A 108 -15.11 5.89 -4.44
CA PRO A 108 -15.24 4.50 -3.99
C PRO A 108 -15.14 3.48 -5.14
N GLY A 109 -14.79 2.25 -4.79
CA GLY A 109 -14.65 1.20 -5.78
C GLY A 109 -13.59 0.19 -5.35
N ASP A 110 -13.17 -0.66 -6.28
CA ASP A 110 -12.14 -1.64 -6.00
C ASP A 110 -10.81 -1.04 -6.35
N TYR A 111 -9.78 -1.34 -5.58
CA TYR A 111 -8.47 -0.77 -5.81
C TYR A 111 -7.42 -1.77 -5.57
N GLU A 112 -6.59 -1.97 -6.54
CA GLU A 112 -5.57 -2.96 -6.43
C GLU A 112 -4.26 -2.30 -6.14
N VAL A 113 -3.82 -2.45 -4.91
CA VAL A 113 -2.56 -1.90 -4.49
C VAL A 113 -1.47 -2.89 -4.80
N SER A 114 -0.71 -2.60 -5.82
CA SER A 114 0.35 -3.47 -6.21
C SER A 114 1.63 -3.05 -5.50
N VAL A 115 2.19 -3.93 -4.70
CA VAL A 115 3.40 -3.61 -3.98
C VAL A 115 4.58 -4.30 -4.60
N LYS A 116 5.72 -3.69 -4.41
CA LYS A 116 6.95 -4.22 -4.90
C LYS A 116 8.07 -3.96 -3.92
N PHE A 117 8.64 -5.02 -3.42
CA PHE A 117 9.77 -4.92 -2.53
C PHE A 117 11.02 -5.24 -3.31
N ASN A 118 11.78 -4.20 -3.63
CA ASN A 118 12.98 -4.32 -4.45
C ASN A 118 12.60 -4.79 -5.83
N GLU A 119 11.58 -4.12 -6.40
CA GLU A 119 11.06 -4.40 -7.74
C GLU A 119 10.32 -5.75 -7.78
N GLU A 120 10.10 -6.34 -6.62
CA GLU A 120 9.42 -7.62 -6.55
C GLU A 120 8.01 -7.49 -5.99
N HIS A 121 7.09 -7.92 -6.81
CA HIS A 121 5.63 -7.92 -6.57
C HIS A 121 5.16 -8.71 -5.33
N ILE A 122 6.09 -9.13 -4.50
CA ILE A 122 5.89 -10.16 -3.44
C ILE A 122 4.91 -11.32 -3.84
N PRO A 123 4.86 -12.42 -3.09
CA PRO A 123 3.98 -13.52 -3.46
C PRO A 123 2.49 -13.30 -3.15
N ASP A 124 2.04 -12.05 -3.11
CA ASP A 124 0.62 -11.77 -2.88
C ASP A 124 0.27 -10.28 -3.03
N SER A 125 1.16 -9.48 -3.64
CA SER A 125 0.97 -8.01 -3.66
C SER A 125 -0.28 -7.50 -4.22
N PRO A 126 -0.88 -8.06 -5.26
CA PRO A 126 -1.94 -7.38 -5.83
C PRO A 126 -3.22 -7.49 -4.99
N PHE A 127 -3.26 -6.65 -3.99
CA PHE A 127 -4.35 -6.61 -3.04
C PHE A 127 -5.41 -5.63 -3.48
N VAL A 128 -6.57 -6.15 -3.83
CA VAL A 128 -7.67 -5.29 -4.20
C VAL A 128 -8.48 -4.98 -2.98
N VAL A 129 -8.44 -3.74 -2.60
CA VAL A 129 -9.13 -3.26 -1.43
C VAL A 129 -10.45 -2.61 -1.82
N PRO A 130 -11.57 -3.17 -1.36
CA PRO A 130 -12.87 -2.54 -1.59
C PRO A 130 -12.98 -1.27 -0.79
N VAL A 131 -12.96 -0.17 -1.48
CA VAL A 131 -13.06 1.11 -0.83
C VAL A 131 -14.45 1.67 -1.01
N ALA A 132 -15.10 1.95 0.06
CA ALA A 132 -16.47 2.41 0.01
C ALA A 132 -16.65 3.68 0.80
N SER A 133 -17.76 4.35 0.59
CA SER A 133 -18.05 5.59 1.28
C SER A 133 -18.36 5.34 2.76
N PRO A 134 -17.73 6.11 3.67
CA PRO A 134 -17.95 5.98 5.12
C PRO A 134 -19.24 6.66 5.57
N SER A 135 -20.03 7.11 4.61
CA SER A 135 -21.28 7.78 4.88
C SER A 135 -22.22 6.87 5.68
N PRO A 20 -8.50 5.08 -14.78
CA PRO A 20 -8.49 3.63 -14.76
C PRO A 20 -7.07 3.08 -14.69
N LEU A 21 -6.68 2.62 -13.50
CA LEU A 21 -5.35 2.06 -13.25
C LEU A 21 -4.26 3.13 -13.32
N PHE A 22 -3.03 2.75 -12.96
CA PHE A 22 -1.86 3.65 -12.97
C PHE A 22 -2.17 5.01 -12.33
N LYS A 23 -3.00 5.03 -11.29
CA LYS A 23 -3.38 6.30 -10.68
C LYS A 23 -2.23 6.93 -9.88
N SER A 24 -1.90 6.35 -8.73
CA SER A 24 -0.82 6.91 -7.94
C SER A 24 0.13 5.82 -7.46
N ALA A 25 1.34 6.20 -7.11
CA ALA A 25 2.34 5.25 -6.67
C ALA A 25 3.31 5.91 -5.70
N THR A 26 3.98 5.09 -4.90
CA THR A 26 4.92 5.59 -3.95
C THR A 26 6.15 4.67 -3.87
N THR A 27 7.19 5.08 -4.55
CA THR A 27 8.44 4.34 -4.53
C THR A 27 9.39 4.93 -3.48
N THR A 28 9.62 4.18 -2.43
CA THR A 28 10.48 4.60 -1.35
C THR A 28 11.43 3.47 -0.92
N VAL A 29 12.71 3.67 -1.16
CA VAL A 29 13.71 2.67 -0.84
C VAL A 29 14.39 3.00 0.49
N MET A 30 14.74 1.93 1.25
CA MET A 30 15.48 2.05 2.53
C MET A 30 14.54 2.42 3.68
N ASN A 31 13.33 2.83 3.33
CA ASN A 31 12.34 3.19 4.33
C ASN A 31 11.90 1.99 5.14
N GLY A 42 15.94 -10.00 2.76
CA GLY A 42 15.38 -11.33 3.13
C GLY A 42 14.66 -11.98 1.98
N GLY A 43 14.40 -11.21 0.95
CA GLY A 43 13.65 -11.70 -0.18
C GLY A 43 12.23 -11.23 -0.12
N ALA A 44 11.67 -10.90 -1.28
CA ALA A 44 10.31 -10.36 -1.34
C ALA A 44 9.28 -11.30 -0.74
N HIS A 45 9.51 -12.60 -0.83
CA HIS A 45 8.56 -13.55 -0.28
C HIS A 45 8.50 -13.53 1.26
N LYS A 46 9.50 -12.90 1.90
CA LYS A 46 9.45 -12.69 3.34
C LYS A 46 8.58 -11.48 3.65
N VAL A 47 8.43 -10.62 2.65
CA VAL A 47 7.67 -9.41 2.80
C VAL A 47 6.22 -9.64 2.39
N ARG A 48 5.32 -9.25 3.26
CA ARG A 48 3.91 -9.39 3.02
C ARG A 48 3.20 -8.09 3.32
N ALA A 49 1.90 -8.08 3.21
CA ALA A 49 1.14 -6.88 3.48
C ALA A 49 -0.28 -7.22 3.89
N GLY A 50 -0.78 -6.53 4.88
CA GLY A 50 -2.11 -6.76 5.35
C GLY A 50 -2.47 -5.83 6.48
N GLY A 51 -3.35 -6.29 7.34
CA GLY A 51 -3.76 -5.49 8.46
C GLY A 51 -4.88 -4.54 8.08
N PRO A 52 -4.98 -3.39 8.76
CA PRO A 52 -5.99 -2.38 8.46
C PRO A 52 -5.69 -1.69 7.14
N GLY A 53 -6.71 -1.09 6.55
CA GLY A 53 -6.51 -0.41 5.28
C GLY A 53 -6.56 -1.34 4.09
N LEU A 54 -5.64 -2.30 4.05
CA LEU A 54 -5.57 -3.25 2.93
C LEU A 54 -6.77 -4.22 2.92
N GLU A 55 -7.49 -4.30 4.03
CA GLU A 55 -8.66 -5.16 4.08
C GLU A 55 -9.90 -4.44 3.54
N ARG A 56 -10.00 -3.15 3.85
CA ARG A 56 -11.10 -2.34 3.36
C ARG A 56 -10.73 -0.87 3.45
N ALA A 57 -11.15 -0.09 2.48
CA ALA A 57 -10.85 1.31 2.45
C ALA A 57 -12.13 2.14 2.41
N GLU A 58 -12.04 3.36 2.88
CA GLU A 58 -13.19 4.24 2.94
C GLU A 58 -12.98 5.47 2.07
N ALA A 59 -13.98 5.76 1.25
CA ALA A 59 -13.92 6.88 0.31
C ALA A 59 -13.75 8.21 1.03
N GLY A 60 -12.59 8.82 0.85
CA GLY A 60 -12.31 10.10 1.46
C GLY A 60 -11.59 9.95 2.79
N VAL A 61 -11.04 8.79 3.00
CA VAL A 61 -10.35 8.48 4.25
C VAL A 61 -8.98 7.90 3.97
N PRO A 62 -7.93 8.42 4.61
CA PRO A 62 -6.58 7.91 4.44
C PRO A 62 -6.38 6.57 5.13
N ALA A 63 -6.49 5.51 4.36
CA ALA A 63 -6.31 4.17 4.88
C ALA A 63 -4.83 3.91 5.10
N GLU A 64 -4.46 3.68 6.35
CA GLU A 64 -3.08 3.45 6.69
C GLU A 64 -2.81 1.97 6.89
N PHE A 65 -1.91 1.44 6.11
CA PHE A 65 -1.51 0.05 6.23
C PHE A 65 -0.01 -0.05 6.46
N SER A 66 0.40 -1.06 7.18
CA SER A 66 1.80 -1.26 7.46
C SER A 66 2.33 -2.44 6.66
N ILE A 67 3.37 -2.18 5.89
CA ILE A 67 3.99 -3.22 5.09
C ILE A 67 4.79 -4.17 5.98
N TRP A 68 4.54 -5.45 5.83
CA TRP A 68 5.20 -6.45 6.62
C TRP A 68 6.57 -6.76 6.04
N THR A 69 7.54 -5.92 6.35
CA THR A 69 8.90 -6.09 5.87
C THR A 69 9.75 -6.85 6.88
N ARG A 70 9.08 -7.64 7.71
CA ARG A 70 9.77 -8.44 8.71
C ARG A 70 10.60 -9.52 8.03
N GLU A 71 11.76 -9.83 8.61
CA GLU A 71 12.69 -10.84 8.08
C GLU A 71 13.36 -10.35 6.80
N ALA A 72 13.08 -9.11 6.44
CA ALA A 72 13.66 -8.51 5.27
C ALA A 72 14.51 -7.31 5.65
N GLY A 73 14.01 -6.51 6.60
CA GLY A 73 14.76 -5.35 7.07
C GLY A 73 14.68 -4.18 6.11
N ALA A 74 13.47 -3.90 5.62
CA ALA A 74 13.21 -2.79 4.70
C ALA A 74 13.91 -3.00 3.35
N GLY A 75 13.72 -2.08 2.44
CA GLY A 75 14.32 -2.20 1.13
C GLY A 75 13.68 -1.25 0.15
N GLY A 76 13.64 -1.65 -1.10
CA GLY A 76 13.07 -0.80 -2.12
C GLY A 76 11.58 -0.99 -2.24
N LEU A 77 10.82 -0.30 -1.42
CA LEU A 77 9.37 -0.44 -1.41
C LEU A 77 8.73 0.45 -2.47
N ALA A 78 8.24 -0.17 -3.52
CA ALA A 78 7.56 0.54 -4.58
C ALA A 78 6.11 0.11 -4.66
N ILE A 79 5.24 0.95 -4.17
CA ILE A 79 3.82 0.64 -4.11
C ILE A 79 3.07 1.44 -5.16
N ALA A 80 2.12 0.83 -5.82
CA ALA A 80 1.32 1.52 -6.79
C ALA A 80 -0.16 1.25 -6.58
N VAL A 81 -0.93 2.30 -6.33
CA VAL A 81 -2.37 2.19 -6.13
C VAL A 81 -3.08 2.41 -7.45
N GLU A 82 -3.63 1.36 -7.98
CA GLU A 82 -4.34 1.46 -9.23
C GLU A 82 -5.82 1.25 -9.01
N GLY A 83 -6.61 2.23 -9.43
CA GLY A 83 -8.04 2.11 -9.27
C GLY A 83 -8.79 2.94 -10.27
N PRO A 84 -10.12 3.09 -10.11
CA PRO A 84 -10.94 3.90 -11.00
C PRO A 84 -10.70 5.39 -10.81
N SER A 85 -10.22 5.75 -9.62
CA SER A 85 -9.97 7.14 -9.31
C SER A 85 -8.63 7.28 -8.60
N LYS A 86 -8.18 8.51 -8.40
CA LYS A 86 -6.90 8.76 -7.77
C LYS A 86 -6.95 8.57 -6.26
N ALA A 87 -5.84 8.14 -5.69
CA ALA A 87 -5.72 7.93 -4.28
C ALA A 87 -4.69 8.90 -3.69
N GLU A 88 -4.90 9.32 -2.45
CA GLU A 88 -3.96 10.23 -1.78
C GLU A 88 -2.95 9.42 -0.99
N ILE A 89 -1.84 9.15 -1.60
CA ILE A 89 -0.83 8.31 -0.99
C ILE A 89 0.17 9.11 -0.16
N SER A 90 0.41 8.63 1.05
CA SER A 90 1.42 9.19 1.92
C SER A 90 2.23 8.07 2.52
N PHE A 91 3.51 8.12 2.35
CA PHE A 91 4.39 7.10 2.89
C PHE A 91 5.31 7.73 3.92
N GLU A 92 5.21 7.28 5.15
CA GLU A 92 6.01 7.84 6.20
C GLU A 92 6.51 6.76 7.15
N ASP A 93 7.71 6.97 7.65
CA ASP A 93 8.33 6.09 8.61
C ASP A 93 9.15 6.92 9.59
N ARG A 94 8.65 7.08 10.79
CA ARG A 94 9.32 7.93 11.77
C ARG A 94 9.32 7.27 13.15
N LYS A 95 9.79 8.02 14.13
CA LYS A 95 9.81 7.58 15.52
C LYS A 95 10.66 6.32 15.70
N ASP A 96 10.20 5.42 16.57
CA ASP A 96 10.94 4.20 16.88
C ASP A 96 10.62 3.08 15.90
N GLY A 97 10.01 3.43 14.78
CA GLY A 97 9.67 2.43 13.79
C GLY A 97 8.22 2.47 13.39
N SER A 98 7.62 3.64 13.49
CA SER A 98 6.23 3.82 13.13
C SER A 98 6.12 4.00 11.63
N CYS A 99 5.63 2.97 10.95
CA CYS A 99 5.50 3.02 9.51
C CYS A 99 4.07 2.75 9.10
N GLY A 100 3.45 3.72 8.46
CA GLY A 100 2.09 3.56 8.01
C GLY A 100 1.87 4.22 6.68
N VAL A 101 1.52 3.44 5.68
CA VAL A 101 1.26 3.96 4.36
C VAL A 101 -0.20 4.34 4.25
N ALA A 102 -0.47 5.61 4.05
CA ALA A 102 -1.82 6.10 4.00
C ALA A 102 -2.24 6.42 2.58
N TYR A 103 -3.50 6.18 2.27
CA TYR A 103 -4.05 6.52 0.97
C TYR A 103 -5.51 6.74 1.06
N VAL A 104 -5.94 7.81 0.49
CA VAL A 104 -7.32 8.07 0.42
C VAL A 104 -7.82 7.71 -0.89
N VAL A 105 -9.04 7.58 -0.93
CA VAL A 105 -9.73 7.32 -2.11
C VAL A 105 -10.76 8.37 -2.26
N GLN A 106 -10.92 8.87 -3.43
CA GLN A 106 -11.90 9.89 -3.59
C GLN A 106 -13.22 9.30 -4.10
N GLU A 107 -13.16 8.07 -4.63
CA GLU A 107 -14.35 7.43 -5.18
C GLU A 107 -14.37 5.95 -4.84
N PRO A 108 -15.48 5.48 -4.27
CA PRO A 108 -15.60 4.09 -3.81
C PRO A 108 -15.53 3.07 -4.96
N GLY A 109 -14.86 1.95 -4.70
CA GLY A 109 -14.70 0.93 -5.71
C GLY A 109 -13.58 -0.01 -5.35
N ASP A 110 -13.09 -0.74 -6.33
CA ASP A 110 -12.00 -1.68 -6.12
C ASP A 110 -10.70 -0.98 -6.40
N TYR A 111 -9.71 -1.19 -5.57
CA TYR A 111 -8.44 -0.51 -5.71
C TYR A 111 -7.33 -1.49 -5.53
N GLU A 112 -6.49 -1.61 -6.50
CA GLU A 112 -5.46 -2.58 -6.44
C GLU A 112 -4.15 -1.95 -6.08
N VAL A 113 -3.75 -2.17 -4.85
CA VAL A 113 -2.50 -1.69 -4.35
C VAL A 113 -1.45 -2.71 -4.66
N SER A 114 -0.69 -2.45 -5.69
CA SER A 114 0.34 -3.35 -6.12
C SER A 114 1.63 -3.00 -5.41
N VAL A 115 2.21 -3.93 -4.71
CA VAL A 115 3.43 -3.65 -3.97
C VAL A 115 4.61 -4.32 -4.60
N LYS A 116 5.75 -3.75 -4.35
CA LYS A 116 6.99 -4.26 -4.84
C LYS A 116 8.09 -4.03 -3.85
N PHE A 117 8.64 -5.09 -3.35
CA PHE A 117 9.77 -5.01 -2.45
C PHE A 117 11.03 -5.33 -3.22
N ASN A 118 11.89 -4.34 -3.37
CA ASN A 118 13.14 -4.47 -4.11
C ASN A 118 12.82 -4.79 -5.57
N GLU A 119 11.74 -4.17 -6.06
CA GLU A 119 11.24 -4.33 -7.44
C GLU A 119 10.48 -5.67 -7.59
N GLU A 120 10.31 -6.37 -6.50
CA GLU A 120 9.62 -7.65 -6.51
C GLU A 120 8.17 -7.54 -6.02
N HIS A 121 7.26 -8.00 -6.86
CA HIS A 121 5.79 -8.03 -6.64
C HIS A 121 5.33 -8.83 -5.40
N ILE A 122 6.25 -9.20 -4.55
CA ILE A 122 6.05 -10.21 -3.49
C ILE A 122 5.12 -11.39 -3.94
N PRO A 123 4.71 -12.32 -3.06
CA PRO A 123 3.85 -13.41 -3.48
C PRO A 123 2.36 -13.16 -3.23
N ASP A 124 1.97 -11.90 -3.18
CA ASP A 124 0.55 -11.56 -2.95
C ASP A 124 0.30 -10.06 -3.14
N SER A 125 1.23 -9.36 -3.79
CA SER A 125 1.15 -7.89 -3.86
C SER A 125 -0.08 -7.31 -4.43
N PRO A 126 -0.71 -7.86 -5.46
CA PRO A 126 -1.77 -7.17 -6.02
C PRO A 126 -3.03 -7.26 -5.17
N PHE A 127 -3.03 -6.47 -4.14
CA PHE A 127 -4.11 -6.42 -3.17
C PHE A 127 -5.18 -5.45 -3.62
N VAL A 128 -6.34 -5.97 -3.95
CA VAL A 128 -7.45 -5.12 -4.31
C VAL A 128 -8.29 -4.85 -3.10
N VAL A 129 -8.25 -3.64 -2.64
CA VAL A 129 -8.96 -3.22 -1.48
C VAL A 129 -10.29 -2.61 -1.87
N PRO A 130 -11.39 -3.10 -1.29
CA PRO A 130 -12.71 -2.53 -1.53
C PRO A 130 -12.91 -1.23 -0.79
N VAL A 131 -13.11 -0.18 -1.52
CA VAL A 131 -13.39 1.07 -0.90
C VAL A 131 -14.88 1.27 -0.85
N ALA A 132 -15.36 1.66 0.29
CA ALA A 132 -16.76 1.85 0.47
C ALA A 132 -17.04 3.24 1.02
N SER A 133 -18.29 3.64 0.95
CA SER A 133 -18.69 4.95 1.39
C SER A 133 -18.86 4.98 2.92
N PRO A 134 -18.23 5.96 3.59
CA PRO A 134 -18.32 6.11 5.04
C PRO A 134 -19.75 6.33 5.52
N SER A 135 -20.08 5.76 6.66
CA SER A 135 -21.40 5.90 7.23
C SER A 135 -21.50 7.22 7.99
N PRO A 20 -9.28 3.89 -15.71
CA PRO A 20 -8.23 4.68 -15.09
C PRO A 20 -7.52 3.88 -14.00
N LEU A 21 -7.42 2.55 -14.20
CA LEU A 21 -6.81 1.65 -13.22
C LEU A 21 -5.29 1.81 -13.14
N PHE A 22 -4.87 3.00 -12.76
CA PHE A 22 -3.48 3.36 -12.55
C PHE A 22 -3.44 4.79 -12.09
N LYS A 23 -3.49 5.00 -10.80
CA LYS A 23 -3.56 6.34 -10.27
C LYS A 23 -2.28 6.77 -9.57
N SER A 24 -2.06 6.34 -8.35
CA SER A 24 -0.90 6.81 -7.61
C SER A 24 0.02 5.68 -7.22
N ALA A 25 1.25 6.02 -6.93
CA ALA A 25 2.25 5.05 -6.52
C ALA A 25 3.27 5.72 -5.63
N THR A 26 3.86 4.97 -4.72
CA THR A 26 4.86 5.51 -3.84
C THR A 26 6.08 4.60 -3.74
N THR A 27 7.09 4.92 -4.51
CA THR A 27 8.32 4.19 -4.45
C THR A 27 9.28 4.89 -3.47
N THR A 28 9.62 4.18 -2.41
CA THR A 28 10.52 4.73 -1.40
C THR A 28 11.32 3.61 -0.75
N VAL A 29 12.60 3.84 -0.54
CA VAL A 29 13.46 2.84 0.07
C VAL A 29 13.28 2.80 1.58
N MET A 30 13.48 1.64 2.15
CA MET A 30 13.38 1.45 3.59
C MET A 30 14.76 1.71 4.21
N ASN A 31 14.77 2.25 5.43
CA ASN A 31 16.03 2.55 6.12
C ASN A 31 16.93 1.32 6.20
N GLY A 42 15.95 -11.67 2.70
CA GLY A 42 15.67 -13.07 2.29
C GLY A 42 14.90 -13.15 0.97
N GLY A 43 14.49 -12.00 0.48
CA GLY A 43 13.75 -11.94 -0.74
C GLY A 43 12.42 -11.27 -0.54
N ALA A 44 11.77 -10.90 -1.63
CA ALA A 44 10.49 -10.24 -1.57
C ALA A 44 9.43 -11.10 -0.91
N HIS A 45 9.56 -12.41 -1.06
CA HIS A 45 8.60 -13.36 -0.46
C HIS A 45 8.69 -13.36 1.07
N LYS A 46 9.71 -12.71 1.61
CA LYS A 46 9.85 -12.59 3.05
C LYS A 46 9.10 -11.34 3.52
N VAL A 47 8.62 -10.57 2.57
CA VAL A 47 7.95 -9.33 2.87
C VAL A 47 6.47 -9.41 2.53
N ARG A 48 5.65 -9.15 3.51
CA ARG A 48 4.21 -9.10 3.32
C ARG A 48 3.65 -7.87 4.00
N ALA A 49 2.49 -7.43 3.56
CA ALA A 49 1.87 -6.23 4.11
C ALA A 49 0.50 -6.56 4.66
N GLY A 50 0.02 -5.71 5.56
CA GLY A 50 -1.28 -5.94 6.15
C GLY A 50 -1.74 -4.74 6.97
N GLY A 51 -3.00 -4.73 7.33
CA GLY A 51 -3.54 -3.65 8.11
C GLY A 51 -4.76 -3.04 7.46
N PRO A 52 -5.47 -2.16 8.18
CA PRO A 52 -6.67 -1.49 7.66
C PRO A 52 -6.35 -0.62 6.45
N GLY A 53 -6.68 -1.13 5.29
CA GLY A 53 -6.37 -0.44 4.07
C GLY A 53 -6.07 -1.40 2.94
N LEU A 54 -5.76 -2.64 3.30
CA LEU A 54 -5.50 -3.67 2.30
C LEU A 54 -6.64 -4.67 2.21
N GLU A 55 -7.49 -4.66 3.21
CA GLU A 55 -8.64 -5.55 3.24
C GLU A 55 -9.91 -4.81 2.85
N ARG A 56 -10.07 -3.61 3.36
CA ARG A 56 -11.20 -2.77 3.05
C ARG A 56 -10.84 -1.32 3.35
N ALA A 57 -11.29 -0.40 2.50
CA ALA A 57 -10.98 1.00 2.68
C ALA A 57 -12.20 1.88 2.51
N GLU A 58 -12.07 3.14 2.88
CA GLU A 58 -13.18 4.07 2.81
C GLU A 58 -12.86 5.25 1.91
N ALA A 59 -13.83 5.62 1.10
CA ALA A 59 -13.68 6.71 0.16
C ALA A 59 -13.47 8.04 0.90
N GLY A 60 -12.33 8.64 0.66
CA GLY A 60 -12.02 9.92 1.29
C GLY A 60 -11.41 9.75 2.65
N VAL A 61 -10.83 8.58 2.89
CA VAL A 61 -10.22 8.27 4.17
C VAL A 61 -8.82 7.72 3.97
N PRO A 62 -7.83 8.29 4.67
CA PRO A 62 -6.45 7.82 4.60
C PRO A 62 -6.29 6.44 5.24
N ALA A 63 -6.30 5.42 4.42
CA ALA A 63 -6.15 4.06 4.88
C ALA A 63 -4.68 3.76 5.12
N GLU A 64 -4.32 3.53 6.38
CA GLU A 64 -2.94 3.28 6.72
C GLU A 64 -2.68 1.80 6.93
N PHE A 65 -1.87 1.22 6.09
CA PHE A 65 -1.47 -0.15 6.25
C PHE A 65 0.01 -0.20 6.56
N SER A 66 0.40 -1.12 7.40
CA SER A 66 1.77 -1.21 7.83
C SER A 66 2.49 -2.39 7.21
N ILE A 67 3.68 -2.14 6.72
CA ILE A 67 4.51 -3.18 6.17
C ILE A 67 5.54 -3.58 7.21
N TRP A 68 5.30 -4.69 7.87
CA TRP A 68 6.16 -5.18 8.92
C TRP A 68 7.37 -5.90 8.35
N THR A 69 8.26 -5.15 7.73
CA THR A 69 9.47 -5.72 7.17
C THR A 69 10.51 -5.91 8.27
N ARG A 70 10.33 -6.95 9.05
CA ARG A 70 11.25 -7.24 10.13
C ARG A 70 12.38 -8.11 9.60
N GLU A 71 12.04 -8.94 8.63
CA GLU A 71 13.00 -9.77 7.96
C GLU A 71 13.53 -9.03 6.73
N ALA A 72 14.15 -9.77 5.82
CA ALA A 72 14.68 -9.22 4.56
C ALA A 72 15.93 -8.39 4.78
N GLY A 73 15.83 -7.36 5.59
CA GLY A 73 16.97 -6.50 5.84
C GLY A 73 16.88 -5.22 5.02
N ALA A 74 15.68 -4.63 5.00
CA ALA A 74 15.42 -3.39 4.28
C ALA A 74 15.44 -3.60 2.76
N GLY A 75 15.09 -2.57 2.04
CA GLY A 75 15.07 -2.64 0.59
C GLY A 75 14.20 -1.56 0.01
N GLY A 76 13.88 -1.69 -1.26
CA GLY A 76 13.05 -0.69 -1.91
C GLY A 76 11.58 -1.05 -1.87
N LEU A 77 10.79 -0.21 -1.24
CA LEU A 77 9.36 -0.44 -1.15
C LEU A 77 8.59 0.43 -2.12
N ALA A 78 8.06 -0.20 -3.16
CA ALA A 78 7.28 0.51 -4.15
C ALA A 78 5.84 0.05 -4.11
N ILE A 79 4.95 0.93 -3.72
CA ILE A 79 3.54 0.62 -3.61
C ILE A 79 2.74 1.39 -4.64
N ALA A 80 2.02 0.69 -5.49
CA ALA A 80 1.21 1.34 -6.49
C ALA A 80 -0.28 1.09 -6.26
N VAL A 81 -1.06 2.15 -6.19
CA VAL A 81 -2.49 2.04 -6.00
C VAL A 81 -3.22 2.33 -7.28
N GLU A 82 -3.77 1.31 -7.88
CA GLU A 82 -4.49 1.46 -9.12
C GLU A 82 -5.98 1.31 -8.86
N GLY A 83 -6.73 2.34 -9.20
CA GLY A 83 -8.17 2.30 -8.97
C GLY A 83 -8.93 3.26 -9.85
N PRO A 84 -10.25 3.34 -9.67
CA PRO A 84 -11.10 4.22 -10.49
C PRO A 84 -10.82 5.70 -10.30
N SER A 85 -10.31 6.10 -9.14
CA SER A 85 -10.07 7.51 -8.88
C SER A 85 -8.74 7.77 -8.20
N LYS A 86 -8.39 9.05 -8.10
CA LYS A 86 -7.13 9.49 -7.50
C LYS A 86 -7.01 9.05 -6.05
N ALA A 87 -5.92 8.39 -5.76
CA ALA A 87 -5.63 7.96 -4.41
C ALA A 87 -4.54 8.83 -3.81
N GLU A 88 -4.76 9.31 -2.60
CA GLU A 88 -3.79 10.18 -1.94
C GLU A 88 -2.87 9.34 -1.09
N ILE A 89 -1.69 9.09 -1.61
CA ILE A 89 -0.75 8.24 -0.94
C ILE A 89 0.33 9.02 -0.23
N SER A 90 0.72 8.54 0.94
CA SER A 90 1.81 9.11 1.69
C SER A 90 2.62 7.99 2.31
N PHE A 91 3.92 8.17 2.29
CA PHE A 91 4.84 7.18 2.84
C PHE A 91 5.35 7.69 4.18
N GLU A 92 4.88 7.08 5.25
CA GLU A 92 5.24 7.53 6.58
C GLU A 92 6.28 6.64 7.24
N ASP A 93 7.49 7.17 7.37
CA ASP A 93 8.55 6.49 8.09
C ASP A 93 9.56 7.49 8.64
N ARG A 94 9.17 8.15 9.70
CA ARG A 94 10.01 9.12 10.39
C ARG A 94 9.69 9.06 11.87
N LYS A 95 9.15 7.94 12.31
CA LYS A 95 8.68 7.82 13.67
C LYS A 95 9.40 6.70 14.44
N ASP A 96 9.01 5.45 14.17
CA ASP A 96 9.54 4.32 14.91
C ASP A 96 10.48 3.46 14.06
N GLY A 97 10.23 3.38 12.77
CA GLY A 97 11.06 2.56 11.90
C GLY A 97 10.25 1.60 11.05
N SER A 98 9.00 1.41 11.41
CA SER A 98 8.12 0.56 10.63
C SER A 98 7.53 1.37 9.49
N CYS A 99 7.17 0.69 8.41
CA CYS A 99 6.67 1.36 7.23
C CYS A 99 5.16 1.48 7.26
N GLY A 100 4.67 2.71 7.29
CA GLY A 100 3.25 2.94 7.27
C GLY A 100 2.84 3.69 6.03
N VAL A 101 2.10 3.02 5.16
CA VAL A 101 1.64 3.65 3.93
C VAL A 101 0.17 3.98 4.02
N ALA A 102 -0.15 5.24 3.79
CA ALA A 102 -1.53 5.70 3.87
C ALA A 102 -2.01 6.19 2.52
N TYR A 103 -3.24 5.86 2.16
CA TYR A 103 -3.81 6.31 0.91
C TYR A 103 -5.26 6.54 1.02
N VAL A 104 -5.70 7.58 0.38
CA VAL A 104 -7.07 7.84 0.31
C VAL A 104 -7.56 7.50 -1.02
N VAL A 105 -8.80 7.53 -1.09
CA VAL A 105 -9.49 7.30 -2.27
C VAL A 105 -10.46 8.41 -2.41
N GLN A 106 -10.74 8.80 -3.60
CA GLN A 106 -11.68 9.86 -3.75
C GLN A 106 -13.08 9.32 -4.05
N GLU A 107 -13.14 8.15 -4.71
CA GLU A 107 -14.43 7.56 -5.10
C GLU A 107 -14.45 6.07 -4.75
N PRO A 108 -15.57 5.57 -4.23
CA PRO A 108 -15.70 4.17 -3.82
C PRO A 108 -15.60 3.18 -5.00
N GLY A 109 -14.97 2.06 -4.75
CA GLY A 109 -14.76 1.05 -5.76
C GLY A 109 -13.69 0.07 -5.35
N ASP A 110 -13.20 -0.71 -6.28
CA ASP A 110 -12.13 -1.65 -5.98
C ASP A 110 -10.80 -1.02 -6.34
N TYR A 111 -9.80 -1.30 -5.54
CA TYR A 111 -8.50 -0.70 -5.73
C TYR A 111 -7.43 -1.73 -5.61
N GLU A 112 -6.61 -1.83 -6.61
CA GLU A 112 -5.60 -2.84 -6.60
C GLU A 112 -4.27 -2.25 -6.23
N VAL A 113 -3.87 -2.50 -5.01
CA VAL A 113 -2.62 -2.02 -4.50
C VAL A 113 -1.54 -3.02 -4.82
N SER A 114 -0.81 -2.76 -5.84
CA SER A 114 0.25 -3.65 -6.26
C SER A 114 1.54 -3.23 -5.58
N VAL A 115 2.08 -4.10 -4.76
CA VAL A 115 3.30 -3.77 -4.05
C VAL A 115 4.49 -4.41 -4.69
N LYS A 116 5.62 -3.79 -4.48
CA LYS A 116 6.85 -4.25 -5.00
C LYS A 116 7.98 -4.00 -4.04
N PHE A 117 8.57 -5.06 -3.58
CA PHE A 117 9.73 -4.98 -2.72
C PHE A 117 10.96 -5.28 -3.57
N ASN A 118 11.77 -4.27 -3.78
CA ASN A 118 12.94 -4.37 -4.68
C ASN A 118 12.46 -4.66 -6.09
N GLU A 119 11.35 -3.99 -6.45
CA GLU A 119 10.70 -4.13 -7.77
C GLU A 119 10.00 -5.50 -7.91
N GLU A 120 9.96 -6.25 -6.81
CA GLU A 120 9.32 -7.55 -6.80
C GLU A 120 7.90 -7.48 -6.23
N HIS A 121 6.97 -7.97 -7.02
CA HIS A 121 5.52 -8.04 -6.72
C HIS A 121 5.16 -8.83 -5.45
N ILE A 122 6.15 -9.17 -4.66
CA ILE A 122 6.08 -10.14 -3.56
C ILE A 122 5.07 -11.30 -3.86
N PRO A 123 4.64 -12.11 -2.88
CA PRO A 123 3.62 -13.07 -3.13
C PRO A 123 2.24 -12.51 -2.81
N ASP A 124 1.45 -12.39 -3.84
CA ASP A 124 0.05 -11.96 -3.79
C ASP A 124 -0.11 -10.44 -3.67
N SER A 125 0.90 -9.65 -4.10
CA SER A 125 0.83 -8.19 -3.95
C SER A 125 -0.35 -7.53 -4.54
N PRO A 126 -0.91 -7.96 -5.68
CA PRO A 126 -1.92 -7.19 -6.23
C PRO A 126 -3.25 -7.33 -5.47
N PHE A 127 -3.29 -6.71 -4.33
CA PHE A 127 -4.41 -6.76 -3.42
C PHE A 127 -5.46 -5.75 -3.82
N VAL A 128 -6.65 -6.22 -4.10
CA VAL A 128 -7.73 -5.32 -4.44
C VAL A 128 -8.56 -5.03 -3.21
N VAL A 129 -8.49 -3.81 -2.78
CA VAL A 129 -9.16 -3.37 -1.60
C VAL A 129 -10.52 -2.75 -1.95
N PRO A 130 -11.61 -3.36 -1.48
CA PRO A 130 -12.94 -2.80 -1.67
C PRO A 130 -13.10 -1.52 -0.86
N VAL A 131 -13.09 -0.41 -1.53
CA VAL A 131 -13.29 0.83 -0.87
C VAL A 131 -14.72 1.25 -0.99
N ALA A 132 -15.30 1.61 0.11
CA ALA A 132 -16.67 1.99 0.13
C ALA A 132 -16.84 3.37 0.74
N SER A 133 -17.94 4.02 0.44
CA SER A 133 -18.17 5.36 0.90
C SER A 133 -18.79 5.40 2.29
N PRO A 134 -18.17 6.12 3.22
CA PRO A 134 -18.70 6.27 4.57
C PRO A 134 -19.97 7.12 4.59
N SER A 135 -21.04 6.55 5.09
CA SER A 135 -22.32 7.24 5.16
C SER A 135 -22.65 7.64 6.59
N PRO A 20 -8.96 3.70 -15.44
CA PRO A 20 -9.50 2.79 -14.43
C PRO A 20 -8.36 2.07 -13.69
N LEU A 21 -7.13 2.48 -13.98
CA LEU A 21 -5.96 1.88 -13.37
C LEU A 21 -4.85 2.91 -13.25
N PHE A 22 -3.81 2.54 -12.49
CA PHE A 22 -2.65 3.39 -12.23
C PHE A 22 -3.04 4.82 -11.89
N LYS A 23 -3.46 5.02 -10.66
CA LYS A 23 -3.85 6.34 -10.21
C LYS A 23 -2.73 7.03 -9.47
N SER A 24 -2.03 6.29 -8.64
CA SER A 24 -0.90 6.84 -7.91
C SER A 24 0.09 5.74 -7.56
N ALA A 25 1.33 6.13 -7.33
CA ALA A 25 2.38 5.17 -6.98
C ALA A 25 3.43 5.84 -6.14
N THR A 26 4.05 5.08 -5.27
CA THR A 26 5.06 5.63 -4.42
C THR A 26 6.24 4.66 -4.26
N THR A 27 7.28 4.92 -5.00
CA THR A 27 8.49 4.17 -4.87
C THR A 27 9.42 4.88 -3.88
N THR A 28 9.60 4.29 -2.72
CA THR A 28 10.41 4.89 -1.68
C THR A 28 11.09 3.83 -0.83
N VAL A 29 12.35 4.05 -0.51
CA VAL A 29 13.10 3.12 0.31
C VAL A 29 12.82 3.35 1.78
N MET A 30 12.82 2.27 2.55
CA MET A 30 12.58 2.34 3.99
C MET A 30 13.84 2.78 4.71
N ASN A 31 13.70 3.79 5.56
CA ASN A 31 14.84 4.31 6.32
C ASN A 31 15.34 3.27 7.32
N GLY A 42 15.46 -10.63 3.77
CA GLY A 42 15.33 -12.07 3.40
C GLY A 42 14.69 -12.26 2.05
N GLY A 43 14.35 -11.16 1.40
CA GLY A 43 13.71 -11.24 0.11
C GLY A 43 12.25 -10.88 0.20
N ALA A 44 11.68 -10.55 -0.94
CA ALA A 44 10.29 -10.15 -1.01
C ALA A 44 9.33 -11.24 -0.53
N HIS A 45 9.73 -12.49 -0.69
CA HIS A 45 8.87 -13.59 -0.27
C HIS A 45 8.72 -13.63 1.25
N LYS A 46 9.60 -12.93 1.96
CA LYS A 46 9.52 -12.83 3.40
C LYS A 46 8.66 -11.65 3.80
N VAL A 47 8.26 -10.88 2.81
CA VAL A 47 7.48 -9.68 3.04
C VAL A 47 6.01 -9.93 2.73
N ARG A 48 5.18 -9.81 3.73
CA ARG A 48 3.76 -9.93 3.56
C ARG A 48 3.11 -8.62 3.96
N ALA A 49 2.12 -8.19 3.21
CA ALA A 49 1.48 -6.92 3.48
C ALA A 49 0.04 -7.12 3.91
N GLY A 50 -0.32 -6.50 5.00
CA GLY A 50 -1.67 -6.61 5.50
C GLY A 50 -2.00 -5.49 6.44
N GLY A 51 -3.28 -5.19 6.58
CA GLY A 51 -3.71 -4.13 7.46
C GLY A 51 -5.00 -3.53 7.01
N PRO A 52 -5.56 -2.57 7.77
CA PRO A 52 -6.83 -1.92 7.44
C PRO A 52 -6.81 -1.29 6.05
N GLY A 53 -5.65 -0.77 5.67
CA GLY A 53 -5.51 -0.12 4.38
C GLY A 53 -5.50 -1.08 3.21
N LEU A 54 -5.38 -2.38 3.48
CA LEU A 54 -5.36 -3.37 2.41
C LEU A 54 -6.61 -4.24 2.41
N GLU A 55 -7.36 -4.24 3.51
CA GLU A 55 -8.56 -5.05 3.59
C GLU A 55 -9.79 -4.32 3.06
N ARG A 56 -9.99 -3.09 3.52
CA ARG A 56 -11.11 -2.28 3.10
C ARG A 56 -10.81 -0.82 3.35
N ALA A 57 -11.08 0.02 2.38
CA ALA A 57 -10.80 1.44 2.52
C ALA A 57 -12.07 2.26 2.55
N GLU A 58 -11.93 3.52 2.92
CA GLU A 58 -13.06 4.42 3.03
C GLU A 58 -12.89 5.61 2.10
N ALA A 59 -13.93 5.88 1.33
CA ALA A 59 -13.90 6.96 0.35
C ALA A 59 -13.69 8.32 1.01
N GLY A 60 -12.54 8.92 0.74
CA GLY A 60 -12.22 10.22 1.30
C GLY A 60 -11.49 10.10 2.61
N VAL A 61 -10.96 8.92 2.85
CA VAL A 61 -10.28 8.63 4.10
C VAL A 61 -8.97 7.92 3.82
N PRO A 62 -7.87 8.40 4.42
CA PRO A 62 -6.56 7.77 4.26
C PRO A 62 -6.48 6.44 5.00
N ALA A 63 -6.51 5.37 4.25
CA ALA A 63 -6.42 4.04 4.82
C ALA A 63 -4.96 3.64 4.92
N GLU A 64 -4.51 3.39 6.15
CA GLU A 64 -3.12 3.07 6.38
C GLU A 64 -2.92 1.57 6.55
N PHE A 65 -1.95 1.04 5.85
CA PHE A 65 -1.60 -0.34 5.97
C PHE A 65 -0.12 -0.48 6.32
N SER A 66 0.15 -0.94 7.52
CA SER A 66 1.51 -1.15 7.95
C SER A 66 1.98 -2.52 7.49
N ILE A 67 2.84 -2.52 6.49
CA ILE A 67 3.39 -3.77 5.97
C ILE A 67 4.27 -4.45 7.01
N TRP A 68 4.80 -3.66 7.93
CA TRP A 68 5.67 -4.14 8.98
C TRP A 68 6.90 -4.83 8.43
N THR A 69 7.79 -4.03 7.88
CA THR A 69 9.03 -4.55 7.36
C THR A 69 9.91 -4.99 8.54
N ARG A 70 9.78 -6.24 8.91
CA ARG A 70 10.50 -6.77 10.06
C ARG A 70 11.61 -7.75 9.63
N GLU A 71 11.21 -8.95 9.26
CA GLU A 71 12.16 -9.99 8.86
C GLU A 71 12.67 -9.79 7.44
N ALA A 72 12.48 -8.59 6.92
CA ALA A 72 12.90 -8.25 5.59
C ALA A 72 14.21 -7.48 5.61
N GLY A 73 14.46 -6.79 6.72
CA GLY A 73 15.69 -6.02 6.85
C GLY A 73 15.68 -4.76 6.01
N ALA A 74 14.52 -4.11 5.94
CA ALA A 74 14.33 -2.89 5.17
C ALA A 74 14.57 -3.11 3.67
N GLY A 75 14.38 -2.08 2.90
CA GLY A 75 14.57 -2.18 1.47
C GLY A 75 13.79 -1.14 0.72
N GLY A 76 13.64 -1.34 -0.58
CA GLY A 76 12.92 -0.39 -1.39
C GLY A 76 11.47 -0.81 -1.60
N LEU A 77 10.56 0.03 -1.15
CA LEU A 77 9.14 -0.26 -1.28
C LEU A 77 8.50 0.53 -2.40
N ALA A 78 8.14 -0.15 -3.47
CA ALA A 78 7.47 0.48 -4.59
C ALA A 78 6.01 0.07 -4.59
N ILE A 79 5.15 0.98 -4.20
CA ILE A 79 3.73 0.71 -4.08
C ILE A 79 2.93 1.47 -5.13
N ALA A 80 2.15 0.77 -5.91
CA ALA A 80 1.33 1.41 -6.91
C ALA A 80 -0.16 1.14 -6.66
N VAL A 81 -0.95 2.20 -6.54
CA VAL A 81 -2.37 2.06 -6.31
C VAL A 81 -3.15 2.29 -7.59
N GLU A 82 -3.90 1.28 -8.01
CA GLU A 82 -4.68 1.39 -9.22
C GLU A 82 -6.16 1.33 -8.89
N GLY A 83 -6.88 2.34 -9.29
CA GLY A 83 -8.31 2.37 -9.04
C GLY A 83 -9.05 3.24 -10.04
N PRO A 84 -10.37 3.39 -9.88
CA PRO A 84 -11.19 4.22 -10.77
C PRO A 84 -11.04 5.72 -10.49
N SER A 85 -10.45 6.06 -9.35
CA SER A 85 -10.28 7.46 -8.98
C SER A 85 -8.95 7.67 -8.28
N LYS A 86 -8.58 8.93 -8.06
CA LYS A 86 -7.29 9.26 -7.47
C LYS A 86 -7.19 8.77 -6.04
N ALA A 87 -6.11 8.08 -5.76
CA ALA A 87 -5.83 7.63 -4.43
C ALA A 87 -4.69 8.45 -3.87
N GLU A 88 -4.90 9.08 -2.74
CA GLU A 88 -3.89 9.95 -2.17
C GLU A 88 -2.97 9.19 -1.25
N ILE A 89 -1.83 8.82 -1.78
CA ILE A 89 -0.86 8.05 -1.03
C ILE A 89 0.06 8.97 -0.25
N SER A 90 0.07 8.81 1.05
CA SER A 90 0.96 9.57 1.89
C SER A 90 1.93 8.64 2.59
N PHE A 91 3.17 9.01 2.58
CA PHE A 91 4.22 8.23 3.19
C PHE A 91 5.07 9.14 4.06
N GLU A 92 4.93 9.00 5.36
CA GLU A 92 5.67 9.82 6.28
C GLU A 92 6.00 9.04 7.53
N ASP A 93 7.25 8.66 7.67
CA ASP A 93 7.71 7.95 8.84
C ASP A 93 8.80 8.73 9.54
N ARG A 94 8.69 8.85 10.84
CA ARG A 94 9.66 9.57 11.62
C ARG A 94 10.38 8.59 12.54
N LYS A 95 10.59 7.38 12.02
CA LYS A 95 11.22 6.28 12.72
C LYS A 95 10.28 5.73 13.79
N ASP A 96 9.14 5.22 13.35
CA ASP A 96 8.18 4.60 14.24
C ASP A 96 8.55 3.14 14.45
N GLY A 97 9.11 2.55 13.41
CA GLY A 97 9.51 1.16 13.46
C GLY A 97 8.80 0.36 12.40
N SER A 98 7.60 0.78 12.08
CA SER A 98 6.82 0.16 11.05
C SER A 98 6.65 1.12 9.89
N CYS A 99 6.30 0.61 8.73
CA CYS A 99 6.08 1.44 7.57
C CYS A 99 4.61 1.81 7.47
N GLY A 100 4.33 3.10 7.60
CA GLY A 100 2.96 3.56 7.56
C GLY A 100 2.59 4.16 6.22
N VAL A 101 1.94 3.36 5.39
CA VAL A 101 1.51 3.81 4.09
C VAL A 101 -0.01 4.00 4.10
N ALA A 102 -0.44 5.22 3.85
CA ALA A 102 -1.87 5.53 3.86
C ALA A 102 -2.28 6.13 2.54
N TYR A 103 -3.44 5.71 2.05
CA TYR A 103 -3.96 6.24 0.80
C TYR A 103 -5.41 6.53 0.91
N VAL A 104 -5.81 7.61 0.33
CA VAL A 104 -7.16 7.94 0.28
C VAL A 104 -7.72 7.55 -1.00
N VAL A 105 -8.96 7.56 -1.01
CA VAL A 105 -9.69 7.30 -2.16
C VAL A 105 -10.66 8.41 -2.32
N GLN A 106 -10.83 8.89 -3.48
CA GLN A 106 -11.76 9.95 -3.64
C GLN A 106 -13.12 9.44 -4.08
N GLU A 107 -13.15 8.22 -4.61
CA GLU A 107 -14.40 7.61 -5.09
C GLU A 107 -14.41 6.12 -4.79
N PRO A 108 -15.51 5.62 -4.23
CA PRO A 108 -15.63 4.22 -3.78
C PRO A 108 -15.54 3.21 -4.92
N GLY A 109 -14.93 2.07 -4.63
CA GLY A 109 -14.77 1.04 -5.62
C GLY A 109 -13.64 0.12 -5.26
N ASP A 110 -13.15 -0.63 -6.22
CA ASP A 110 -12.03 -1.56 -5.99
C ASP A 110 -10.74 -0.85 -6.28
N TYR A 111 -9.73 -1.14 -5.50
CA TYR A 111 -8.43 -0.52 -5.67
C TYR A 111 -7.36 -1.55 -5.55
N GLU A 112 -6.61 -1.74 -6.59
CA GLU A 112 -5.61 -2.76 -6.59
C GLU A 112 -4.24 -2.17 -6.36
N VAL A 113 -3.70 -2.45 -5.20
CA VAL A 113 -2.41 -1.96 -4.80
C VAL A 113 -1.37 -2.99 -5.15
N SER A 114 -0.50 -2.66 -6.07
CA SER A 114 0.56 -3.53 -6.47
C SER A 114 1.84 -3.12 -5.74
N VAL A 115 2.35 -3.97 -4.87
CA VAL A 115 3.56 -3.65 -4.14
C VAL A 115 4.74 -4.37 -4.69
N LYS A 116 5.89 -3.77 -4.48
CA LYS A 116 7.13 -4.32 -4.89
C LYS A 116 8.20 -4.02 -3.87
N PHE A 117 8.72 -5.06 -3.27
CA PHE A 117 9.80 -4.95 -2.32
C PHE A 117 11.09 -5.33 -3.01
N ASN A 118 11.93 -4.32 -3.23
CA ASN A 118 13.18 -4.50 -3.98
C ASN A 118 12.86 -4.94 -5.39
N GLU A 119 11.87 -4.27 -5.99
CA GLU A 119 11.41 -4.53 -7.36
C GLU A 119 10.57 -5.82 -7.45
N GLU A 120 10.45 -6.54 -6.35
CA GLU A 120 9.69 -7.78 -6.35
C GLU A 120 8.26 -7.59 -5.86
N HIS A 121 7.36 -8.04 -6.67
CA HIS A 121 5.89 -8.00 -6.50
C HIS A 121 5.37 -8.71 -5.24
N ILE A 122 6.26 -9.12 -4.35
CA ILE A 122 5.99 -10.09 -3.28
C ILE A 122 5.02 -11.26 -3.69
N PRO A 123 4.87 -12.29 -2.88
CA PRO A 123 4.01 -13.41 -3.23
C PRO A 123 2.55 -13.05 -3.49
N ASP A 124 2.01 -12.10 -2.76
CA ASP A 124 0.60 -11.77 -2.94
C ASP A 124 0.35 -10.27 -2.98
N SER A 125 1.23 -9.51 -3.61
CA SER A 125 1.07 -8.04 -3.64
C SER A 125 -0.17 -7.50 -4.21
N PRO A 126 -0.76 -8.06 -5.27
CA PRO A 126 -1.81 -7.36 -5.86
C PRO A 126 -3.11 -7.43 -5.05
N PHE A 127 -3.17 -6.59 -4.06
CA PHE A 127 -4.29 -6.49 -3.13
C PHE A 127 -5.33 -5.52 -3.65
N VAL A 128 -6.54 -5.99 -3.80
CA VAL A 128 -7.63 -5.13 -4.20
C VAL A 128 -8.42 -4.75 -2.97
N VAL A 129 -8.32 -3.51 -2.59
CA VAL A 129 -8.97 -3.02 -1.40
C VAL A 129 -10.32 -2.40 -1.73
N PRO A 130 -11.42 -3.04 -1.30
CA PRO A 130 -12.75 -2.50 -1.50
C PRO A 130 -12.93 -1.23 -0.72
N VAL A 131 -13.19 -0.16 -1.40
CA VAL A 131 -13.44 1.07 -0.72
C VAL A 131 -14.92 1.31 -0.60
N ALA A 132 -15.32 1.71 0.56
CA ALA A 132 -16.70 1.94 0.83
C ALA A 132 -16.91 3.37 1.29
N SER A 133 -18.09 3.90 1.00
CA SER A 133 -18.41 5.28 1.34
C SER A 133 -18.85 5.39 2.79
N PRO A 134 -18.19 6.26 3.58
CA PRO A 134 -18.58 6.51 4.97
C PRO A 134 -19.94 7.20 5.04
N SER A 135 -20.92 6.49 5.56
CA SER A 135 -22.27 7.03 5.66
C SER A 135 -22.44 7.80 6.97
N PRO A 20 -8.62 8.03 -15.66
CA PRO A 20 -9.15 6.91 -14.89
C PRO A 20 -8.17 5.74 -14.84
N LEU A 21 -8.31 4.91 -13.80
CA LEU A 21 -7.47 3.72 -13.59
C LEU A 21 -6.05 4.08 -13.16
N PHE A 22 -5.36 4.85 -13.97
CA PHE A 22 -4.01 5.23 -13.64
C PHE A 22 -4.01 6.27 -12.52
N LYS A 23 -3.71 5.82 -11.32
CA LYS A 23 -3.59 6.72 -10.19
C LYS A 23 -2.14 7.20 -10.06
N SER A 24 -1.38 6.51 -9.21
CA SER A 24 0.02 6.85 -8.98
C SER A 24 0.69 5.77 -8.15
N ALA A 25 1.93 5.99 -7.78
CA ALA A 25 2.69 5.03 -7.01
C ALA A 25 3.69 5.72 -6.10
N THR A 26 4.19 4.99 -5.12
CA THR A 26 5.19 5.51 -4.23
C THR A 26 6.37 4.54 -4.14
N THR A 27 7.37 4.81 -4.92
CA THR A 27 8.58 4.02 -4.91
C THR A 27 9.57 4.62 -3.92
N THR A 28 9.75 3.95 -2.80
CA THR A 28 10.62 4.44 -1.75
C THR A 28 11.41 3.33 -1.09
N VAL A 29 12.68 3.55 -0.90
CA VAL A 29 13.53 2.58 -0.23
C VAL A 29 13.35 2.71 1.27
N MET A 30 13.39 1.57 1.97
CA MET A 30 13.22 1.57 3.43
C MET A 30 14.29 2.43 4.09
N ASN A 31 13.87 3.52 4.70
CA ASN A 31 14.79 4.43 5.35
C ASN A 31 14.33 4.71 6.78
N GLY A 42 15.45 -10.41 3.69
CA GLY A 42 15.37 -11.88 3.51
C GLY A 42 14.68 -12.28 2.22
N GLY A 43 14.26 -11.28 1.46
CA GLY A 43 13.59 -11.54 0.22
C GLY A 43 12.15 -11.08 0.27
N ALA A 44 11.54 -10.97 -0.90
CA ALA A 44 10.16 -10.52 -1.01
C ALA A 44 9.19 -11.37 -0.19
N HIS A 45 9.46 -12.67 -0.06
CA HIS A 45 8.57 -13.55 0.69
C HIS A 45 8.53 -13.18 2.18
N LYS A 46 9.54 -12.48 2.65
CA LYS A 46 9.60 -12.06 4.04
C LYS A 46 8.84 -10.77 4.23
N VAL A 47 8.45 -10.15 3.13
CA VAL A 47 7.79 -8.88 3.17
C VAL A 47 6.31 -9.03 2.83
N ARG A 48 5.48 -8.51 3.70
CA ARG A 48 4.07 -8.49 3.49
C ARG A 48 3.53 -7.16 4.00
N ALA A 49 2.36 -6.79 3.58
CA ALA A 49 1.81 -5.51 3.96
C ALA A 49 0.59 -5.67 4.85
N GLY A 50 0.28 -4.62 5.59
CA GLY A 50 -0.82 -4.63 6.54
C GLY A 50 -2.15 -5.07 5.96
N GLY A 51 -2.66 -6.17 6.48
CA GLY A 51 -3.95 -6.70 6.04
C GLY A 51 -5.09 -5.69 6.19
N PRO A 52 -5.27 -5.07 7.39
CA PRO A 52 -6.36 -4.09 7.65
C PRO A 52 -6.54 -3.05 6.54
N GLY A 53 -5.44 -2.54 6.00
CA GLY A 53 -5.54 -1.50 4.98
C GLY A 53 -5.64 -2.05 3.57
N LEU A 54 -5.51 -3.35 3.43
CA LEU A 54 -5.57 -3.99 2.13
C LEU A 54 -6.83 -4.85 1.98
N GLU A 55 -7.52 -5.10 3.09
CA GLU A 55 -8.75 -5.88 3.07
C GLU A 55 -9.94 -4.99 2.74
N ARG A 56 -9.94 -3.78 3.30
CA ARG A 56 -11.00 -2.81 3.05
C ARG A 56 -10.48 -1.42 3.25
N ALA A 57 -11.11 -0.51 2.56
CA ALA A 57 -10.76 0.88 2.64
C ALA A 57 -12.01 1.73 2.52
N GLU A 58 -11.91 2.97 2.92
CA GLU A 58 -13.06 3.84 2.93
C GLU A 58 -12.83 5.10 2.12
N ALA A 59 -13.89 5.53 1.42
CA ALA A 59 -13.82 6.71 0.60
C ALA A 59 -13.60 7.94 1.46
N GLY A 60 -12.48 8.62 1.23
CA GLY A 60 -12.16 9.80 2.00
C GLY A 60 -11.59 9.45 3.36
N VAL A 61 -10.96 8.30 3.44
CA VAL A 61 -10.37 7.82 4.67
C VAL A 61 -9.00 7.21 4.38
N PRO A 62 -7.95 7.67 5.09
CA PRO A 62 -6.59 7.17 4.89
C PRO A 62 -6.43 5.72 5.30
N ALA A 63 -6.43 4.84 4.31
CA ALA A 63 -6.21 3.44 4.54
C ALA A 63 -4.72 3.21 4.74
N GLU A 64 -4.31 3.17 5.97
CA GLU A 64 -2.92 3.03 6.31
C GLU A 64 -2.60 1.60 6.71
N PHE A 65 -1.74 0.97 5.92
CA PHE A 65 -1.32 -0.37 6.20
C PHE A 65 0.15 -0.40 6.61
N SER A 66 0.41 -1.02 7.74
CA SER A 66 1.76 -1.12 8.24
C SER A 66 2.48 -2.26 7.55
N ILE A 67 3.53 -1.94 6.83
CA ILE A 67 4.30 -2.93 6.12
C ILE A 67 5.23 -3.66 7.07
N TRP A 68 5.99 -2.87 7.85
CA TRP A 68 6.95 -3.42 8.80
C TRP A 68 7.94 -4.36 8.10
N THR A 69 8.86 -3.76 7.38
CA THR A 69 9.81 -4.49 6.58
C THR A 69 11.04 -4.93 7.41
N ARG A 70 10.86 -5.07 8.71
CA ARG A 70 11.98 -5.47 9.59
C ARG A 70 12.43 -6.88 9.29
N GLU A 71 11.52 -7.70 8.73
CA GLU A 71 11.85 -9.07 8.36
C GLU A 71 13.01 -9.09 7.38
N ALA A 72 13.06 -8.09 6.51
CA ALA A 72 14.12 -7.97 5.55
C ALA A 72 15.21 -7.05 6.09
N GLY A 73 14.79 -5.93 6.68
CA GLY A 73 15.73 -5.00 7.28
C GLY A 73 16.15 -3.89 6.33
N ALA A 74 15.92 -4.11 5.04
CA ALA A 74 16.28 -3.14 4.01
C ALA A 74 15.70 -3.55 2.68
N GLY A 75 15.40 -2.59 1.82
CA GLY A 75 14.87 -2.91 0.52
C GLY A 75 14.06 -1.79 -0.07
N GLY A 76 13.76 -1.90 -1.35
CA GLY A 76 12.98 -0.88 -2.01
C GLY A 76 11.51 -1.23 -2.02
N LEU A 77 10.70 -0.37 -1.45
CA LEU A 77 9.28 -0.59 -1.39
C LEU A 77 8.54 0.27 -2.41
N ALA A 78 8.01 -0.38 -3.42
CA ALA A 78 7.25 0.31 -4.43
C ALA A 78 5.79 -0.03 -4.31
N ILE A 79 5.00 0.92 -3.91
CA ILE A 79 3.57 0.72 -3.74
C ILE A 79 2.80 1.49 -4.80
N ALA A 80 2.11 0.79 -5.67
CA ALA A 80 1.36 1.44 -6.72
C ALA A 80 -0.13 1.26 -6.51
N VAL A 81 -0.88 2.35 -6.61
CA VAL A 81 -2.32 2.30 -6.47
C VAL A 81 -2.96 2.60 -7.80
N GLU A 82 -3.92 1.79 -8.21
CA GLU A 82 -4.62 2.02 -9.46
C GLU A 82 -6.11 1.94 -9.26
N GLY A 83 -6.82 2.96 -9.72
CA GLY A 83 -8.26 2.92 -9.64
C GLY A 83 -8.91 4.00 -10.45
N PRO A 84 -10.24 3.94 -10.60
CA PRO A 84 -11.01 4.89 -11.42
C PRO A 84 -10.78 6.36 -11.05
N SER A 85 -10.48 6.61 -9.80
CA SER A 85 -10.34 7.98 -9.31
C SER A 85 -8.92 8.21 -8.78
N LYS A 86 -8.70 9.33 -8.13
CA LYS A 86 -7.39 9.64 -7.53
C LYS A 86 -7.30 9.01 -6.12
N ALA A 87 -6.08 8.80 -5.64
CA ALA A 87 -5.87 8.30 -4.29
C ALA A 87 -4.79 9.11 -3.59
N GLU A 88 -5.00 9.41 -2.31
CA GLU A 88 -4.01 10.18 -1.56
C GLU A 88 -2.96 9.25 -1.01
N ILE A 89 -1.90 9.09 -1.74
CA ILE A 89 -0.84 8.19 -1.34
C ILE A 89 0.16 8.90 -0.42
N SER A 90 0.37 8.34 0.74
CA SER A 90 1.30 8.88 1.68
C SER A 90 2.13 7.78 2.32
N PHE A 91 3.39 8.05 2.49
CA PHE A 91 4.31 7.10 3.11
C PHE A 91 4.81 7.66 4.42
N GLU A 92 4.58 6.95 5.50
CA GLU A 92 4.97 7.41 6.81
C GLU A 92 6.27 6.74 7.26
N ASP A 93 7.24 7.55 7.63
CA ASP A 93 8.53 7.07 8.09
C ASP A 93 9.02 7.91 9.27
N ARG A 94 9.82 7.28 10.14
CA ARG A 94 10.40 7.95 11.31
C ARG A 94 9.33 8.48 12.26
N LYS A 95 8.85 7.60 13.11
CA LYS A 95 7.85 7.93 14.13
C LYS A 95 8.20 7.19 15.40
N ASP A 96 7.86 5.92 15.43
CA ASP A 96 8.22 5.04 16.53
C ASP A 96 9.14 3.95 16.00
N GLY A 97 9.21 3.87 14.68
CA GLY A 97 9.97 2.85 14.02
C GLY A 97 9.14 2.12 12.99
N SER A 98 7.82 2.26 13.11
CA SER A 98 6.89 1.64 12.18
C SER A 98 6.99 2.29 10.79
N CYS A 99 6.64 1.52 9.77
CA CYS A 99 6.68 2.01 8.40
C CYS A 99 5.43 1.54 7.66
N GLY A 100 4.63 2.46 7.20
CA GLY A 100 3.41 2.10 6.51
C GLY A 100 3.01 3.09 5.45
N VAL A 101 2.08 2.68 4.61
CA VAL A 101 1.58 3.52 3.54
C VAL A 101 0.09 3.77 3.75
N ALA A 102 -0.33 5.00 3.50
CA ALA A 102 -1.72 5.37 3.66
C ALA A 102 -2.24 5.94 2.36
N TYR A 103 -3.49 5.64 2.05
CA TYR A 103 -4.10 6.16 0.85
C TYR A 103 -5.56 6.34 1.04
N VAL A 104 -6.05 7.40 0.47
CA VAL A 104 -7.43 7.65 0.46
C VAL A 104 -7.91 7.58 -0.92
N VAL A 105 -9.16 7.64 -1.04
CA VAL A 105 -9.77 7.80 -2.29
C VAL A 105 -10.81 8.81 -2.14
N GLN A 106 -11.09 9.50 -3.17
CA GLN A 106 -12.13 10.46 -3.09
C GLN A 106 -13.43 9.84 -3.56
N GLU A 107 -13.34 8.64 -4.16
CA GLU A 107 -14.50 7.95 -4.72
C GLU A 107 -14.39 6.45 -4.46
N PRO A 108 -15.48 5.81 -4.03
CA PRO A 108 -15.47 4.37 -3.71
C PRO A 108 -15.29 3.47 -4.95
N GLY A 109 -15.06 2.18 -4.72
CA GLY A 109 -14.87 1.24 -5.80
C GLY A 109 -13.82 0.19 -5.44
N ASP A 110 -13.23 -0.44 -6.45
CA ASP A 110 -12.17 -1.42 -6.20
C ASP A 110 -10.86 -0.80 -6.54
N TYR A 111 -9.83 -1.13 -5.80
CA TYR A 111 -8.55 -0.48 -5.97
C TYR A 111 -7.44 -1.46 -5.83
N GLU A 112 -6.62 -1.55 -6.83
CA GLU A 112 -5.58 -2.52 -6.82
C GLU A 112 -4.26 -1.87 -6.48
N VAL A 113 -3.76 -2.20 -5.31
CA VAL A 113 -2.50 -1.72 -4.83
C VAL A 113 -1.46 -2.79 -5.03
N SER A 114 -0.69 -2.66 -6.08
CA SER A 114 0.35 -3.62 -6.37
C SER A 114 1.64 -3.17 -5.73
N VAL A 115 2.21 -4.03 -4.92
CA VAL A 115 3.45 -3.69 -4.25
C VAL A 115 4.62 -4.44 -4.82
N LYS A 116 5.77 -3.90 -4.59
CA LYS A 116 7.00 -4.48 -5.03
C LYS A 116 8.10 -4.22 -4.02
N PHE A 117 8.67 -5.27 -3.53
CA PHE A 117 9.83 -5.19 -2.65
C PHE A 117 11.05 -5.57 -3.46
N ASN A 118 11.91 -4.58 -3.73
CA ASN A 118 13.10 -4.79 -4.57
C ASN A 118 12.66 -5.22 -5.95
N GLU A 119 11.58 -4.58 -6.43
CA GLU A 119 10.99 -4.88 -7.73
C GLU A 119 10.29 -6.24 -7.73
N GLU A 120 10.11 -6.80 -6.55
CA GLU A 120 9.44 -8.07 -6.44
C GLU A 120 8.03 -7.92 -5.87
N HIS A 121 7.09 -8.35 -6.68
CA HIS A 121 5.62 -8.32 -6.45
C HIS A 121 5.15 -9.01 -5.17
N ILE A 122 6.05 -9.38 -4.29
CA ILE A 122 5.81 -10.32 -3.18
C ILE A 122 4.79 -11.48 -3.53
N PRO A 123 4.56 -12.47 -2.64
CA PRO A 123 3.62 -13.53 -2.98
C PRO A 123 2.13 -13.20 -2.76
N ASP A 124 1.77 -11.92 -2.87
CA ASP A 124 0.35 -11.52 -2.72
C ASP A 124 0.12 -10.04 -3.03
N SER A 125 1.07 -9.37 -3.69
CA SER A 125 1.00 -7.90 -3.84
C SER A 125 -0.19 -7.35 -4.51
N PRO A 126 -0.73 -7.93 -5.56
CA PRO A 126 -1.75 -7.25 -6.21
C PRO A 126 -3.07 -7.31 -5.45
N PHE A 127 -3.15 -6.45 -4.45
CA PHE A 127 -4.28 -6.37 -3.55
C PHE A 127 -5.33 -5.42 -4.08
N VAL A 128 -6.51 -5.94 -4.32
CA VAL A 128 -7.62 -5.07 -4.71
C VAL A 128 -8.46 -4.81 -3.49
N VAL A 129 -8.36 -3.63 -2.98
CA VAL A 129 -9.04 -3.25 -1.79
C VAL A 129 -10.38 -2.60 -2.12
N PRO A 130 -11.48 -3.21 -1.68
CA PRO A 130 -12.80 -2.64 -1.88
C PRO A 130 -13.01 -1.42 -0.99
N VAL A 131 -12.93 -0.26 -1.59
CA VAL A 131 -13.15 0.96 -0.86
C VAL A 131 -14.61 1.32 -0.93
N ALA A 132 -15.20 1.55 0.20
CA ALA A 132 -16.61 1.83 0.27
C ALA A 132 -16.88 3.15 0.96
N SER A 133 -18.07 3.67 0.77
CA SER A 133 -18.47 4.93 1.37
C SER A 133 -19.09 4.68 2.73
N PRO A 134 -18.51 5.26 3.80
CA PRO A 134 -19.04 5.12 5.16
C PRO A 134 -20.47 5.63 5.25
N SER A 135 -20.66 6.93 5.02
CA SER A 135 -21.96 7.58 5.05
C SER A 135 -22.71 7.22 6.34
N PRO A 20 -7.71 2.84 -17.10
CA PRO A 20 -7.66 3.96 -16.17
C PRO A 20 -6.97 3.57 -14.87
N LEU A 21 -6.22 2.48 -14.91
CA LEU A 21 -5.50 1.99 -13.74
C LEU A 21 -4.24 2.81 -13.50
N PHE A 22 -3.52 2.46 -12.43
CA PHE A 22 -2.32 3.16 -12.02
C PHE A 22 -2.61 4.64 -11.83
N LYS A 23 -3.30 4.96 -10.76
CA LYS A 23 -3.66 6.32 -10.49
C LYS A 23 -2.62 6.99 -9.61
N SER A 24 -2.19 6.29 -8.57
CA SER A 24 -1.20 6.83 -7.68
C SER A 24 -0.13 5.77 -7.40
N ALA A 25 1.03 6.21 -6.95
CA ALA A 25 2.12 5.29 -6.64
C ALA A 25 3.14 5.95 -5.74
N THR A 26 3.91 5.14 -5.04
CA THR A 26 4.95 5.64 -4.18
C THR A 26 6.14 4.69 -4.15
N THR A 27 7.17 5.04 -4.88
CA THR A 27 8.40 4.28 -4.84
C THR A 27 9.36 4.92 -3.83
N THR A 28 9.56 4.24 -2.74
CA THR A 28 10.41 4.74 -1.69
C THR A 28 11.38 3.66 -1.21
N VAL A 29 12.64 3.83 -1.56
CA VAL A 29 13.65 2.88 -1.17
C VAL A 29 14.36 3.36 0.10
N MET A 30 14.80 2.39 0.92
CA MET A 30 15.54 2.69 2.15
C MET A 30 16.67 3.70 1.91
N ASN A 31 16.95 4.50 2.91
CA ASN A 31 17.99 5.51 2.82
C ASN A 31 19.28 5.00 3.44
N GLY A 42 15.43 -9.35 3.70
CA GLY A 42 15.15 -10.80 3.83
C GLY A 42 14.60 -11.38 2.56
N GLY A 43 14.22 -10.51 1.63
CA GLY A 43 13.64 -10.95 0.39
C GLY A 43 12.17 -10.65 0.34
N ALA A 44 11.64 -10.48 -0.85
CA ALA A 44 10.23 -10.17 -1.03
C ALA A 44 9.34 -11.26 -0.47
N HIS A 45 9.81 -12.50 -0.53
CA HIS A 45 9.03 -13.63 -0.02
C HIS A 45 8.84 -13.52 1.51
N LYS A 46 9.68 -12.69 2.16
CA LYS A 46 9.59 -12.47 3.60
C LYS A 46 8.69 -11.28 3.88
N VAL A 47 8.22 -10.65 2.84
CA VAL A 47 7.41 -9.47 2.97
C VAL A 47 5.96 -9.75 2.64
N ARG A 48 5.16 -9.83 3.67
CA ARG A 48 3.73 -9.96 3.51
C ARG A 48 3.10 -8.66 3.96
N ALA A 49 2.12 -8.19 3.21
CA ALA A 49 1.48 -6.93 3.52
C ALA A 49 0.03 -7.11 3.91
N GLY A 50 -0.45 -6.24 4.77
CA GLY A 50 -1.82 -6.31 5.21
C GLY A 50 -2.15 -5.18 6.15
N GLY A 51 -3.36 -5.17 6.66
CA GLY A 51 -3.76 -4.12 7.58
C GLY A 51 -4.75 -3.16 6.97
N PRO A 52 -5.21 -2.17 7.75
CA PRO A 52 -6.16 -1.16 7.28
C PRO A 52 -5.63 -0.42 6.08
N GLY A 53 -6.32 -0.54 4.97
CA GLY A 53 -5.88 0.07 3.75
C GLY A 53 -5.61 -0.95 2.68
N LEU A 54 -5.33 -2.17 3.11
CA LEU A 54 -5.09 -3.25 2.16
C LEU A 54 -6.23 -4.27 2.21
N GLU A 55 -7.08 -4.16 3.22
CA GLU A 55 -8.21 -5.05 3.37
C GLU A 55 -9.52 -4.39 2.92
N ARG A 56 -9.80 -3.21 3.44
CA ARG A 56 -10.98 -2.44 3.06
C ARG A 56 -10.72 -0.98 3.36
N ALA A 57 -11.30 -0.08 2.57
CA ALA A 57 -11.09 1.33 2.78
C ALA A 57 -12.35 2.13 2.54
N GLU A 58 -12.34 3.36 2.99
CA GLU A 58 -13.47 4.25 2.83
C GLU A 58 -13.09 5.41 1.94
N ALA A 59 -14.00 5.76 1.04
CA ALA A 59 -13.78 6.85 0.11
C ALA A 59 -13.58 8.17 0.84
N GLY A 60 -12.42 8.76 0.66
CA GLY A 60 -12.12 10.03 1.31
C GLY A 60 -11.65 9.85 2.73
N VAL A 61 -11.04 8.71 2.99
CA VAL A 61 -10.54 8.41 4.33
C VAL A 61 -9.11 7.87 4.24
N PRO A 62 -8.16 8.52 4.94
CA PRO A 62 -6.76 8.09 4.95
C PRO A 62 -6.57 6.77 5.69
N ALA A 63 -6.31 5.72 4.94
CA ALA A 63 -6.04 4.42 5.51
C ALA A 63 -4.55 4.25 5.70
N GLU A 64 -4.14 3.77 6.86
CA GLU A 64 -2.73 3.64 7.17
C GLU A 64 -2.34 2.20 7.44
N PHE A 65 -1.48 1.66 6.60
CA PHE A 65 -0.96 0.33 6.79
C PHE A 65 0.55 0.41 6.99
N SER A 66 1.05 -0.31 7.98
CA SER A 66 2.45 -0.24 8.33
C SER A 66 3.35 -0.94 7.31
N ILE A 67 3.12 -2.25 7.15
CA ILE A 67 3.92 -3.10 6.23
C ILE A 67 5.43 -2.79 6.30
N TRP A 68 5.91 -2.60 7.53
CA TRP A 68 7.29 -2.21 7.80
C TRP A 68 8.30 -3.35 7.51
N THR A 69 7.84 -4.40 6.82
CA THR A 69 8.68 -5.55 6.46
C THR A 69 9.40 -6.14 7.67
N ARG A 70 8.64 -6.82 8.52
CA ARG A 70 9.16 -7.38 9.77
C ARG A 70 10.33 -8.36 9.55
N GLU A 71 10.30 -9.07 8.44
CA GLU A 71 11.31 -10.07 8.17
C GLU A 71 12.25 -9.65 7.03
N ALA A 72 12.28 -8.36 6.75
CA ALA A 72 13.15 -7.86 5.70
C ALA A 72 14.02 -6.71 6.18
N GLY A 73 13.43 -5.77 6.90
CA GLY A 73 14.19 -4.65 7.43
C GLY A 73 14.32 -3.52 6.43
N ALA A 74 13.21 -3.18 5.77
CA ALA A 74 13.15 -2.10 4.78
C ALA A 74 13.86 -2.48 3.49
N GLY A 75 13.79 -1.60 2.52
CA GLY A 75 14.36 -1.86 1.24
C GLY A 75 13.72 -0.99 0.20
N GLY A 76 13.58 -1.48 -1.01
CA GLY A 76 12.92 -0.71 -2.03
C GLY A 76 11.43 -0.95 -2.05
N LEU A 77 10.67 -0.06 -1.46
CA LEU A 77 9.23 -0.21 -1.42
C LEU A 77 8.57 0.59 -2.53
N ALA A 78 8.08 -0.12 -3.52
CA ALA A 78 7.38 0.52 -4.62
C ALA A 78 5.92 0.10 -4.60
N ILE A 79 5.07 1.00 -4.15
CA ILE A 79 3.66 0.73 -4.00
C ILE A 79 2.87 1.49 -5.03
N ALA A 80 2.03 0.80 -5.79
CA ALA A 80 1.21 1.47 -6.77
C ALA A 80 -0.27 1.22 -6.49
N VAL A 81 -1.05 2.28 -6.42
CA VAL A 81 -2.48 2.16 -6.18
C VAL A 81 -3.23 2.30 -7.50
N GLU A 82 -3.80 1.21 -7.96
CA GLU A 82 -4.55 1.22 -9.19
C GLU A 82 -6.03 1.15 -8.90
N GLY A 83 -6.77 2.12 -9.37
CA GLY A 83 -8.20 2.12 -9.13
C GLY A 83 -8.96 2.97 -10.11
N PRO A 84 -10.27 3.13 -9.90
CA PRO A 84 -11.12 3.96 -10.77
C PRO A 84 -10.88 5.45 -10.59
N SER A 85 -10.28 5.82 -9.48
CA SER A 85 -10.01 7.21 -9.19
C SER A 85 -8.67 7.36 -8.49
N LYS A 86 -8.26 8.59 -8.26
CA LYS A 86 -6.97 8.87 -7.66
C LYS A 86 -6.97 8.59 -6.16
N ALA A 87 -5.81 8.25 -5.65
CA ALA A 87 -5.63 7.97 -4.25
C ALA A 87 -4.57 8.90 -3.67
N GLU A 88 -4.74 9.31 -2.43
CA GLU A 88 -3.78 10.19 -1.80
C GLU A 88 -2.79 9.39 -1.00
N ILE A 89 -1.68 9.10 -1.61
CA ILE A 89 -0.67 8.31 -0.96
C ILE A 89 0.33 9.20 -0.22
N SER A 90 0.56 8.88 1.02
CA SER A 90 1.52 9.59 1.82
C SER A 90 2.39 8.57 2.55
N PHE A 91 3.64 8.89 2.71
CA PHE A 91 4.56 8.01 3.41
C PHE A 91 4.73 8.50 4.81
N GLU A 92 4.47 7.65 5.77
CA GLU A 92 4.48 8.03 7.15
C GLU A 92 5.83 7.77 7.80
N ASP A 93 6.57 8.85 8.02
CA ASP A 93 7.83 8.80 8.71
C ASP A 93 7.63 9.36 10.10
N ARG A 94 8.24 8.75 11.09
CA ARG A 94 8.03 9.14 12.47
C ARG A 94 9.18 8.72 13.36
N LYS A 95 9.24 9.30 14.56
CA LYS A 95 10.28 9.00 15.53
C LYS A 95 10.01 7.66 16.20
N ASP A 96 8.82 7.13 15.95
CA ASP A 96 8.40 5.83 16.49
C ASP A 96 9.40 4.73 16.12
N GLY A 97 9.90 4.79 14.89
CA GLY A 97 10.85 3.81 14.44
C GLY A 97 10.29 2.93 13.35
N SER A 98 8.99 2.72 13.37
CA SER A 98 8.34 1.92 12.37
C SER A 98 7.76 2.83 11.28
N CYS A 99 7.80 2.37 10.05
CA CYS A 99 7.29 3.14 8.94
C CYS A 99 5.85 2.74 8.62
N GLY A 100 5.18 3.55 7.82
CA GLY A 100 3.82 3.26 7.44
C GLY A 100 3.44 3.97 6.17
N VAL A 101 2.40 3.47 5.52
CA VAL A 101 1.93 4.06 4.28
C VAL A 101 0.44 4.41 4.41
N ALA A 102 0.11 5.64 4.09
CA ALA A 102 -1.26 6.10 4.17
C ALA A 102 -1.79 6.45 2.79
N TYR A 103 -3.06 6.17 2.54
CA TYR A 103 -3.67 6.50 1.27
C TYR A 103 -5.12 6.74 1.42
N VAL A 104 -5.59 7.70 0.68
CA VAL A 104 -6.95 7.95 0.60
C VAL A 104 -7.43 7.56 -0.71
N VAL A 105 -8.66 7.50 -0.79
CA VAL A 105 -9.31 7.25 -1.98
C VAL A 105 -10.23 8.36 -2.24
N GLN A 106 -10.30 8.82 -3.43
CA GLN A 106 -11.16 9.92 -3.71
C GLN A 106 -12.58 9.44 -4.03
N GLU A 107 -12.69 8.20 -4.54
CA GLU A 107 -14.00 7.67 -4.98
C GLU A 107 -14.10 6.17 -4.70
N PRO A 108 -15.27 5.70 -4.26
CA PRO A 108 -15.48 4.30 -3.90
C PRO A 108 -15.31 3.34 -5.08
N GLY A 109 -14.94 2.11 -4.78
CA GLY A 109 -14.70 1.10 -5.79
C GLY A 109 -13.61 0.16 -5.36
N ASP A 110 -13.14 -0.67 -6.26
CA ASP A 110 -12.07 -1.60 -5.93
C ASP A 110 -10.74 -0.98 -6.30
N TYR A 111 -9.74 -1.26 -5.50
CA TYR A 111 -8.43 -0.65 -5.70
C TYR A 111 -7.36 -1.68 -5.54
N GLU A 112 -6.60 -1.90 -6.56
CA GLU A 112 -5.59 -2.91 -6.50
C GLU A 112 -4.24 -2.27 -6.28
N VAL A 113 -3.76 -2.42 -5.06
CA VAL A 113 -2.48 -1.89 -4.67
C VAL A 113 -1.40 -2.87 -5.01
N SER A 114 -0.66 -2.59 -6.04
CA SER A 114 0.40 -3.46 -6.47
C SER A 114 1.72 -3.06 -5.82
N VAL A 115 2.22 -3.90 -4.92
CA VAL A 115 3.46 -3.58 -4.24
C VAL A 115 4.63 -4.30 -4.82
N LYS A 116 5.78 -3.75 -4.57
CA LYS A 116 7.03 -4.31 -4.99
C LYS A 116 8.08 -4.01 -3.96
N PHE A 117 8.63 -5.05 -3.39
CA PHE A 117 9.73 -4.92 -2.45
C PHE A 117 11.01 -5.28 -3.16
N ASN A 118 11.85 -4.29 -3.39
CA ASN A 118 13.08 -4.45 -4.15
C ASN A 118 12.74 -4.81 -5.58
N GLU A 119 11.66 -4.18 -6.06
CA GLU A 119 11.12 -4.40 -7.40
C GLU A 119 10.45 -5.76 -7.53
N GLU A 120 10.28 -6.44 -6.39
CA GLU A 120 9.63 -7.73 -6.37
C GLU A 120 8.18 -7.61 -5.92
N HIS A 121 7.32 -8.09 -6.77
CA HIS A 121 5.86 -8.03 -6.64
C HIS A 121 5.25 -8.71 -5.41
N ILE A 122 6.07 -9.15 -4.46
CA ILE A 122 5.69 -10.11 -3.36
C ILE A 122 4.56 -11.14 -3.68
N PRO A 123 4.65 -12.35 -3.12
CA PRO A 123 3.69 -13.45 -3.42
C PRO A 123 2.23 -13.19 -2.96
N ASP A 124 1.81 -11.94 -2.93
CA ASP A 124 0.44 -11.58 -2.56
C ASP A 124 0.16 -10.09 -2.80
N SER A 125 1.10 -9.38 -3.48
CA SER A 125 0.98 -7.91 -3.58
C SER A 125 -0.26 -7.38 -4.15
N PRO A 126 -0.87 -7.97 -5.18
CA PRO A 126 -1.92 -7.31 -5.77
C PRO A 126 -3.19 -7.36 -4.92
N PHE A 127 -3.19 -6.52 -3.91
CA PHE A 127 -4.26 -6.43 -2.94
C PHE A 127 -5.33 -5.49 -3.43
N VAL A 128 -6.49 -6.02 -3.69
CA VAL A 128 -7.60 -5.19 -4.09
C VAL A 128 -8.40 -4.82 -2.87
N VAL A 129 -8.40 -3.57 -2.58
CA VAL A 129 -9.07 -3.03 -1.44
C VAL A 129 -10.44 -2.50 -1.83
N PRO A 130 -11.52 -3.16 -1.39
CA PRO A 130 -12.85 -2.69 -1.63
C PRO A 130 -13.12 -1.42 -0.86
N VAL A 131 -12.97 -0.30 -1.50
CA VAL A 131 -13.25 0.94 -0.87
C VAL A 131 -14.70 1.27 -1.03
N ALA A 132 -15.34 1.60 0.04
CA ALA A 132 -16.73 1.85 0.00
C ALA A 132 -17.04 3.28 0.40
N SER A 133 -18.26 3.70 0.11
CA SER A 133 -18.67 5.05 0.40
C SER A 133 -18.97 5.23 1.89
N PRO A 134 -18.77 6.44 2.43
CA PRO A 134 -19.05 6.74 3.84
C PRO A 134 -20.54 6.90 4.08
N SER A 135 -20.89 7.50 5.21
CA SER A 135 -22.28 7.72 5.56
C SER A 135 -22.72 9.11 5.12
N PRO A 20 -8.30 3.69 -17.03
CA PRO A 20 -7.34 2.60 -17.15
C PRO A 20 -6.88 2.12 -15.78
N LEU A 21 -7.32 2.83 -14.73
CA LEU A 21 -7.00 2.49 -13.34
C LEU A 21 -5.50 2.48 -13.11
N PHE A 22 -4.93 3.65 -13.02
CA PHE A 22 -3.51 3.83 -12.70
C PHE A 22 -3.34 5.22 -12.12
N LYS A 23 -3.46 5.31 -10.81
CA LYS A 23 -3.45 6.60 -10.15
C LYS A 23 -2.09 7.00 -9.57
N SER A 24 -1.86 6.68 -8.32
CA SER A 24 -0.64 7.12 -7.68
C SER A 24 0.26 5.95 -7.31
N ALA A 25 1.52 6.22 -7.12
CA ALA A 25 2.48 5.20 -6.74
C ALA A 25 3.57 5.80 -5.87
N THR A 26 4.18 4.99 -5.06
CA THR A 26 5.23 5.47 -4.20
C THR A 26 6.39 4.48 -4.12
N THR A 27 7.42 4.79 -4.84
CA THR A 27 8.64 4.02 -4.78
C THR A 27 9.58 4.65 -3.75
N THR A 28 9.82 3.93 -2.68
CA THR A 28 10.66 4.43 -1.61
C THR A 28 11.48 3.30 -1.00
N VAL A 29 12.77 3.52 -0.85
CA VAL A 29 13.64 2.54 -0.25
C VAL A 29 13.43 2.53 1.27
N MET A 30 13.50 1.35 1.86
CA MET A 30 13.35 1.22 3.30
C MET A 30 14.64 1.66 3.99
N ASN A 31 14.87 2.97 3.99
CA ASN A 31 16.06 3.55 4.60
C ASN A 31 15.86 5.05 4.79
N GLY A 42 15.87 -9.70 3.12
CA GLY A 42 15.46 -11.13 3.28
C GLY A 42 14.73 -11.66 2.07
N GLY A 43 14.42 -10.76 1.14
CA GLY A 43 13.71 -11.16 -0.04
C GLY A 43 12.24 -10.82 0.07
N ALA A 44 11.59 -10.65 -1.07
CA ALA A 44 10.18 -10.29 -1.10
C ALA A 44 9.31 -11.33 -0.41
N HIS A 45 9.71 -12.59 -0.48
CA HIS A 45 8.94 -13.66 0.14
C HIS A 45 8.91 -13.51 1.67
N LYS A 46 9.79 -12.67 2.21
CA LYS A 46 9.84 -12.41 3.65
C LYS A 46 9.05 -11.15 3.98
N VAL A 47 8.62 -10.46 2.95
CA VAL A 47 7.92 -9.20 3.11
C VAL A 47 6.45 -9.36 2.77
N ARG A 48 5.61 -8.95 3.68
CA ARG A 48 4.18 -8.97 3.47
C ARG A 48 3.59 -7.69 3.98
N ALA A 49 2.35 -7.44 3.70
CA ALA A 49 1.71 -6.23 4.14
C ALA A 49 0.60 -6.54 5.14
N GLY A 50 0.33 -5.60 5.99
CA GLY A 50 -0.67 -5.78 7.00
C GLY A 50 -2.06 -5.77 6.45
N GLY A 51 -2.91 -6.63 7.01
CA GLY A 51 -4.31 -6.71 6.59
C GLY A 51 -5.03 -5.38 6.72
N PRO A 52 -5.06 -4.76 7.93
CA PRO A 52 -5.70 -3.45 8.14
C PRO A 52 -5.25 -2.43 7.10
N GLY A 53 -6.21 -1.96 6.32
CA GLY A 53 -5.90 -1.01 5.26
C GLY A 53 -6.06 -1.64 3.90
N LEU A 54 -5.71 -2.91 3.80
CA LEU A 54 -5.79 -3.65 2.54
C LEU A 54 -7.07 -4.49 2.50
N GLU A 55 -7.80 -4.53 3.61
CA GLU A 55 -9.04 -5.30 3.70
C GLU A 55 -10.19 -4.57 3.02
N ARG A 56 -10.47 -3.38 3.51
CA ARG A 56 -11.55 -2.56 2.98
C ARG A 56 -11.31 -1.10 3.33
N ALA A 57 -11.56 -0.22 2.38
CA ALA A 57 -11.32 1.20 2.60
C ALA A 57 -12.60 2.00 2.43
N GLU A 58 -12.55 3.25 2.85
CA GLU A 58 -13.71 4.13 2.75
C GLU A 58 -13.38 5.35 1.94
N ALA A 59 -14.29 5.71 1.05
CA ALA A 59 -14.10 6.84 0.17
C ALA A 59 -13.88 8.13 0.95
N GLY A 60 -12.74 8.75 0.74
CA GLY A 60 -12.42 9.99 1.44
C GLY A 60 -11.82 9.73 2.79
N VAL A 61 -11.30 8.54 2.98
CA VAL A 61 -10.69 8.15 4.23
C VAL A 61 -9.31 7.54 3.97
N PRO A 62 -8.29 8.01 4.70
CA PRO A 62 -6.93 7.48 4.57
C PRO A 62 -6.80 6.07 5.14
N ALA A 63 -6.50 5.13 4.29
CA ALA A 63 -6.30 3.77 4.69
C ALA A 63 -4.81 3.48 4.73
N GLU A 64 -4.30 3.24 5.92
CA GLU A 64 -2.89 2.98 6.08
C GLU A 64 -2.62 1.54 6.45
N PHE A 65 -1.77 0.91 5.67
CA PHE A 65 -1.37 -0.46 5.93
C PHE A 65 0.12 -0.51 6.23
N SER A 66 0.48 -1.28 7.23
CA SER A 66 1.87 -1.39 7.62
C SER A 66 2.52 -2.55 6.87
N ILE A 67 3.70 -2.32 6.33
CA ILE A 67 4.41 -3.34 5.61
C ILE A 67 5.44 -3.99 6.50
N TRP A 68 5.39 -5.32 6.58
CA TRP A 68 6.28 -6.07 7.44
C TRP A 68 7.66 -6.19 6.81
N THR A 69 8.59 -5.44 7.34
CA THR A 69 9.95 -5.46 6.85
C THR A 69 10.87 -6.11 7.88
N ARG A 70 10.26 -6.74 8.89
CA ARG A 70 10.98 -7.38 9.99
C ARG A 70 12.09 -8.33 9.51
N GLU A 71 11.72 -9.35 8.73
CA GLU A 71 12.70 -10.33 8.25
C GLU A 71 13.48 -9.82 7.03
N ALA A 72 13.20 -8.60 6.62
CA ALA A 72 13.90 -8.01 5.49
C ALA A 72 15.00 -7.08 5.98
N GLY A 73 14.59 -6.02 6.66
CA GLY A 73 15.52 -5.07 7.24
C GLY A 73 15.97 -3.97 6.28
N ALA A 74 15.78 -4.20 4.98
CA ALA A 74 16.17 -3.22 3.96
C ALA A 74 15.73 -3.67 2.58
N GLY A 75 15.40 -2.71 1.73
CA GLY A 75 14.98 -3.03 0.38
C GLY A 75 14.17 -1.89 -0.23
N GLY A 76 13.93 -1.98 -1.53
CA GLY A 76 13.16 -0.95 -2.20
C GLY A 76 11.68 -1.29 -2.26
N LEU A 77 10.87 -0.46 -1.64
CA LEU A 77 9.43 -0.69 -1.61
C LEU A 77 8.71 0.22 -2.59
N ALA A 78 8.15 -0.37 -3.63
CA ALA A 78 7.41 0.38 -4.61
C ALA A 78 5.94 -0.02 -4.58
N ILE A 79 5.12 0.89 -4.10
CA ILE A 79 3.69 0.64 -3.97
C ILE A 79 2.90 1.46 -4.97
N ALA A 80 2.13 0.80 -5.82
CA ALA A 80 1.31 1.51 -6.78
C ALA A 80 -0.17 1.29 -6.51
N VAL A 81 -0.94 2.36 -6.42
CA VAL A 81 -2.38 2.27 -6.17
C VAL A 81 -3.15 2.59 -7.44
N GLU A 82 -3.83 1.60 -7.96
CA GLU A 82 -4.62 1.75 -9.17
C GLU A 82 -6.10 1.67 -8.85
N GLY A 83 -6.86 2.70 -9.21
CA GLY A 83 -8.28 2.67 -8.94
C GLY A 83 -9.06 3.55 -9.88
N PRO A 84 -10.38 3.65 -9.69
CA PRO A 84 -11.23 4.50 -10.52
C PRO A 84 -10.98 5.98 -10.32
N SER A 85 -10.51 6.35 -9.13
CA SER A 85 -10.26 7.75 -8.83
C SER A 85 -8.92 7.92 -8.14
N LYS A 86 -8.47 9.16 -8.01
CA LYS A 86 -7.18 9.45 -7.42
C LYS A 86 -7.13 9.05 -5.95
N ALA A 87 -6.06 8.35 -5.60
CA ALA A 87 -5.83 7.94 -4.24
C ALA A 87 -4.68 8.76 -3.67
N GLU A 88 -4.84 9.24 -2.44
CA GLU A 88 -3.82 10.08 -1.82
C GLU A 88 -2.83 9.26 -1.05
N ILE A 89 -1.69 8.99 -1.64
CA ILE A 89 -0.66 8.18 -1.01
C ILE A 89 0.28 9.03 -0.16
N SER A 90 0.36 8.70 1.11
CA SER A 90 1.25 9.36 2.02
C SER A 90 2.18 8.33 2.65
N PHE A 91 3.43 8.69 2.81
CA PHE A 91 4.44 7.82 3.40
C PHE A 91 5.53 8.66 4.02
N GLU A 92 5.59 8.70 5.34
CA GLU A 92 6.58 9.51 6.03
C GLU A 92 7.15 8.81 7.26
N ASP A 93 8.39 8.34 7.16
CA ASP A 93 9.06 7.75 8.30
C ASP A 93 10.46 8.36 8.47
N ARG A 94 11.51 7.60 8.09
CA ARG A 94 12.89 8.04 8.26
C ARG A 94 13.17 8.37 9.71
N LYS A 95 12.43 7.70 10.60
CA LYS A 95 12.54 7.94 12.01
C LYS A 95 12.73 6.63 12.77
N ASP A 96 11.70 5.78 12.71
CA ASP A 96 11.70 4.56 13.50
C ASP A 96 12.02 3.34 12.65
N GLY A 97 12.06 3.51 11.35
CA GLY A 97 12.35 2.39 10.47
C GLY A 97 11.12 1.55 10.22
N SER A 98 9.99 2.19 10.21
CA SER A 98 8.73 1.53 10.00
C SER A 98 8.21 1.86 8.61
N CYS A 99 7.30 1.03 8.12
CA CYS A 99 6.73 1.24 6.82
C CYS A 99 5.22 1.23 6.90
N GLY A 100 4.61 2.36 6.59
CA GLY A 100 3.18 2.47 6.61
C GLY A 100 2.67 3.35 5.51
N VAL A 101 1.97 2.78 4.56
CA VAL A 101 1.45 3.52 3.44
C VAL A 101 0.00 3.92 3.69
N ALA A 102 -0.23 5.21 3.78
CA ALA A 102 -1.57 5.72 4.01
C ALA A 102 -2.11 6.32 2.72
N TYR A 103 -3.17 5.74 2.21
CA TYR A 103 -3.76 6.25 0.99
C TYR A 103 -5.21 6.49 1.13
N VAL A 104 -5.64 7.60 0.63
CA VAL A 104 -7.00 7.88 0.61
C VAL A 104 -7.56 7.57 -0.69
N VAL A 105 -8.79 7.47 -0.68
CA VAL A 105 -9.52 7.31 -1.84
C VAL A 105 -10.41 8.49 -1.96
N GLN A 106 -10.60 8.97 -3.12
CA GLN A 106 -11.45 10.10 -3.25
C GLN A 106 -12.87 9.68 -3.63
N GLU A 107 -12.99 8.50 -4.24
CA GLU A 107 -14.30 8.00 -4.73
C GLU A 107 -14.36 6.49 -4.58
N PRO A 108 -15.53 5.95 -4.16
CA PRO A 108 -15.68 4.51 -3.88
C PRO A 108 -15.45 3.62 -5.12
N GLY A 109 -15.03 2.39 -4.86
CA GLY A 109 -14.73 1.44 -5.92
C GLY A 109 -13.68 0.45 -5.47
N ASP A 110 -13.19 -0.36 -6.37
CA ASP A 110 -12.15 -1.33 -6.03
C ASP A 110 -10.80 -0.77 -6.39
N TYR A 111 -9.81 -1.03 -5.57
CA TYR A 111 -8.49 -0.44 -5.75
C TYR A 111 -7.43 -1.47 -5.63
N GLU A 112 -6.60 -1.58 -6.63
CA GLU A 112 -5.59 -2.59 -6.62
C GLU A 112 -4.25 -1.97 -6.28
N VAL A 113 -3.75 -2.34 -5.12
CA VAL A 113 -2.49 -1.86 -4.64
C VAL A 113 -1.41 -2.87 -4.98
N SER A 114 -0.62 -2.55 -5.97
CA SER A 114 0.45 -3.42 -6.38
C SER A 114 1.73 -3.06 -5.63
N VAL A 115 2.23 -3.97 -4.81
CA VAL A 115 3.46 -3.71 -4.07
C VAL A 115 4.61 -4.44 -4.68
N LYS A 116 5.78 -3.88 -4.56
CA LYS A 116 6.99 -4.47 -5.06
C LYS A 116 8.15 -4.21 -4.14
N PHE A 117 8.68 -5.26 -3.58
CA PHE A 117 9.84 -5.17 -2.72
C PHE A 117 11.06 -5.64 -3.50
N ASN A 118 11.96 -4.70 -3.79
CA ASN A 118 13.14 -4.98 -4.61
C ASN A 118 12.72 -5.40 -6.00
N GLU A 119 11.68 -4.73 -6.52
CA GLU A 119 11.11 -5.00 -7.85
C GLU A 119 10.27 -6.29 -7.84
N GLU A 120 10.12 -6.89 -6.67
CA GLU A 120 9.35 -8.12 -6.55
C GLU A 120 7.94 -7.87 -6.00
N HIS A 121 6.98 -8.30 -6.79
CA HIS A 121 5.52 -8.24 -6.52
C HIS A 121 5.07 -8.96 -5.24
N ILE A 122 6.02 -9.36 -4.41
CA ILE A 122 5.85 -10.34 -3.33
C ILE A 122 4.93 -11.55 -3.74
N PRO A 123 4.79 -12.60 -2.92
CA PRO A 123 3.93 -13.71 -3.31
C PRO A 123 2.45 -13.37 -3.22
N ASP A 124 2.16 -12.14 -2.94
CA ASP A 124 0.81 -11.64 -2.94
C ASP A 124 0.84 -10.17 -2.80
N SER A 125 1.12 -9.47 -3.86
CA SER A 125 0.98 -8.00 -3.82
C SER A 125 -0.27 -7.44 -4.36
N PRO A 126 -0.85 -7.96 -5.45
CA PRO A 126 -1.90 -7.25 -6.04
C PRO A 126 -3.21 -7.36 -5.26
N PHE A 127 -3.29 -6.57 -4.23
CA PHE A 127 -4.46 -6.53 -3.35
C PHE A 127 -5.45 -5.51 -3.83
N VAL A 128 -6.65 -5.96 -4.08
CA VAL A 128 -7.70 -5.04 -4.45
C VAL A 128 -8.55 -4.75 -3.24
N VAL A 129 -8.45 -3.55 -2.75
CA VAL A 129 -9.15 -3.13 -1.58
C VAL A 129 -10.47 -2.51 -1.95
N PRO A 130 -11.59 -3.15 -1.60
CA PRO A 130 -12.91 -2.61 -1.86
C PRO A 130 -13.16 -1.36 -1.03
N VAL A 131 -13.19 -0.24 -1.69
CA VAL A 131 -13.49 0.98 -1.01
C VAL A 131 -14.96 1.27 -1.13
N ALA A 132 -15.56 1.50 -0.02
CA ALA A 132 -16.97 1.71 0.03
C ALA A 132 -17.32 3.08 0.57
N SER A 133 -18.57 3.46 0.40
CA SER A 133 -19.04 4.75 0.84
C SER A 133 -19.15 4.78 2.37
N PRO A 134 -18.56 5.81 3.02
CA PRO A 134 -18.65 5.99 4.47
C PRO A 134 -20.09 5.95 4.96
N SER A 135 -20.98 6.57 4.19
CA SER A 135 -22.40 6.58 4.50
C SER A 135 -22.97 5.18 4.30
N PRO A 20 -5.77 2.48 -17.87
CA PRO A 20 -5.70 3.81 -17.29
C PRO A 20 -5.54 3.74 -15.76
N LEU A 21 -5.32 2.53 -15.26
CA LEU A 21 -5.16 2.34 -13.82
C LEU A 21 -3.71 2.52 -13.43
N PHE A 22 -3.32 3.77 -13.31
CA PHE A 22 -2.00 4.16 -12.86
C PHE A 22 -2.19 5.38 -11.98
N LYS A 23 -3.36 5.38 -11.35
CA LYS A 23 -3.87 6.49 -10.57
C LYS A 23 -2.83 7.14 -9.66
N SER A 24 -2.24 6.37 -8.76
CA SER A 24 -1.23 6.93 -7.87
C SER A 24 -0.23 5.86 -7.45
N ALA A 25 1.05 6.18 -7.54
CA ALA A 25 2.10 5.24 -7.17
C ALA A 25 3.18 5.94 -6.35
N THR A 26 3.94 5.18 -5.58
CA THR A 26 4.98 5.74 -4.77
C THR A 26 6.13 4.75 -4.59
N THR A 27 7.27 5.14 -5.08
CA THR A 27 8.49 4.39 -4.88
C THR A 27 9.23 4.93 -3.65
N THR A 28 9.23 4.16 -2.58
CA THR A 28 9.86 4.60 -1.35
C THR A 28 11.02 3.69 -0.95
N VAL A 29 12.23 4.23 -0.94
CA VAL A 29 13.41 3.45 -0.58
C VAL A 29 13.65 3.50 0.93
N MET A 30 14.15 2.40 1.49
CA MET A 30 14.45 2.32 2.90
C MET A 30 15.46 1.22 3.11
N ASN A 31 16.60 1.57 3.67
CA ASN A 31 17.66 0.59 3.91
C ASN A 31 17.78 0.27 5.38
N GLY A 42 15.86 -12.46 2.86
CA GLY A 42 16.15 -13.20 1.60
C GLY A 42 15.62 -12.49 0.38
N GLY A 43 14.53 -11.77 0.57
CA GLY A 43 13.92 -11.06 -0.51
C GLY A 43 12.52 -10.68 -0.15
N ALA A 44 11.76 -10.24 -1.13
CA ALA A 44 10.39 -9.81 -0.92
C ALA A 44 9.50 -10.93 -0.36
N HIS A 45 9.89 -12.20 -0.60
CA HIS A 45 9.12 -13.32 -0.09
C HIS A 45 9.08 -13.30 1.44
N LYS A 46 10.10 -12.68 2.04
CA LYS A 46 10.19 -12.56 3.49
C LYS A 46 9.27 -11.43 3.99
N VAL A 47 8.78 -10.64 3.05
CA VAL A 47 7.95 -9.49 3.36
C VAL A 47 6.49 -9.75 3.01
N ARG A 48 5.59 -9.19 3.80
CA ARG A 48 4.17 -9.30 3.55
C ARG A 48 3.49 -8.04 4.05
N ALA A 49 2.50 -7.59 3.32
CA ALA A 49 1.80 -6.38 3.68
C ALA A 49 0.38 -6.70 4.08
N GLY A 50 -0.10 -6.05 5.12
CA GLY A 50 -1.43 -6.28 5.59
C GLY A 50 -1.95 -5.13 6.40
N GLY A 51 -3.15 -5.25 6.88
CA GLY A 51 -3.74 -4.20 7.67
C GLY A 51 -5.05 -3.73 7.10
N PRO A 52 -5.75 -2.83 7.80
CA PRO A 52 -7.04 -2.31 7.36
C PRO A 52 -6.99 -1.71 5.96
N GLY A 53 -5.91 -1.01 5.68
CA GLY A 53 -5.77 -0.33 4.41
C GLY A 53 -5.70 -1.25 3.21
N LEU A 54 -5.50 -2.55 3.43
CA LEU A 54 -5.40 -3.51 2.33
C LEU A 54 -6.61 -4.45 2.29
N GLU A 55 -7.51 -4.30 3.25
CA GLU A 55 -8.69 -5.16 3.27
C GLU A 55 -9.96 -4.40 2.90
N ARG A 56 -10.09 -3.17 3.37
CA ARG A 56 -11.21 -2.30 3.01
C ARG A 56 -10.85 -0.86 3.27
N ALA A 57 -11.37 0.02 2.44
CA ALA A 57 -11.07 1.42 2.57
C ALA A 57 -12.32 2.27 2.48
N GLU A 58 -12.22 3.49 2.97
CA GLU A 58 -13.34 4.41 2.96
C GLU A 58 -13.04 5.60 2.09
N ALA A 59 -13.98 5.92 1.22
CA ALA A 59 -13.83 7.03 0.26
C ALA A 59 -13.59 8.35 0.98
N GLY A 60 -12.41 8.92 0.76
CA GLY A 60 -12.06 10.18 1.39
C GLY A 60 -11.46 9.98 2.75
N VAL A 61 -10.99 8.79 3.00
CA VAL A 61 -10.41 8.44 4.30
C VAL A 61 -9.08 7.73 4.11
N PRO A 62 -8.03 8.14 4.84
CA PRO A 62 -6.70 7.53 4.76
C PRO A 62 -6.70 6.05 5.19
N ALA A 63 -6.50 5.19 4.21
CA ALA A 63 -6.41 3.78 4.45
C ALA A 63 -4.98 3.44 4.84
N GLU A 64 -4.79 3.10 6.10
CA GLU A 64 -3.46 2.83 6.63
C GLU A 64 -3.18 1.34 6.73
N PHE A 65 -2.18 0.89 6.00
CA PHE A 65 -1.76 -0.50 6.06
C PHE A 65 -0.28 -0.58 6.43
N SER A 66 0.14 -1.72 6.93
CA SER A 66 1.51 -1.91 7.34
C SER A 66 2.20 -3.00 6.53
N ILE A 67 3.36 -2.69 6.01
CA ILE A 67 4.16 -3.64 5.29
C ILE A 67 5.24 -4.17 6.22
N TRP A 68 5.01 -5.35 6.75
CA TRP A 68 5.92 -5.93 7.72
C TRP A 68 7.15 -6.48 7.04
N THR A 69 8.26 -5.81 7.24
CA THR A 69 9.51 -6.24 6.66
C THR A 69 10.31 -7.05 7.67
N ARG A 70 11.14 -6.35 8.47
CA ARG A 70 11.98 -6.98 9.51
C ARG A 70 13.09 -7.86 8.93
N GLU A 71 12.74 -8.73 8.01
CA GLU A 71 13.71 -9.55 7.34
C GLU A 71 13.99 -8.99 5.94
N ALA A 72 14.67 -9.78 5.11
CA ALA A 72 14.99 -9.42 3.71
C ALA A 72 16.15 -8.42 3.63
N GLY A 73 16.17 -7.45 4.52
CA GLY A 73 17.26 -6.49 4.52
C GLY A 73 16.85 -5.14 3.96
N ALA A 74 15.54 -4.93 3.78
CA ALA A 74 15.00 -3.69 3.27
C ALA A 74 15.45 -3.43 1.83
N GLY A 75 15.21 -2.22 1.34
CA GLY A 75 15.57 -1.88 -0.01
C GLY A 75 14.70 -0.78 -0.57
N GLY A 76 13.65 -1.16 -1.25
CA GLY A 76 12.77 -0.17 -1.84
C GLY A 76 11.36 -0.69 -2.05
N LEU A 77 10.39 0.07 -1.62
CA LEU A 77 9.00 -0.28 -1.77
C LEU A 77 8.37 0.52 -2.89
N ALA A 78 8.08 -0.14 -3.98
CA ALA A 78 7.40 0.50 -5.08
C ALA A 78 5.94 0.11 -5.05
N ILE A 79 5.11 1.02 -4.60
CA ILE A 79 3.70 0.76 -4.41
C ILE A 79 2.88 1.51 -5.42
N ALA A 80 1.99 0.81 -6.09
CA ALA A 80 1.13 1.46 -7.05
C ALA A 80 -0.35 1.20 -6.75
N VAL A 81 -1.10 2.26 -6.52
CA VAL A 81 -2.52 2.16 -6.27
C VAL A 81 -3.27 2.29 -7.59
N GLU A 82 -3.73 1.18 -8.10
CA GLU A 82 -4.45 1.15 -9.35
C GLU A 82 -5.95 1.07 -9.10
N GLY A 83 -6.69 2.03 -9.63
CA GLY A 83 -8.13 2.02 -9.40
C GLY A 83 -8.91 2.86 -10.38
N PRO A 84 -10.22 3.05 -10.12
CA PRO A 84 -11.09 3.86 -10.98
C PRO A 84 -10.92 5.36 -10.72
N SER A 85 -10.29 5.68 -9.59
CA SER A 85 -10.07 7.04 -9.21
C SER A 85 -8.71 7.16 -8.54
N LYS A 86 -8.32 8.36 -8.19
CA LYS A 86 -7.01 8.57 -7.62
C LYS A 86 -7.02 8.45 -6.11
N ALA A 87 -5.89 8.03 -5.58
CA ALA A 87 -5.71 7.87 -4.17
C ALA A 87 -4.67 8.87 -3.66
N GLU A 88 -4.73 9.21 -2.37
CA GLU A 88 -3.75 10.11 -1.78
C GLU A 88 -2.77 9.32 -0.96
N ILE A 89 -1.67 8.97 -1.58
CA ILE A 89 -0.66 8.14 -0.94
C ILE A 89 0.26 8.97 -0.04
N SER A 90 0.47 8.47 1.18
CA SER A 90 1.38 9.08 2.12
C SER A 90 2.20 7.98 2.81
N PHE A 91 3.45 8.28 3.08
CA PHE A 91 4.33 7.34 3.76
C PHE A 91 5.02 8.05 4.91
N GLU A 92 4.78 7.59 6.13
CA GLU A 92 5.35 8.26 7.28
C GLU A 92 5.53 7.32 8.47
N ASP A 93 6.78 6.96 8.75
CA ASP A 93 7.11 6.18 9.95
C ASP A 93 8.59 6.22 10.23
N ARG A 94 8.96 7.06 11.17
CA ARG A 94 10.32 7.11 11.64
C ARG A 94 10.31 6.80 13.12
N LYS A 95 9.18 6.25 13.56
CA LYS A 95 8.97 5.88 14.95
C LYS A 95 9.67 4.57 15.23
N ASP A 96 9.28 3.55 14.51
CA ASP A 96 9.87 2.23 14.66
C ASP A 96 10.83 1.96 13.54
N GLY A 97 10.49 2.45 12.38
CA GLY A 97 11.26 2.17 11.20
C GLY A 97 10.58 1.10 10.40
N SER A 98 9.26 1.12 10.50
CA SER A 98 8.43 0.16 9.85
C SER A 98 7.82 0.78 8.61
N CYS A 99 7.31 -0.04 7.75
CA CYS A 99 6.71 0.45 6.55
C CYS A 99 5.20 0.61 6.75
N GLY A 100 4.74 1.84 6.70
CA GLY A 100 3.35 2.13 6.87
C GLY A 100 2.88 3.12 5.85
N VAL A 101 1.85 2.75 5.10
CA VAL A 101 1.36 3.59 4.04
C VAL A 101 -0.10 3.95 4.25
N ALA A 102 -0.41 5.22 4.04
CA ALA A 102 -1.76 5.70 4.18
C ALA A 102 -2.22 6.36 2.90
N TYR A 103 -3.27 5.85 2.32
CA TYR A 103 -3.79 6.41 1.08
C TYR A 103 -5.25 6.61 1.16
N VAL A 104 -5.68 7.71 0.66
CA VAL A 104 -7.05 7.97 0.60
C VAL A 104 -7.55 7.61 -0.70
N VAL A 105 -8.79 7.49 -0.76
CA VAL A 105 -9.44 7.24 -1.95
C VAL A 105 -10.35 8.38 -2.21
N GLN A 106 -10.40 8.82 -3.41
CA GLN A 106 -11.27 9.92 -3.70
C GLN A 106 -12.66 9.43 -4.12
N GLU A 107 -12.74 8.19 -4.59
CA GLU A 107 -14.03 7.64 -5.08
C GLU A 107 -14.14 6.14 -4.75
N PRO A 108 -15.28 5.72 -4.24
CA PRO A 108 -15.50 4.32 -3.82
C PRO A 108 -15.45 3.33 -5.00
N GLY A 109 -14.92 2.15 -4.73
CA GLY A 109 -14.75 1.13 -5.74
C GLY A 109 -13.66 0.16 -5.36
N ASP A 110 -13.14 -0.61 -6.30
CA ASP A 110 -12.06 -1.53 -6.01
C ASP A 110 -10.74 -0.88 -6.34
N TYR A 111 -9.73 -1.19 -5.55
CA TYR A 111 -8.42 -0.58 -5.73
C TYR A 111 -7.35 -1.61 -5.56
N GLU A 112 -6.54 -1.79 -6.56
CA GLU A 112 -5.53 -2.80 -6.48
C GLU A 112 -4.19 -2.16 -6.20
N VAL A 113 -3.76 -2.31 -4.97
CA VAL A 113 -2.50 -1.78 -4.54
C VAL A 113 -1.42 -2.79 -4.83
N SER A 114 -0.69 -2.56 -5.89
CA SER A 114 0.35 -3.46 -6.28
C SER A 114 1.66 -3.04 -5.65
N VAL A 115 2.22 -3.88 -4.81
CA VAL A 115 3.46 -3.54 -4.17
C VAL A 115 4.62 -4.29 -4.72
N LYS A 116 5.77 -3.72 -4.53
CA LYS A 116 7.01 -4.29 -4.94
C LYS A 116 8.09 -3.96 -3.94
N PHE A 117 8.62 -4.98 -3.31
CA PHE A 117 9.70 -4.82 -2.38
C PHE A 117 10.97 -5.21 -3.07
N ASN A 118 11.85 -4.23 -3.27
CA ASN A 118 13.09 -4.43 -4.02
C ASN A 118 12.73 -4.82 -5.42
N GLU A 119 11.60 -4.25 -5.88
CA GLU A 119 11.05 -4.47 -7.22
C GLU A 119 10.39 -5.84 -7.35
N GLU A 120 10.22 -6.53 -6.23
CA GLU A 120 9.54 -7.81 -6.23
C GLU A 120 8.12 -7.67 -5.72
N HIS A 121 7.23 -8.17 -6.50
CA HIS A 121 5.77 -8.09 -6.32
C HIS A 121 5.21 -8.71 -5.04
N ILE A 122 6.05 -9.13 -4.12
CA ILE A 122 5.70 -10.06 -3.00
C ILE A 122 4.61 -11.13 -3.34
N PRO A 123 4.63 -12.29 -2.69
CA PRO A 123 3.67 -13.36 -2.97
C PRO A 123 2.25 -13.07 -2.46
N ASP A 124 1.86 -11.80 -2.46
CA ASP A 124 0.53 -11.42 -1.98
C ASP A 124 0.19 -9.97 -2.36
N SER A 125 1.08 -9.27 -3.10
CA SER A 125 0.91 -7.82 -3.32
C SER A 125 -0.33 -7.35 -3.94
N PRO A 126 -0.93 -8.01 -4.91
CA PRO A 126 -1.98 -7.39 -5.56
C PRO A 126 -3.26 -7.41 -4.75
N PHE A 127 -3.29 -6.50 -3.81
CA PHE A 127 -4.38 -6.34 -2.88
C PHE A 127 -5.42 -5.41 -3.42
N VAL A 128 -6.57 -5.94 -3.73
CA VAL A 128 -7.65 -5.11 -4.18
C VAL A 128 -8.50 -4.75 -2.99
N VAL A 129 -8.44 -3.51 -2.63
CA VAL A 129 -9.13 -3.01 -1.49
C VAL A 129 -10.48 -2.42 -1.89
N PRO A 130 -11.58 -3.00 -1.39
CA PRO A 130 -12.90 -2.49 -1.64
C PRO A 130 -13.16 -1.23 -0.85
N VAL A 131 -13.20 -0.12 -1.52
CA VAL A 131 -13.48 1.11 -0.87
C VAL A 131 -14.95 1.39 -0.88
N ALA A 132 -15.45 1.79 0.25
CA ALA A 132 -16.84 2.09 0.41
C ALA A 132 -17.01 3.47 1.01
N SER A 133 -18.20 4.00 0.96
CA SER A 133 -18.46 5.32 1.51
C SER A 133 -18.34 5.28 3.03
N PRO A 134 -17.65 6.27 3.62
CA PRO A 134 -17.46 6.35 5.07
C PRO A 134 -18.78 6.53 5.81
N SER A 135 -19.27 5.45 6.37
CA SER A 135 -20.53 5.48 7.10
C SER A 135 -20.45 4.57 8.31
N PRO A 20 -4.53 3.92 -17.81
CA PRO A 20 -5.84 3.47 -17.34
C PRO A 20 -5.73 2.66 -16.05
N LEU A 21 -6.59 2.98 -15.07
CA LEU A 21 -6.62 2.32 -13.76
C LEU A 21 -5.44 2.73 -12.88
N PHE A 22 -4.25 2.71 -13.44
CA PHE A 22 -3.06 3.14 -12.71
C PHE A 22 -3.18 4.63 -12.40
N LYS A 23 -3.69 4.93 -11.22
CA LYS A 23 -3.96 6.30 -10.83
C LYS A 23 -2.87 6.87 -9.92
N SER A 24 -2.49 6.15 -8.89
CA SER A 24 -1.48 6.66 -7.98
C SER A 24 -0.39 5.63 -7.73
N ALA A 25 0.77 6.11 -7.32
CA ALA A 25 1.91 5.24 -7.01
C ALA A 25 2.92 5.97 -6.16
N THR A 26 3.72 5.22 -5.43
CA THR A 26 4.76 5.78 -4.62
C THR A 26 5.91 4.79 -4.51
N THR A 27 7.08 5.25 -4.78
CA THR A 27 8.26 4.42 -4.67
C THR A 27 9.28 5.03 -3.69
N THR A 28 9.69 4.23 -2.72
CA THR A 28 10.66 4.66 -1.71
C THR A 28 11.63 3.52 -1.37
N VAL A 29 12.91 3.74 -1.63
CA VAL A 29 13.91 2.71 -1.37
C VAL A 29 14.57 2.88 0.00
N MET A 30 14.88 1.74 0.65
CA MET A 30 15.52 1.72 1.97
C MET A 30 14.61 2.27 3.07
N ASN A 31 14.05 1.38 3.84
CA ASN A 31 13.17 1.76 4.94
C ASN A 31 13.78 1.39 6.28
N GLY A 42 15.95 -13.43 2.13
CA GLY A 42 16.06 -12.00 2.50
C GLY A 42 15.51 -11.09 1.43
N GLY A 43 14.70 -11.64 0.56
CA GLY A 43 14.10 -10.88 -0.49
C GLY A 43 12.67 -10.53 -0.19
N ALA A 44 11.89 -10.26 -1.22
CA ALA A 44 10.51 -9.89 -1.05
C ALA A 44 9.67 -11.02 -0.49
N HIS A 45 10.09 -12.25 -0.73
CA HIS A 45 9.38 -13.42 -0.23
C HIS A 45 9.40 -13.47 1.30
N LYS A 46 10.26 -12.65 1.90
CA LYS A 46 10.37 -12.57 3.34
C LYS A 46 9.51 -11.45 3.89
N VAL A 47 8.90 -10.69 2.99
CA VAL A 47 8.10 -9.55 3.36
C VAL A 47 6.63 -9.77 3.03
N ARG A 48 5.76 -9.27 3.89
CA ARG A 48 4.33 -9.36 3.68
C ARG A 48 3.69 -8.03 4.05
N ALA A 49 2.59 -7.72 3.42
CA ALA A 49 1.89 -6.48 3.68
C ALA A 49 0.45 -6.76 4.07
N GLY A 50 0.02 -6.17 5.16
CA GLY A 50 -1.34 -6.36 5.62
C GLY A 50 -1.81 -5.24 6.50
N GLY A 51 -3.10 -5.14 6.71
CA GLY A 51 -3.64 -4.10 7.54
C GLY A 51 -4.92 -3.55 6.98
N PRO A 52 -5.52 -2.55 7.67
CA PRO A 52 -6.79 -1.93 7.25
C PRO A 52 -6.76 -1.49 5.80
N GLY A 53 -5.69 -0.81 5.41
CA GLY A 53 -5.56 -0.29 4.05
C GLY A 53 -5.51 -1.38 2.98
N LEU A 54 -5.30 -2.62 3.38
CA LEU A 54 -5.24 -3.71 2.41
C LEU A 54 -6.42 -4.67 2.55
N GLU A 55 -7.34 -4.36 3.46
CA GLU A 55 -8.51 -5.19 3.64
C GLU A 55 -9.78 -4.44 3.26
N ARG A 56 -9.88 -3.20 3.70
CA ARG A 56 -11.04 -2.37 3.38
C ARG A 56 -10.67 -0.91 3.56
N ALA A 57 -10.95 -0.10 2.57
CA ALA A 57 -10.65 1.30 2.67
C ALA A 57 -11.89 2.14 2.51
N GLU A 58 -11.80 3.41 2.84
CA GLU A 58 -12.95 4.28 2.76
C GLU A 58 -12.67 5.49 1.89
N ALA A 59 -13.69 5.94 1.20
CA ALA A 59 -13.59 7.07 0.29
C ALA A 59 -13.28 8.35 1.04
N GLY A 60 -12.13 8.94 0.74
CA GLY A 60 -11.72 10.18 1.37
C GLY A 60 -11.21 9.95 2.79
N VAL A 61 -10.78 8.74 3.06
CA VAL A 61 -10.30 8.37 4.38
C VAL A 61 -8.95 7.68 4.27
N PRO A 62 -7.93 8.17 4.98
CA PRO A 62 -6.59 7.59 4.93
C PRO A 62 -6.50 6.26 5.63
N ALA A 63 -6.48 5.20 4.84
CA ALA A 63 -6.38 3.85 5.34
C ALA A 63 -4.93 3.38 5.30
N GLU A 64 -4.40 3.00 6.44
CA GLU A 64 -3.02 2.57 6.52
C GLU A 64 -2.90 1.05 6.52
N PHE A 65 -1.88 0.57 5.83
CA PHE A 65 -1.54 -0.81 5.84
C PHE A 65 -0.10 -0.96 6.29
N SER A 66 0.19 -2.02 7.02
CA SER A 66 1.51 -2.20 7.56
C SER A 66 2.28 -3.28 6.82
N ILE A 67 3.35 -2.88 6.17
CA ILE A 67 4.22 -3.81 5.49
C ILE A 67 5.24 -4.31 6.50
N TRP A 68 5.11 -5.55 6.91
CA TRP A 68 5.99 -6.11 7.91
C TRP A 68 7.34 -6.46 7.34
N THR A 69 8.27 -5.53 7.45
CA THR A 69 9.63 -5.71 7.01
C THR A 69 10.47 -6.32 8.13
N ARG A 70 9.87 -7.25 8.87
CA ARG A 70 10.54 -7.93 9.97
C ARG A 70 11.66 -8.81 9.45
N GLU A 71 11.58 -9.16 8.19
CA GLU A 71 12.62 -9.91 7.53
C GLU A 71 13.13 -9.08 6.35
N ALA A 72 14.14 -9.60 5.64
CA ALA A 72 14.79 -8.89 4.54
C ALA A 72 15.61 -7.72 5.11
N GLY A 73 14.92 -6.65 5.49
CA GLY A 73 15.56 -5.51 6.15
C GLY A 73 16.01 -4.40 5.20
N ALA A 74 16.11 -4.68 3.92
CA ALA A 74 16.56 -3.68 2.96
C ALA A 74 15.98 -3.95 1.58
N GLY A 75 15.66 -2.88 0.86
CA GLY A 75 15.13 -3.03 -0.46
C GLY A 75 14.35 -1.82 -0.89
N GLY A 76 13.81 -1.86 -2.09
CA GLY A 76 13.02 -0.77 -2.59
C GLY A 76 11.54 -1.02 -2.46
N LEU A 77 10.83 -0.08 -1.86
CA LEU A 77 9.41 -0.21 -1.68
C LEU A 77 8.67 0.56 -2.75
N ALA A 78 8.06 -0.15 -3.66
CA ALA A 78 7.29 0.49 -4.70
C ALA A 78 5.83 0.08 -4.59
N ILE A 79 4.97 1.04 -4.39
CA ILE A 79 3.56 0.80 -4.20
C ILE A 79 2.76 1.52 -5.27
N ALA A 80 1.76 0.86 -5.81
CA ALA A 80 0.92 1.47 -6.82
C ALA A 80 -0.56 1.20 -6.53
N VAL A 81 -1.38 2.24 -6.62
CA VAL A 81 -2.82 2.10 -6.40
C VAL A 81 -3.56 2.24 -7.73
N GLU A 82 -4.17 1.15 -8.17
CA GLU A 82 -4.88 1.13 -9.43
C GLU A 82 -6.40 1.09 -9.20
N GLY A 83 -7.12 2.06 -9.75
CA GLY A 83 -8.56 2.07 -9.60
C GLY A 83 -9.22 3.08 -10.51
N PRO A 84 -10.53 3.31 -10.34
CA PRO A 84 -11.28 4.25 -11.16
C PRO A 84 -11.05 5.71 -10.75
N SER A 85 -10.51 5.91 -9.57
CA SER A 85 -10.30 7.25 -9.06
C SER A 85 -8.88 7.41 -8.51
N LYS A 86 -8.47 8.65 -8.30
CA LYS A 86 -7.15 8.95 -7.80
C LYS A 86 -7.08 8.71 -6.30
N ALA A 87 -5.96 8.18 -5.85
CA ALA A 87 -5.74 7.91 -4.46
C ALA A 87 -4.70 8.85 -3.88
N GLU A 88 -4.79 9.11 -2.59
CA GLU A 88 -3.80 9.93 -1.92
C GLU A 88 -2.94 9.05 -1.05
N ILE A 89 -1.75 8.78 -1.54
CA ILE A 89 -0.84 7.89 -0.85
C ILE A 89 0.11 8.68 0.03
N SER A 90 0.06 8.43 1.31
CA SER A 90 0.94 9.08 2.24
C SER A 90 1.91 8.07 2.83
N PHE A 91 3.17 8.38 2.73
CA PHE A 91 4.21 7.51 3.26
C PHE A 91 4.79 8.13 4.50
N GLU A 92 4.52 7.54 5.64
CA GLU A 92 5.00 8.10 6.89
C GLU A 92 5.90 7.12 7.61
N ASP A 93 7.08 7.60 7.93
CA ASP A 93 8.05 6.81 8.66
C ASP A 93 7.88 7.02 10.16
N ARG A 94 8.97 6.85 10.93
CA ARG A 94 8.93 7.00 12.40
C ARG A 94 8.08 5.89 13.01
N LYS A 95 7.88 4.83 12.25
CA LYS A 95 7.05 3.73 12.66
C LYS A 95 7.84 2.71 13.50
N ASP A 96 7.17 1.64 13.90
CA ASP A 96 7.76 0.61 14.76
C ASP A 96 8.80 -0.24 14.00
N GLY A 97 8.95 0.02 12.73
CA GLY A 97 9.88 -0.74 11.92
C GLY A 97 9.21 -1.26 10.68
N SER A 98 7.92 -1.50 10.79
CA SER A 98 7.13 -1.90 9.67
C SER A 98 6.77 -0.66 8.86
N CYS A 99 6.44 -0.83 7.60
CA CYS A 99 6.13 0.31 6.78
C CYS A 99 4.65 0.61 6.82
N GLY A 100 4.31 1.76 7.35
CA GLY A 100 2.94 2.16 7.44
C GLY A 100 2.58 3.16 6.37
N VAL A 101 1.86 2.71 5.38
CA VAL A 101 1.46 3.55 4.27
C VAL A 101 -0.05 3.72 4.28
N ALA A 102 -0.49 4.96 4.23
CA ALA A 102 -1.91 5.25 4.25
C ALA A 102 -2.35 5.89 2.95
N TYR A 103 -3.48 5.44 2.43
CA TYR A 103 -3.99 5.97 1.18
C TYR A 103 -5.45 6.23 1.26
N VAL A 104 -5.84 7.24 0.57
CA VAL A 104 -7.19 7.57 0.46
C VAL A 104 -7.58 7.51 -0.95
N VAL A 105 -8.82 7.52 -1.18
CA VAL A 105 -9.31 7.69 -2.48
C VAL A 105 -10.19 8.87 -2.44
N GLN A 106 -10.55 9.37 -3.56
CA GLN A 106 -11.47 10.45 -3.56
C GLN A 106 -12.88 9.94 -3.86
N GLU A 107 -12.95 8.71 -4.41
CA GLU A 107 -14.22 8.09 -4.80
C GLU A 107 -14.18 6.59 -4.49
N PRO A 108 -15.30 6.01 -4.05
CA PRO A 108 -15.36 4.59 -3.68
C PRO A 108 -15.19 3.64 -4.89
N GLY A 109 -14.84 2.40 -4.61
CA GLY A 109 -14.62 1.42 -5.66
C GLY A 109 -13.55 0.41 -5.27
N ASP A 110 -13.18 -0.45 -6.20
CA ASP A 110 -12.13 -1.43 -5.95
C ASP A 110 -10.80 -0.82 -6.32
N TYR A 111 -9.78 -1.12 -5.54
CA TYR A 111 -8.47 -0.52 -5.79
C TYR A 111 -7.39 -1.53 -5.57
N GLU A 112 -6.55 -1.67 -6.55
CA GLU A 112 -5.53 -2.68 -6.49
C GLU A 112 -4.20 -2.06 -6.14
N VAL A 113 -3.80 -2.26 -4.90
CA VAL A 113 -2.55 -1.77 -4.41
C VAL A 113 -1.48 -2.80 -4.69
N SER A 114 -0.79 -2.62 -5.76
CA SER A 114 0.23 -3.54 -6.16
C SER A 114 1.58 -3.10 -5.58
N VAL A 115 2.13 -3.91 -4.72
CA VAL A 115 3.39 -3.57 -4.07
C VAL A 115 4.55 -4.33 -4.63
N LYS A 116 5.71 -3.78 -4.40
CA LYS A 116 6.94 -4.38 -4.78
C LYS A 116 7.98 -4.11 -3.73
N PHE A 117 8.48 -5.14 -3.12
CA PHE A 117 9.57 -5.01 -2.18
C PHE A 117 10.82 -5.46 -2.88
N ASN A 118 11.78 -4.57 -2.96
CA ASN A 118 13.04 -4.84 -3.63
C ASN A 118 12.76 -5.13 -5.10
N GLU A 119 11.75 -4.41 -5.63
CA GLU A 119 11.32 -4.52 -7.03
C GLU A 119 10.52 -5.82 -7.27
N GLU A 120 10.20 -6.53 -6.20
CA GLU A 120 9.43 -7.76 -6.32
C GLU A 120 8.01 -7.61 -5.77
N HIS A 121 7.07 -8.02 -6.59
CA HIS A 121 5.61 -7.99 -6.35
C HIS A 121 5.14 -8.75 -5.08
N ILE A 122 6.07 -9.14 -4.25
CA ILE A 122 5.90 -10.13 -3.18
C ILE A 122 4.97 -11.33 -3.57
N PRO A 123 4.92 -12.40 -2.80
CA PRO A 123 4.03 -13.50 -3.13
C PRO A 123 2.57 -13.19 -2.83
N ASP A 124 2.31 -11.94 -2.56
CA ASP A 124 0.97 -11.46 -2.33
C ASP A 124 0.98 -9.96 -2.26
N SER A 125 1.13 -9.32 -3.41
CA SER A 125 0.96 -7.85 -3.45
C SER A 125 -0.26 -7.32 -4.09
N PRO A 126 -0.82 -7.89 -5.15
CA PRO A 126 -1.84 -7.20 -5.82
C PRO A 126 -3.17 -7.27 -5.09
N PHE A 127 -3.28 -6.44 -4.09
CA PHE A 127 -4.45 -6.38 -3.24
C PHE A 127 -5.49 -5.42 -3.76
N VAL A 128 -6.63 -5.94 -4.10
CA VAL A 128 -7.73 -5.09 -4.49
C VAL A 128 -8.57 -4.82 -3.26
N VAL A 129 -8.43 -3.64 -2.75
CA VAL A 129 -9.08 -3.26 -1.54
C VAL A 129 -10.40 -2.59 -1.86
N PRO A 130 -11.51 -3.12 -1.33
CA PRO A 130 -12.81 -2.53 -1.52
C PRO A 130 -12.95 -1.24 -0.73
N VAL A 131 -12.85 -0.15 -1.42
CA VAL A 131 -13.01 1.14 -0.80
C VAL A 131 -14.46 1.55 -0.93
N ALA A 132 -15.05 1.93 0.17
CA ALA A 132 -16.45 2.23 0.17
C ALA A 132 -16.76 3.59 0.75
N SER A 133 -17.97 4.05 0.51
CA SER A 133 -18.44 5.32 1.00
C SER A 133 -19.05 5.13 2.40
N PRO A 134 -19.30 6.23 3.15
CA PRO A 134 -19.92 6.17 4.47
C PRO A 134 -21.24 5.39 4.43
N SER A 135 -21.42 4.50 5.40
CA SER A 135 -22.62 3.68 5.47
C SER A 135 -23.77 4.47 6.10
N PRO A 20 -8.15 4.25 -16.99
CA PRO A 20 -8.40 3.42 -15.81
C PRO A 20 -7.16 2.59 -15.45
N LEU A 21 -7.01 2.30 -14.15
CA LEU A 21 -5.89 1.51 -13.63
C LEU A 21 -4.58 2.30 -13.65
N PHE A 22 -3.69 1.97 -12.71
CA PHE A 22 -2.41 2.66 -12.54
C PHE A 22 -2.62 4.17 -12.41
N LYS A 23 -3.06 4.59 -11.23
CA LYS A 23 -3.31 6.00 -11.01
C LYS A 23 -2.29 6.60 -10.06
N SER A 24 -2.10 6.00 -8.90
CA SER A 24 -1.15 6.53 -7.94
C SER A 24 -0.16 5.46 -7.52
N ALA A 25 1.00 5.87 -7.07
CA ALA A 25 2.04 4.93 -6.64
C ALA A 25 3.03 5.58 -5.71
N THR A 26 3.74 4.77 -4.96
CA THR A 26 4.76 5.23 -4.05
C THR A 26 5.94 4.26 -4.05
N THR A 27 7.02 4.69 -4.62
CA THR A 27 8.23 3.89 -4.71
C THR A 27 9.17 4.16 -3.52
N THR A 28 9.96 3.14 -3.17
CA THR A 28 10.95 3.20 -2.08
C THR A 28 10.27 3.07 -0.70
N VAL A 29 10.95 2.40 0.25
CA VAL A 29 10.37 2.20 1.56
C VAL A 29 11.25 2.76 2.68
N MET A 30 12.52 2.39 2.70
CA MET A 30 13.41 2.80 3.77
C MET A 30 14.76 3.20 3.24
N ASN A 31 15.08 4.47 3.42
CA ASN A 31 16.36 5.00 3.00
C ASN A 31 17.45 4.73 4.02
N GLY A 42 16.31 -9.64 2.26
CA GLY A 42 16.04 -11.10 2.39
C GLY A 42 15.31 -11.66 1.19
N GLY A 43 14.67 -10.79 0.44
CA GLY A 43 13.92 -11.20 -0.70
C GLY A 43 12.46 -10.86 -0.55
N ALA A 44 11.76 -10.81 -1.66
CA ALA A 44 10.34 -10.47 -1.66
C ALA A 44 9.52 -11.44 -0.81
N HIS A 45 9.91 -12.70 -0.78
CA HIS A 45 9.17 -13.70 0.00
C HIS A 45 9.21 -13.41 1.50
N LYS A 46 10.17 -12.59 1.92
CA LYS A 46 10.30 -12.19 3.32
C LYS A 46 9.34 -11.07 3.63
N VAL A 47 8.75 -10.54 2.60
CA VAL A 47 7.84 -9.43 2.71
C VAL A 47 6.41 -9.85 2.37
N ARG A 48 5.57 -9.91 3.37
CA ARG A 48 4.18 -10.25 3.17
C ARG A 48 3.30 -9.09 3.58
N ALA A 49 2.26 -8.85 2.83
CA ALA A 49 1.39 -7.72 3.09
C ALA A 49 0.00 -8.17 3.50
N GLY A 50 -0.40 -7.80 4.70
CA GLY A 50 -1.71 -8.15 5.21
C GLY A 50 -2.13 -7.25 6.34
N GLY A 51 -3.01 -6.30 6.05
CA GLY A 51 -3.46 -5.38 7.06
C GLY A 51 -4.83 -4.80 6.75
N PRO A 52 -5.36 -3.93 7.63
CA PRO A 52 -6.69 -3.32 7.46
C PRO A 52 -6.81 -2.55 6.14
N GLY A 53 -5.74 -1.89 5.75
CA GLY A 53 -5.74 -1.11 4.52
C GLY A 53 -5.76 -1.99 3.28
N LEU A 54 -5.67 -3.29 3.46
CA LEU A 54 -5.71 -4.22 2.34
C LEU A 54 -6.99 -5.05 2.35
N GLU A 55 -7.79 -4.91 3.41
CA GLU A 55 -9.04 -5.65 3.49
C GLU A 55 -10.21 -4.77 3.11
N ARG A 56 -10.15 -3.50 3.50
CA ARG A 56 -11.17 -2.54 3.17
C ARG A 56 -10.61 -1.13 3.28
N ALA A 57 -11.06 -0.25 2.43
CA ALA A 57 -10.60 1.12 2.42
C ALA A 57 -11.75 2.08 2.47
N GLU A 58 -11.47 3.31 2.85
CA GLU A 58 -12.49 4.33 2.97
C GLU A 58 -12.14 5.55 2.15
N ALA A 59 -13.11 6.05 1.38
CA ALA A 59 -12.90 7.19 0.50
C ALA A 59 -12.67 8.46 1.29
N GLY A 60 -11.52 9.12 1.05
CA GLY A 60 -11.22 10.35 1.78
C GLY A 60 -11.03 10.12 3.26
N VAL A 61 -10.56 8.94 3.62
CA VAL A 61 -10.33 8.56 5.02
C VAL A 61 -9.03 7.80 5.10
N PRO A 62 -7.97 8.44 5.62
CA PRO A 62 -6.61 7.88 5.65
C PRO A 62 -6.53 6.47 6.21
N ALA A 63 -6.41 5.50 5.32
CA ALA A 63 -6.27 4.12 5.71
C ALA A 63 -4.80 3.79 5.86
N GLU A 64 -4.34 3.76 7.10
CA GLU A 64 -2.95 3.51 7.37
C GLU A 64 -2.73 2.06 7.78
N PHE A 65 -1.96 1.36 6.98
CA PHE A 65 -1.65 -0.03 7.26
C PHE A 65 -0.14 -0.24 7.33
N SER A 66 0.31 -1.05 8.29
CA SER A 66 1.74 -1.35 8.46
C SER A 66 2.25 -2.15 7.29
N ILE A 67 1.33 -2.93 6.72
CA ILE A 67 1.56 -3.73 5.51
C ILE A 67 2.55 -4.87 5.73
N TRP A 68 3.81 -4.52 5.84
CA TRP A 68 4.90 -5.48 5.84
C TRP A 68 6.16 -4.98 6.59
N THR A 69 7.35 -5.28 6.03
CA THR A 69 8.67 -4.91 6.59
C THR A 69 8.93 -5.48 7.98
N ARG A 70 9.54 -6.65 8.01
CA ARG A 70 9.89 -7.32 9.25
C ARG A 70 11.32 -7.84 9.15
N GLU A 71 11.49 -8.91 8.40
CA GLU A 71 12.81 -9.48 8.16
C GLU A 71 13.21 -9.22 6.72
N ALA A 72 13.83 -8.08 6.47
CA ALA A 72 14.24 -7.72 5.13
C ALA A 72 15.59 -7.02 5.14
N GLY A 73 15.62 -5.80 5.64
CA GLY A 73 16.85 -5.06 5.69
C GLY A 73 16.80 -3.82 4.82
N ALA A 74 15.70 -3.06 4.93
CA ALA A 74 15.50 -1.83 4.18
C ALA A 74 15.38 -2.09 2.68
N GLY A 75 15.27 -1.02 1.93
CA GLY A 75 15.16 -1.13 0.49
C GLY A 75 14.09 -0.23 -0.05
N GLY A 76 13.45 -0.65 -1.12
CA GLY A 76 12.43 0.15 -1.70
C GLY A 76 11.19 -0.64 -2.05
N LEU A 77 10.05 -0.24 -1.50
CA LEU A 77 8.80 -0.89 -1.83
C LEU A 77 7.98 0.01 -2.73
N ALA A 78 7.76 -0.44 -3.95
CA ALA A 78 6.96 0.31 -4.88
C ALA A 78 5.52 -0.13 -4.80
N ILE A 79 4.72 0.68 -4.16
CA ILE A 79 3.30 0.41 -3.98
C ILE A 79 2.51 1.20 -5.00
N ALA A 80 1.85 0.52 -5.88
CA ALA A 80 1.06 1.19 -6.88
C ALA A 80 -0.43 0.91 -6.68
N VAL A 81 -1.20 1.97 -6.52
CA VAL A 81 -2.64 1.85 -6.35
C VAL A 81 -3.32 2.00 -7.71
N GLU A 82 -3.81 0.89 -8.25
CA GLU A 82 -4.48 0.91 -9.53
C GLU A 82 -5.97 0.99 -9.35
N GLY A 83 -6.58 2.01 -9.93
CA GLY A 83 -8.01 2.13 -9.85
C GLY A 83 -8.56 3.07 -10.88
N PRO A 84 -9.87 3.31 -10.86
CA PRO A 84 -10.52 4.21 -11.80
C PRO A 84 -10.35 5.69 -11.44
N SER A 85 -9.89 5.97 -10.23
CA SER A 85 -9.72 7.35 -9.79
C SER A 85 -8.42 7.55 -9.04
N LYS A 86 -8.15 8.80 -8.66
CA LYS A 86 -6.89 9.17 -8.00
C LYS A 86 -6.90 8.79 -6.52
N ALA A 87 -5.78 8.25 -6.08
CA ALA A 87 -5.60 7.88 -4.70
C ALA A 87 -4.51 8.76 -4.08
N GLU A 88 -4.66 9.08 -2.83
CA GLU A 88 -3.68 9.88 -2.16
C GLU A 88 -2.86 9.00 -1.24
N ILE A 89 -1.63 8.78 -1.62
CA ILE A 89 -0.76 7.92 -0.85
C ILE A 89 0.24 8.72 -0.03
N SER A 90 0.04 8.73 1.26
CA SER A 90 0.93 9.42 2.15
C SER A 90 1.96 8.45 2.70
N PHE A 91 3.20 8.79 2.54
CA PHE A 91 4.30 7.94 2.97
C PHE A 91 5.36 8.80 3.66
N GLU A 92 5.46 8.66 4.97
CA GLU A 92 6.43 9.43 5.73
C GLU A 92 7.66 8.59 6.02
N ASP A 93 8.75 8.93 5.36
CA ASP A 93 10.02 8.24 5.57
C ASP A 93 10.70 8.81 6.81
N ARG A 94 10.09 9.83 7.38
CA ARG A 94 10.61 10.49 8.58
C ARG A 94 10.13 9.78 9.85
N LYS A 95 9.35 8.72 9.69
CA LYS A 95 8.83 7.97 10.84
C LYS A 95 9.97 7.23 11.56
N ASP A 96 9.63 6.61 12.70
CA ASP A 96 10.61 5.88 13.55
C ASP A 96 11.35 4.76 12.79
N GLY A 97 10.82 4.38 11.66
CA GLY A 97 11.40 3.31 10.87
C GLY A 97 10.34 2.32 10.51
N SER A 98 9.36 2.20 11.37
CA SER A 98 8.19 1.41 11.09
C SER A 98 7.18 2.34 10.44
N CYS A 99 7.06 2.25 9.14
CA CYS A 99 6.22 3.18 8.42
C CYS A 99 4.96 2.54 7.90
N GLY A 100 3.84 3.02 8.39
CA GLY A 100 2.57 2.59 7.88
C GLY A 100 2.11 3.53 6.81
N VAL A 101 1.66 2.99 5.71
CA VAL A 101 1.23 3.80 4.58
C VAL A 101 -0.24 4.14 4.71
N ALA A 102 -0.56 5.40 4.50
CA ALA A 102 -1.93 5.85 4.57
C ALA A 102 -2.38 6.34 3.21
N TYR A 103 -3.36 5.68 2.65
CA TYR A 103 -3.87 6.07 1.36
C TYR A 103 -5.33 6.29 1.42
N VAL A 104 -5.74 7.22 0.63
CA VAL A 104 -7.09 7.53 0.47
C VAL A 104 -7.41 7.57 -0.96
N VAL A 105 -8.64 7.55 -1.25
CA VAL A 105 -9.06 7.76 -2.55
C VAL A 105 -9.95 8.93 -2.55
N GLN A 106 -10.09 9.54 -3.66
CA GLN A 106 -10.95 10.66 -3.73
C GLN A 106 -12.30 10.23 -4.28
N GLU A 107 -12.37 8.98 -4.76
CA GLU A 107 -13.61 8.41 -5.30
C GLU A 107 -13.67 6.93 -4.95
N PRO A 108 -14.76 6.49 -4.35
CA PRO A 108 -14.92 5.10 -3.90
C PRO A 108 -14.91 4.08 -5.05
N GLY A 109 -14.54 2.85 -4.73
CA GLY A 109 -14.46 1.81 -5.73
C GLY A 109 -13.45 0.75 -5.35
N ASP A 110 -13.09 -0.12 -6.28
CA ASP A 110 -12.09 -1.15 -6.01
C ASP A 110 -10.75 -0.70 -6.49
N TYR A 111 -9.73 -0.97 -5.70
CA TYR A 111 -8.39 -0.49 -6.02
C TYR A 111 -7.39 -1.56 -5.79
N GLU A 112 -6.52 -1.76 -6.73
CA GLU A 112 -5.57 -2.82 -6.65
C GLU A 112 -4.22 -2.28 -6.25
N VAL A 113 -3.86 -2.53 -5.01
CA VAL A 113 -2.61 -2.10 -4.46
C VAL A 113 -1.55 -3.13 -4.76
N SER A 114 -0.83 -2.90 -5.82
CA SER A 114 0.21 -3.81 -6.21
C SER A 114 1.52 -3.39 -5.59
N VAL A 115 2.05 -4.22 -4.71
CA VAL A 115 3.28 -3.87 -4.03
C VAL A 115 4.46 -4.56 -4.66
N LYS A 116 5.60 -3.94 -4.51
CA LYS A 116 6.83 -4.48 -5.03
C LYS A 116 7.96 -4.24 -4.06
N PHE A 117 8.54 -5.29 -3.57
CA PHE A 117 9.71 -5.18 -2.73
C PHE A 117 10.91 -5.50 -3.56
N ASN A 118 11.80 -4.54 -3.71
CA ASN A 118 13.02 -4.74 -4.48
C ASN A 118 12.64 -5.04 -5.93
N GLU A 119 11.53 -4.41 -6.38
CA GLU A 119 10.99 -4.58 -7.74
C GLU A 119 10.19 -5.90 -7.88
N GLU A 120 9.98 -6.57 -6.75
CA GLU A 120 9.26 -7.84 -6.76
C GLU A 120 7.85 -7.73 -6.13
N HIS A 121 6.88 -8.20 -6.89
CA HIS A 121 5.41 -8.21 -6.56
C HIS A 121 5.04 -8.97 -5.27
N ILE A 122 6.03 -9.33 -4.50
CA ILE A 122 5.97 -10.32 -3.41
C ILE A 122 5.02 -11.51 -3.70
N PRO A 123 4.99 -12.55 -2.86
CA PRO A 123 4.01 -13.58 -3.03
C PRO A 123 2.67 -13.10 -2.58
N ASP A 124 1.92 -12.67 -3.55
CA ASP A 124 0.59 -12.16 -3.41
C ASP A 124 0.61 -10.71 -3.00
N SER A 125 0.91 -9.82 -3.94
CA SER A 125 0.72 -8.37 -3.75
C SER A 125 -0.49 -7.76 -4.37
N PRO A 126 -1.00 -8.22 -5.51
CA PRO A 126 -2.01 -7.45 -6.13
C PRO A 126 -3.39 -7.58 -5.46
N PHE A 127 -3.54 -6.82 -4.41
CA PHE A 127 -4.73 -6.79 -3.58
C PHE A 127 -5.68 -5.71 -4.03
N VAL A 128 -6.90 -6.09 -4.35
CA VAL A 128 -7.91 -5.12 -4.67
C VAL A 128 -8.72 -4.81 -3.43
N VAL A 129 -8.50 -3.65 -2.89
CA VAL A 129 -9.15 -3.24 -1.68
C VAL A 129 -10.40 -2.45 -2.01
N PRO A 130 -11.54 -2.84 -1.45
CA PRO A 130 -12.81 -2.15 -1.66
C PRO A 130 -12.86 -0.85 -0.87
N VAL A 131 -12.81 0.25 -1.56
CA VAL A 131 -12.88 1.53 -0.92
C VAL A 131 -14.32 2.01 -0.91
N ALA A 132 -14.82 2.25 0.27
CA ALA A 132 -16.19 2.65 0.44
C ALA A 132 -16.28 3.92 1.26
N SER A 133 -17.44 4.54 1.24
CA SER A 133 -17.65 5.76 1.98
C SER A 133 -18.38 5.46 3.29
N PRO A 134 -17.88 5.99 4.42
CA PRO A 134 -18.51 5.81 5.73
C PRO A 134 -20.00 6.15 5.69
N SER A 135 -20.82 5.27 6.28
CA SER A 135 -22.27 5.41 6.28
C SER A 135 -22.85 5.23 4.88
N PRO A 20 -10.89 6.60 -15.59
CA PRO A 20 -10.37 5.49 -14.79
C PRO A 20 -8.84 5.42 -14.86
N LEU A 21 -8.26 4.51 -14.07
CA LEU A 21 -6.81 4.30 -14.01
C LEU A 21 -6.06 5.59 -13.58
N PHE A 22 -6.77 6.48 -12.88
CA PHE A 22 -6.18 7.72 -12.37
C PHE A 22 -5.42 7.44 -11.09
N LYS A 23 -5.15 6.16 -10.87
CA LYS A 23 -4.41 5.63 -9.74
C LYS A 23 -3.14 6.42 -9.40
N SER A 24 -2.62 6.17 -8.21
CA SER A 24 -1.42 6.84 -7.76
C SER A 24 -0.42 5.81 -7.27
N ALA A 25 0.82 6.22 -7.14
CA ALA A 25 1.89 5.33 -6.72
C ALA A 25 2.86 6.04 -5.78
N THR A 26 3.52 5.27 -4.94
CA THR A 26 4.48 5.80 -4.02
C THR A 26 5.69 4.88 -3.89
N THR A 27 6.74 5.21 -4.59
CA THR A 27 7.97 4.46 -4.53
C THR A 27 8.89 5.04 -3.45
N THR A 28 9.36 4.18 -2.56
CA THR A 28 10.20 4.60 -1.46
C THR A 28 11.31 3.59 -1.21
N VAL A 29 12.04 3.79 -0.14
CA VAL A 29 13.12 2.89 0.21
C VAL A 29 12.97 2.42 1.66
N MET A 30 13.14 1.13 1.87
CA MET A 30 13.06 0.56 3.20
C MET A 30 14.44 0.58 3.80
N ASN A 31 14.58 1.18 4.95
CA ASN A 31 15.89 1.27 5.60
C ASN A 31 15.93 0.41 6.85
N GLY A 42 15.55 -12.57 3.57
CA GLY A 42 15.74 -13.65 2.55
C GLY A 42 15.30 -13.21 1.16
N GLY A 43 14.62 -12.08 1.10
CA GLY A 43 14.14 -11.56 -0.14
C GLY A 43 12.73 -11.07 0.00
N ALA A 44 12.15 -10.62 -1.09
CA ALA A 44 10.79 -10.11 -1.08
C ALA A 44 9.79 -11.21 -0.76
N HIS A 45 10.17 -12.46 -1.00
CA HIS A 45 9.28 -13.59 -0.70
C HIS A 45 9.02 -13.70 0.80
N LYS A 46 9.89 -13.07 1.59
CA LYS A 46 9.74 -13.05 3.03
C LYS A 46 8.86 -11.88 3.47
N VAL A 47 8.58 -10.99 2.54
CA VAL A 47 7.84 -9.79 2.83
C VAL A 47 6.38 -9.91 2.41
N ARG A 48 5.49 -9.64 3.34
CA ARG A 48 4.08 -9.60 3.10
C ARG A 48 3.49 -8.40 3.83
N ALA A 49 2.49 -7.78 3.25
CA ALA A 49 1.92 -6.58 3.85
C ALA A 49 0.51 -6.82 4.32
N GLY A 50 0.13 -6.13 5.39
CA GLY A 50 -1.20 -6.27 5.93
C GLY A 50 -1.65 -4.99 6.61
N GLY A 51 -2.73 -5.08 7.35
CA GLY A 51 -3.25 -3.91 8.03
C GLY A 51 -4.57 -3.48 7.43
N PRO A 52 -5.36 -2.67 8.17
CA PRO A 52 -6.68 -2.20 7.71
C PRO A 52 -6.65 -1.56 6.31
N GLY A 53 -5.53 -0.90 6.01
CA GLY A 53 -5.37 -0.26 4.72
C GLY A 53 -5.41 -1.23 3.54
N LEU A 54 -5.16 -2.50 3.80
CA LEU A 54 -5.18 -3.51 2.76
C LEU A 54 -6.39 -4.44 2.92
N GLU A 55 -7.30 -4.06 3.82
CA GLU A 55 -8.49 -4.85 4.07
C GLU A 55 -9.71 -4.15 3.49
N ARG A 56 -9.93 -2.93 3.93
CA ARG A 56 -11.03 -2.13 3.44
C ARG A 56 -10.69 -0.66 3.59
N ALA A 57 -11.04 0.13 2.59
CA ALA A 57 -10.78 1.54 2.62
C ALA A 57 -12.05 2.31 2.34
N GLU A 58 -12.03 3.59 2.59
CA GLU A 58 -13.20 4.42 2.38
C GLU A 58 -12.84 5.67 1.61
N ALA A 59 -13.79 6.13 0.81
CA ALA A 59 -13.61 7.31 -0.02
C ALA A 59 -13.37 8.56 0.83
N GLY A 60 -12.17 9.15 0.71
CA GLY A 60 -11.87 10.34 1.50
C GLY A 60 -11.71 10.00 2.96
N VAL A 61 -11.29 8.79 3.23
CA VAL A 61 -11.10 8.29 4.58
C VAL A 61 -9.83 7.47 4.62
N PRO A 62 -8.83 7.95 5.32
CA PRO A 62 -7.52 7.32 5.33
C PRO A 62 -7.49 5.95 5.97
N ALA A 63 -6.96 5.01 5.21
CA ALA A 63 -6.76 3.66 5.66
C ALA A 63 -5.27 3.37 5.67
N GLU A 64 -4.73 3.10 6.84
CA GLU A 64 -3.31 2.88 6.97
C GLU A 64 -2.96 1.41 7.05
N PHE A 65 -2.02 1.00 6.23
CA PHE A 65 -1.53 -0.35 6.26
C PHE A 65 -0.05 -0.34 6.56
N SER A 66 0.33 -0.95 7.67
CA SER A 66 1.70 -1.01 8.07
C SER A 66 2.40 -2.20 7.44
N ILE A 67 3.39 -1.92 6.62
CA ILE A 67 4.14 -2.96 5.96
C ILE A 67 5.25 -3.46 6.88
N TRP A 68 4.96 -4.48 7.63
CA TRP A 68 5.96 -5.08 8.49
C TRP A 68 6.87 -5.97 7.66
N THR A 69 8.00 -5.40 7.27
CA THR A 69 8.97 -6.09 6.46
C THR A 69 9.59 -7.23 7.26
N ARG A 70 9.76 -6.99 8.55
CA ARG A 70 10.30 -7.97 9.50
C ARG A 70 11.75 -8.34 9.17
N GLU A 71 11.92 -9.23 8.21
CA GLU A 71 13.23 -9.69 7.80
C GLU A 71 13.33 -9.76 6.30
N ALA A 72 14.25 -9.01 5.73
CA ALA A 72 14.45 -8.98 4.29
C ALA A 72 15.85 -8.48 3.95
N GLY A 73 16.27 -7.43 4.62
CA GLY A 73 17.58 -6.86 4.38
C GLY A 73 17.54 -5.57 3.60
N ALA A 74 16.46 -4.80 3.81
CA ALA A 74 16.25 -3.51 3.14
C ALA A 74 16.00 -3.66 1.64
N GLY A 75 15.49 -2.62 1.03
CA GLY A 75 15.20 -2.64 -0.38
C GLY A 75 14.24 -1.54 -0.76
N GLY A 76 13.94 -1.41 -2.03
CA GLY A 76 13.03 -0.38 -2.47
C GLY A 76 11.58 -0.79 -2.36
N LEU A 77 10.81 -0.07 -1.57
CA LEU A 77 9.40 -0.38 -1.42
C LEU A 77 8.56 0.46 -2.38
N ALA A 78 8.03 -0.19 -3.39
CA ALA A 78 7.18 0.47 -4.35
C ALA A 78 5.74 0.05 -4.13
N ILE A 79 4.84 1.01 -4.17
CA ILE A 79 3.43 0.77 -3.90
C ILE A 79 2.57 1.54 -4.89
N ALA A 80 1.72 0.84 -5.60
CA ALA A 80 0.84 1.51 -6.53
C ALA A 80 -0.61 1.16 -6.25
N VAL A 81 -1.41 2.15 -5.92
CA VAL A 81 -2.83 1.92 -5.70
C VAL A 81 -3.56 2.13 -7.01
N GLU A 82 -3.78 1.04 -7.74
CA GLU A 82 -4.39 1.10 -9.05
C GLU A 82 -5.90 0.99 -8.99
N GLY A 83 -6.59 1.90 -9.68
CA GLY A 83 -8.02 1.87 -9.66
C GLY A 83 -8.64 2.95 -10.52
N PRO A 84 -9.97 3.05 -10.54
CA PRO A 84 -10.71 4.02 -11.35
C PRO A 84 -10.39 5.49 -11.04
N SER A 85 -9.93 5.77 -9.84
CA SER A 85 -9.68 7.15 -9.47
C SER A 85 -8.37 7.29 -8.72
N LYS A 86 -7.97 8.53 -8.45
CA LYS A 86 -6.73 8.81 -7.78
C LYS A 86 -6.81 8.55 -6.29
N ALA A 87 -5.78 7.95 -5.76
CA ALA A 87 -5.68 7.69 -4.35
C ALA A 87 -4.63 8.61 -3.75
N GLU A 88 -5.01 9.30 -2.69
CA GLU A 88 -4.10 10.19 -2.03
C GLU A 88 -3.28 9.40 -1.04
N ILE A 89 -2.07 9.10 -1.43
CA ILE A 89 -1.21 8.24 -0.65
C ILE A 89 -0.16 9.05 0.11
N SER A 90 0.13 8.61 1.33
CA SER A 90 1.18 9.20 2.12
C SER A 90 2.00 8.10 2.75
N PHE A 91 3.29 8.30 2.81
CA PHE A 91 4.21 7.32 3.35
C PHE A 91 4.74 7.79 4.69
N GLU A 92 4.32 7.10 5.75
CA GLU A 92 4.74 7.44 7.10
C GLU A 92 5.85 6.50 7.56
N ASP A 93 7.07 7.03 7.66
CA ASP A 93 8.21 6.25 8.12
C ASP A 93 8.93 7.01 9.23
N ARG A 94 10.15 6.58 9.58
CA ARG A 94 10.94 7.22 10.63
C ARG A 94 10.23 7.10 11.98
N LYS A 95 9.32 6.14 12.06
CA LYS A 95 8.53 5.95 13.26
C LYS A 95 9.11 4.84 14.14
N ASP A 96 8.64 3.61 13.96
CA ASP A 96 9.12 2.49 14.78
C ASP A 96 9.81 1.45 13.92
N GLY A 97 10.16 1.82 12.71
CA GLY A 97 10.81 0.89 11.80
C GLY A 97 9.83 0.28 10.83
N SER A 98 8.56 0.29 11.21
CA SER A 98 7.51 -0.22 10.35
C SER A 98 7.02 0.92 9.45
N CYS A 99 6.78 0.61 8.20
CA CYS A 99 6.35 1.62 7.25
C CYS A 99 4.83 1.65 7.17
N GLY A 100 4.27 2.78 7.56
CA GLY A 100 2.84 2.93 7.53
C GLY A 100 2.39 3.72 6.33
N VAL A 101 1.58 3.11 5.50
CA VAL A 101 1.12 3.78 4.30
C VAL A 101 -0.36 4.08 4.41
N ALA A 102 -0.72 5.33 4.24
CA ALA A 102 -2.11 5.76 4.32
C ALA A 102 -2.58 6.27 2.98
N TYR A 103 -3.78 5.89 2.58
CA TYR A 103 -4.32 6.34 1.31
C TYR A 103 -5.80 6.52 1.37
N VAL A 104 -6.23 7.49 0.64
CA VAL A 104 -7.60 7.77 0.48
C VAL A 104 -7.91 7.82 -0.96
N VAL A 105 -9.10 7.59 -1.30
CA VAL A 105 -9.49 7.77 -2.64
C VAL A 105 -10.44 8.90 -2.68
N GLN A 106 -10.67 9.41 -3.83
CA GLN A 106 -11.60 10.46 -3.96
C GLN A 106 -12.89 9.94 -4.58
N GLU A 107 -12.85 8.66 -5.02
CA GLU A 107 -14.01 7.97 -5.60
C GLU A 107 -13.97 6.51 -5.20
N PRO A 108 -15.07 5.98 -4.68
CA PRO A 108 -15.14 4.60 -4.18
C PRO A 108 -15.01 3.55 -5.30
N GLY A 109 -14.75 2.30 -4.90
CA GLY A 109 -14.57 1.21 -5.84
C GLY A 109 -13.51 0.23 -5.36
N ASP A 110 -13.10 -0.69 -6.22
CA ASP A 110 -12.05 -1.64 -5.85
C ASP A 110 -10.72 -1.07 -6.25
N TYR A 111 -9.72 -1.30 -5.44
CA TYR A 111 -8.41 -0.72 -5.68
C TYR A 111 -7.34 -1.72 -5.40
N GLU A 112 -6.50 -1.95 -6.36
CA GLU A 112 -5.50 -2.94 -6.23
C GLU A 112 -4.16 -2.30 -5.94
N VAL A 113 -3.73 -2.44 -4.71
CA VAL A 113 -2.47 -1.92 -4.28
C VAL A 113 -1.38 -2.88 -4.66
N SER A 114 -0.70 -2.61 -5.73
CA SER A 114 0.34 -3.46 -6.21
C SER A 114 1.67 -3.05 -5.59
N VAL A 115 2.23 -3.89 -4.75
CA VAL A 115 3.48 -3.56 -4.11
C VAL A 115 4.64 -4.31 -4.70
N LYS A 116 5.81 -3.76 -4.48
CA LYS A 116 7.04 -4.35 -4.90
C LYS A 116 8.12 -4.05 -3.87
N PHE A 117 8.71 -5.09 -3.34
CA PHE A 117 9.83 -4.94 -2.44
C PHE A 117 11.09 -5.27 -3.19
N ASN A 118 11.94 -4.27 -3.36
CA ASN A 118 13.23 -4.44 -4.01
C ASN A 118 13.03 -4.92 -5.44
N GLU A 119 12.01 -4.33 -6.09
CA GLU A 119 11.63 -4.66 -7.47
C GLU A 119 10.96 -6.03 -7.55
N GLU A 120 10.45 -6.51 -6.43
CA GLU A 120 9.75 -7.79 -6.40
C GLU A 120 8.33 -7.63 -5.91
N HIS A 121 7.43 -8.11 -6.71
CA HIS A 121 5.98 -8.04 -6.54
C HIS A 121 5.41 -8.66 -5.26
N ILE A 122 6.25 -9.08 -4.35
CA ILE A 122 5.94 -10.00 -3.21
C ILE A 122 4.79 -11.04 -3.46
N PRO A 123 4.91 -12.23 -2.88
CA PRO A 123 3.93 -13.32 -3.08
C PRO A 123 2.55 -13.06 -2.46
N ASP A 124 2.12 -11.81 -2.46
CA ASP A 124 0.82 -11.45 -1.92
C ASP A 124 0.43 -10.01 -2.29
N SER A 125 1.29 -9.31 -3.04
CA SER A 125 1.10 -7.87 -3.28
C SER A 125 -0.17 -7.42 -3.85
N PRO A 126 -0.79 -8.09 -4.79
CA PRO A 126 -1.87 -7.49 -5.41
C PRO A 126 -3.13 -7.52 -4.55
N PHE A 127 -3.15 -6.61 -3.62
CA PHE A 127 -4.23 -6.47 -2.66
C PHE A 127 -5.29 -5.53 -3.19
N VAL A 128 -6.46 -6.07 -3.47
CA VAL A 128 -7.55 -5.22 -3.89
C VAL A 128 -8.37 -4.84 -2.69
N VAL A 129 -8.27 -3.61 -2.32
CA VAL A 129 -8.97 -3.11 -1.18
C VAL A 129 -10.27 -2.45 -1.61
N PRO A 130 -11.41 -2.94 -1.10
CA PRO A 130 -12.70 -2.37 -1.40
C PRO A 130 -12.87 -1.03 -0.72
N VAL A 131 -12.84 0.03 -1.48
CA VAL A 131 -13.02 1.33 -0.94
C VAL A 131 -14.45 1.76 -1.13
N ALA A 132 -15.12 2.04 -0.06
CA ALA A 132 -16.52 2.34 -0.11
C ALA A 132 -16.83 3.69 0.49
N SER A 133 -18.03 4.16 0.25
CA SER A 133 -18.50 5.41 0.79
C SER A 133 -18.79 5.23 2.29
N PRO A 134 -18.50 6.25 3.11
CA PRO A 134 -18.76 6.21 4.57
C PRO A 134 -20.26 6.30 4.92
N SER A 135 -21.09 5.71 4.08
CA SER A 135 -22.54 5.69 4.27
C SER A 135 -23.10 7.10 4.28
N PRO A 20 -10.49 3.55 -14.54
CA PRO A 20 -9.24 3.00 -15.06
C PRO A 20 -8.22 2.82 -13.95
N LEU A 21 -7.65 1.63 -13.87
CA LEU A 21 -6.68 1.31 -12.83
C LEU A 21 -5.30 1.83 -13.19
N PHE A 22 -5.03 3.06 -12.78
CA PHE A 22 -3.72 3.69 -12.95
C PHE A 22 -3.73 5.07 -12.32
N LYS A 23 -3.54 5.11 -11.02
CA LYS A 23 -3.55 6.38 -10.33
C LYS A 23 -2.13 6.86 -9.95
N SER A 24 -1.62 6.42 -8.81
CA SER A 24 -0.30 6.89 -8.40
C SER A 24 0.50 5.79 -7.73
N ALA A 25 1.80 6.01 -7.60
CA ALA A 25 2.68 5.06 -6.96
C ALA A 25 3.61 5.77 -5.99
N THR A 26 4.11 5.04 -5.03
CA THR A 26 5.00 5.58 -4.05
C THR A 26 6.20 4.65 -3.84
N THR A 27 7.27 4.97 -4.51
CA THR A 27 8.50 4.25 -4.33
C THR A 27 9.32 4.91 -3.24
N THR A 28 9.43 4.25 -2.11
CA THR A 28 10.15 4.77 -0.97
C THR A 28 10.71 3.64 -0.13
N VAL A 29 12.00 3.68 0.15
CA VAL A 29 12.61 2.65 0.94
C VAL A 29 13.78 3.22 1.78
N MET A 30 14.77 2.36 2.09
CA MET A 30 15.91 2.73 2.94
C MET A 30 15.45 3.11 4.36
N ASN A 31 15.61 2.18 5.28
CA ASN A 31 15.20 2.37 6.67
C ASN A 31 16.36 2.05 7.59
N GLY A 42 16.04 -10.66 2.98
CA GLY A 42 15.46 -12.03 3.13
C GLY A 42 14.63 -12.42 1.93
N GLY A 43 14.38 -11.47 1.06
CA GLY A 43 13.58 -11.72 -0.11
C GLY A 43 12.17 -11.25 0.09
N ALA A 44 11.51 -10.93 -1.01
CA ALA A 44 10.14 -10.42 -0.96
C ALA A 44 9.17 -11.45 -0.39
N HIS A 45 9.52 -12.72 -0.49
CA HIS A 45 8.65 -13.78 0.02
C HIS A 45 8.59 -13.73 1.55
N LYS A 46 9.49 -12.97 2.16
CA LYS A 46 9.49 -12.78 3.61
C LYS A 46 8.69 -11.53 3.96
N VAL A 47 8.25 -10.81 2.94
CA VAL A 47 7.55 -9.57 3.13
C VAL A 47 6.09 -9.67 2.69
N ARG A 48 5.21 -9.22 3.52
CA ARG A 48 3.80 -9.15 3.19
C ARG A 48 3.18 -8.01 3.98
N ALA A 49 2.22 -7.35 3.40
CA ALA A 49 1.63 -6.21 4.03
C ALA A 49 0.20 -6.49 4.42
N GLY A 50 -0.30 -5.76 5.39
CA GLY A 50 -1.66 -5.95 5.85
C GLY A 50 -2.13 -4.77 6.67
N GLY A 51 -3.29 -4.91 7.26
CA GLY A 51 -3.84 -3.83 8.07
C GLY A 51 -4.94 -3.09 7.34
N PRO A 52 -5.65 -2.18 8.03
CA PRO A 52 -6.73 -1.39 7.44
C PRO A 52 -6.23 -0.53 6.29
N GLY A 53 -6.42 -1.03 5.09
CA GLY A 53 -5.94 -0.35 3.92
C GLY A 53 -5.69 -1.30 2.78
N LEU A 54 -5.50 -2.58 3.10
CA LEU A 54 -5.31 -3.60 2.07
C LEU A 54 -6.49 -4.56 2.02
N GLU A 55 -7.33 -4.52 3.03
CA GLU A 55 -8.47 -5.42 3.10
C GLU A 55 -9.79 -4.69 2.79
N ARG A 56 -9.91 -3.48 3.31
CA ARG A 56 -11.09 -2.65 3.05
C ARG A 56 -10.75 -1.19 3.32
N ALA A 57 -11.27 -0.29 2.50
CA ALA A 57 -10.99 1.12 2.64
C ALA A 57 -12.25 1.96 2.55
N GLU A 58 -12.14 3.24 2.90
CA GLU A 58 -13.27 4.15 2.90
C GLU A 58 -13.03 5.34 1.98
N ALA A 59 -14.03 5.69 1.21
CA ALA A 59 -13.94 6.79 0.27
C ALA A 59 -13.74 8.11 1.01
N GLY A 60 -12.58 8.73 0.80
CA GLY A 60 -12.28 9.99 1.46
C GLY A 60 -11.68 9.78 2.82
N VAL A 61 -10.99 8.67 2.99
CA VAL A 61 -10.37 8.32 4.25
C VAL A 61 -8.98 7.74 4.02
N PRO A 62 -7.96 8.27 4.72
CA PRO A 62 -6.60 7.76 4.61
C PRO A 62 -6.45 6.38 5.23
N ALA A 63 -6.32 5.38 4.38
CA ALA A 63 -6.14 4.03 4.84
C ALA A 63 -4.67 3.67 4.80
N GLU A 64 -4.12 3.32 5.95
CA GLU A 64 -2.71 3.00 6.04
C GLU A 64 -2.46 1.53 6.37
N PHE A 65 -1.65 0.91 5.56
CA PHE A 65 -1.30 -0.47 5.75
C PHE A 65 0.19 -0.60 6.03
N SER A 66 0.56 -1.53 6.89
CA SER A 66 1.95 -1.74 7.23
C SER A 66 2.55 -2.87 6.40
N ILE A 67 3.72 -2.62 5.84
CA ILE A 67 4.41 -3.60 5.02
C ILE A 67 5.32 -4.47 5.89
N TRP A 68 5.89 -3.84 6.92
CA TRP A 68 6.81 -4.52 7.84
C TRP A 68 8.02 -5.09 7.14
N THR A 69 8.97 -4.23 6.85
CA THR A 69 10.20 -4.62 6.18
C THR A 69 11.29 -4.91 7.23
N ARG A 70 10.86 -4.98 8.49
CA ARG A 70 11.76 -5.21 9.60
C ARG A 70 12.43 -6.58 9.49
N GLU A 71 11.62 -7.59 9.24
CA GLU A 71 12.10 -8.97 9.11
C GLU A 71 12.75 -9.21 7.74
N ALA A 72 12.87 -8.15 6.95
CA ALA A 72 13.46 -8.27 5.63
C ALA A 72 14.83 -7.62 5.60
N GLY A 73 14.96 -6.46 6.21
CA GLY A 73 16.23 -5.77 6.24
C GLY A 73 16.38 -4.77 5.12
N ALA A 74 15.29 -4.05 4.83
CA ALA A 74 15.27 -3.04 3.78
C ALA A 74 15.40 -3.65 2.38
N GLY A 75 15.31 -2.80 1.38
CA GLY A 75 15.41 -3.24 0.00
C GLY A 75 14.91 -2.17 -0.93
N GLY A 76 13.62 -2.15 -1.14
CA GLY A 76 13.02 -1.10 -1.94
C GLY A 76 11.54 -1.27 -2.07
N LEU A 77 10.77 -0.45 -1.36
CA LEU A 77 9.33 -0.56 -1.38
C LEU A 77 8.70 0.36 -2.42
N ALA A 78 8.19 -0.23 -3.48
CA ALA A 78 7.50 0.51 -4.50
C ALA A 78 6.03 0.11 -4.52
N ILE A 79 5.18 0.98 -4.03
CA ILE A 79 3.76 0.69 -3.92
C ILE A 79 2.98 1.46 -4.97
N ALA A 80 2.14 0.80 -5.72
CA ALA A 80 1.33 1.48 -6.71
C ALA A 80 -0.16 1.29 -6.41
N VAL A 81 -0.89 2.39 -6.33
CA VAL A 81 -2.31 2.34 -6.07
C VAL A 81 -3.09 2.68 -7.33
N GLU A 82 -3.75 1.71 -7.88
CA GLU A 82 -4.54 1.92 -9.07
C GLU A 82 -6.00 1.68 -8.78
N GLY A 83 -6.83 2.68 -9.03
CA GLY A 83 -8.24 2.54 -8.76
C GLY A 83 -9.08 3.44 -9.64
N PRO A 84 -10.40 3.44 -9.44
CA PRO A 84 -11.33 4.28 -10.21
C PRO A 84 -11.05 5.77 -10.06
N SER A 85 -10.65 6.18 -8.87
CA SER A 85 -10.43 7.60 -8.62
C SER A 85 -9.05 7.85 -8.04
N LYS A 86 -8.65 9.11 -7.98
CA LYS A 86 -7.34 9.50 -7.50
C LYS A 86 -7.18 9.17 -6.02
N ALA A 87 -6.12 8.45 -5.71
CA ALA A 87 -5.83 8.05 -4.36
C ALA A 87 -4.72 8.92 -3.79
N GLU A 88 -4.96 9.46 -2.61
CA GLU A 88 -3.97 10.34 -1.96
C GLU A 88 -2.98 9.50 -1.18
N ILE A 89 -1.82 9.30 -1.76
CA ILE A 89 -0.82 8.43 -1.18
C ILE A 89 0.19 9.20 -0.30
N SER A 90 0.47 8.64 0.85
CA SER A 90 1.47 9.17 1.75
C SER A 90 2.29 8.01 2.30
N PHE A 91 3.52 8.29 2.65
CA PHE A 91 4.42 7.26 3.14
C PHE A 91 5.08 7.71 4.42
N GLU A 92 5.12 6.84 5.41
CA GLU A 92 5.76 7.16 6.66
C GLU A 92 7.00 6.29 6.88
N ASP A 93 8.14 6.90 6.73
CA ASP A 93 9.42 6.22 6.93
C ASP A 93 10.15 6.87 8.10
N ARG A 94 9.42 7.63 8.89
CA ARG A 94 9.99 8.32 10.04
C ARG A 94 9.82 7.49 11.30
N LYS A 95 9.40 6.24 11.13
CA LYS A 95 9.19 5.36 12.26
C LYS A 95 10.45 4.56 12.58
N ASP A 96 10.39 3.76 13.63
CA ASP A 96 11.53 2.95 14.07
C ASP A 96 11.58 1.61 13.35
N GLY A 97 11.01 1.56 12.16
CA GLY A 97 10.99 0.33 11.39
C GLY A 97 9.61 0.00 10.89
N SER A 98 8.62 0.72 11.39
CA SER A 98 7.25 0.53 10.94
C SER A 98 7.03 1.29 9.64
N CYS A 99 7.02 0.57 8.54
CA CYS A 99 6.79 1.17 7.24
C CYS A 99 5.33 1.03 6.84
N GLY A 100 4.65 2.15 6.69
CA GLY A 100 3.24 2.13 6.33
C GLY A 100 2.90 3.13 5.26
N VAL A 101 1.89 2.80 4.47
CA VAL A 101 1.44 3.66 3.38
C VAL A 101 -0.03 4.01 3.56
N ALA A 102 -0.34 5.30 3.61
CA ALA A 102 -1.71 5.75 3.76
C ALA A 102 -2.22 6.34 2.46
N TYR A 103 -3.41 5.93 2.05
CA TYR A 103 -4.00 6.46 0.82
C TYR A 103 -5.45 6.68 0.97
N VAL A 104 -5.92 7.70 0.33
CA VAL A 104 -7.29 7.97 0.30
C VAL A 104 -7.83 7.63 -1.01
N VAL A 105 -9.07 7.68 -1.06
CA VAL A 105 -9.78 7.44 -2.22
C VAL A 105 -10.79 8.51 -2.35
N GLN A 106 -11.04 8.96 -3.52
CA GLN A 106 -12.00 9.97 -3.68
C GLN A 106 -13.40 9.35 -3.87
N GLU A 107 -13.43 8.20 -4.55
CA GLU A 107 -14.68 7.50 -4.86
C GLU A 107 -14.52 5.99 -4.65
N PRO A 108 -15.54 5.34 -4.09
CA PRO A 108 -15.49 3.91 -3.74
C PRO A 108 -15.35 2.98 -4.96
N GLY A 109 -14.96 1.74 -4.70
CA GLY A 109 -14.75 0.76 -5.76
C GLY A 109 -13.63 -0.20 -5.39
N ASP A 110 -13.05 -0.85 -6.38
CA ASP A 110 -11.92 -1.75 -6.14
C ASP A 110 -10.63 -1.01 -6.36
N TYR A 111 -9.65 -1.25 -5.51
CA TYR A 111 -8.37 -0.57 -5.63
C TYR A 111 -7.28 -1.55 -5.54
N GLU A 112 -6.49 -1.64 -6.56
CA GLU A 112 -5.46 -2.63 -6.60
C GLU A 112 -4.14 -2.01 -6.26
N VAL A 113 -3.69 -2.28 -5.06
CA VAL A 113 -2.42 -1.79 -4.59
C VAL A 113 -1.35 -2.80 -4.90
N SER A 114 -0.59 -2.54 -5.92
CA SER A 114 0.45 -3.43 -6.33
C SER A 114 1.75 -3.04 -5.65
N VAL A 115 2.32 -3.95 -4.90
CA VAL A 115 3.55 -3.66 -4.20
C VAL A 115 4.73 -4.38 -4.79
N LYS A 116 5.89 -3.82 -4.56
CA LYS A 116 7.12 -4.39 -5.00
C LYS A 116 8.19 -4.14 -3.99
N PHE A 117 8.74 -5.20 -3.47
CA PHE A 117 9.86 -5.13 -2.55
C PHE A 117 11.12 -5.50 -3.33
N ASN A 118 12.02 -4.53 -3.46
CA ASN A 118 13.25 -4.65 -4.27
C ASN A 118 12.90 -5.06 -5.71
N GLU A 119 11.74 -4.55 -6.16
CA GLU A 119 11.19 -4.80 -7.51
C GLU A 119 10.38 -6.11 -7.56
N GLU A 120 10.24 -6.77 -6.43
CA GLU A 120 9.49 -8.02 -6.36
C GLU A 120 8.05 -7.78 -5.92
N HIS A 121 7.16 -8.23 -6.76
CA HIS A 121 5.68 -8.18 -6.57
C HIS A 121 5.18 -8.92 -5.32
N ILE A 122 6.08 -9.33 -4.44
CA ILE A 122 5.85 -10.31 -3.36
C ILE A 122 4.87 -11.47 -3.77
N PRO A 123 4.62 -12.47 -2.91
CA PRO A 123 3.70 -13.53 -3.28
C PRO A 123 2.24 -13.22 -2.99
N ASP A 124 1.88 -11.94 -2.99
CA ASP A 124 0.49 -11.54 -2.74
C ASP A 124 0.26 -10.05 -2.97
N SER A 125 1.18 -9.37 -3.68
CA SER A 125 1.09 -7.90 -3.79
C SER A 125 -0.14 -7.33 -4.33
N PRO A 126 -0.78 -7.88 -5.35
CA PRO A 126 -1.83 -7.19 -5.91
C PRO A 126 -3.09 -7.25 -5.05
N PHE A 127 -3.06 -6.45 -4.01
CA PHE A 127 -4.11 -6.37 -3.04
C PHE A 127 -5.18 -5.42 -3.52
N VAL A 128 -6.33 -5.97 -3.83
CA VAL A 128 -7.44 -5.14 -4.24
C VAL A 128 -8.31 -4.81 -3.05
N VAL A 129 -8.28 -3.58 -2.68
CA VAL A 129 -8.97 -3.11 -1.50
C VAL A 129 -10.33 -2.54 -1.87
N PRO A 130 -11.41 -3.17 -1.42
CA PRO A 130 -12.75 -2.66 -1.62
C PRO A 130 -12.98 -1.40 -0.81
N VAL A 131 -13.05 -0.30 -1.48
CA VAL A 131 -13.34 0.93 -0.83
C VAL A 131 -14.82 1.18 -0.88
N ALA A 132 -15.37 1.57 0.23
CA ALA A 132 -16.77 1.78 0.32
C ALA A 132 -17.10 3.18 0.81
N SER A 133 -18.34 3.59 0.65
CA SER A 133 -18.78 4.91 1.01
C SER A 133 -19.18 4.97 2.48
N PRO A 134 -18.68 5.96 3.23
CA PRO A 134 -19.06 6.15 4.63
C PRO A 134 -20.56 6.44 4.76
N SER A 135 -21.19 5.81 5.75
CA SER A 135 -22.63 5.98 5.98
C SER A 135 -22.97 7.46 6.20
N PRO A 20 -8.86 3.35 -16.06
CA PRO A 20 -7.42 3.11 -16.18
C PRO A 20 -6.84 2.64 -14.84
N LEU A 21 -6.52 1.35 -14.74
CA LEU A 21 -5.99 0.79 -13.51
C LEU A 21 -4.53 1.21 -13.26
N PHE A 22 -4.38 2.44 -12.79
CA PHE A 22 -3.11 3.03 -12.39
C PHE A 22 -3.33 4.51 -12.17
N LYS A 23 -3.53 4.90 -10.95
CA LYS A 23 -3.83 6.28 -10.66
C LYS A 23 -2.79 6.91 -9.74
N SER A 24 -2.39 6.19 -8.71
CA SER A 24 -1.44 6.74 -7.76
C SER A 24 -0.33 5.73 -7.47
N ALA A 25 0.78 6.19 -6.90
CA ALA A 25 1.91 5.32 -6.57
C ALA A 25 2.84 5.96 -5.55
N THR A 26 3.64 5.15 -4.87
CA THR A 26 4.59 5.63 -3.90
C THR A 26 5.82 4.71 -3.83
N THR A 27 6.92 5.21 -4.32
CA THR A 27 8.19 4.50 -4.28
C THR A 27 9.01 4.91 -3.05
N THR A 28 9.41 3.93 -2.24
CA THR A 28 10.16 4.21 -1.04
C THR A 28 11.24 3.16 -0.78
N VAL A 29 12.49 3.54 -0.94
CA VAL A 29 13.61 2.65 -0.66
C VAL A 29 13.95 2.71 0.84
N MET A 30 14.63 1.67 1.36
CA MET A 30 15.01 1.63 2.78
C MET A 30 15.71 2.91 3.19
N ASN A 31 15.08 3.67 4.07
CA ASN A 31 15.64 4.93 4.53
C ASN A 31 16.89 4.68 5.37
N GLY A 42 16.26 -11.13 2.95
CA GLY A 42 15.58 -12.44 2.81
C GLY A 42 14.88 -12.59 1.48
N GLY A 43 14.42 -11.48 0.95
CA GLY A 43 13.73 -11.51 -0.31
C GLY A 43 12.32 -10.98 -0.20
N ALA A 44 11.71 -10.73 -1.34
CA ALA A 44 10.36 -10.22 -1.41
C ALA A 44 9.36 -11.18 -0.78
N HIS A 45 9.60 -12.47 -0.91
CA HIS A 45 8.69 -13.47 -0.35
C HIS A 45 8.70 -13.46 1.18
N LYS A 46 9.64 -12.74 1.76
CA LYS A 46 9.71 -12.62 3.21
C LYS A 46 8.87 -11.44 3.67
N VAL A 47 8.24 -10.77 2.73
CA VAL A 47 7.41 -9.62 3.03
C VAL A 47 5.95 -9.93 2.75
N ARG A 48 5.15 -9.95 3.79
CA ARG A 48 3.72 -10.14 3.65
C ARG A 48 3.01 -8.85 3.98
N ALA A 49 1.94 -8.58 3.27
CA ALA A 49 1.18 -7.37 3.49
C ALA A 49 -0.27 -7.69 3.83
N GLY A 50 -0.67 -7.32 5.03
CA GLY A 50 -2.03 -7.57 5.46
C GLY A 50 -2.55 -6.48 6.37
N GLY A 51 -2.16 -5.25 6.08
CA GLY A 51 -2.59 -4.13 6.88
C GLY A 51 -4.05 -3.78 6.63
N PRO A 52 -4.70 -3.08 7.58
CA PRO A 52 -6.13 -2.71 7.47
C PRO A 52 -6.45 -1.98 6.18
N GLY A 53 -5.52 -1.11 5.74
CA GLY A 53 -5.71 -0.35 4.52
C GLY A 53 -5.74 -1.22 3.27
N LEU A 54 -5.32 -2.48 3.41
CA LEU A 54 -5.31 -3.42 2.29
C LEU A 54 -6.52 -4.33 2.37
N GLU A 55 -7.21 -4.29 3.50
CA GLU A 55 -8.37 -5.12 3.71
C GLU A 55 -9.63 -4.39 3.28
N ARG A 56 -9.78 -3.18 3.77
CA ARG A 56 -10.91 -2.35 3.40
C ARG A 56 -10.54 -0.87 3.54
N ALA A 57 -10.96 -0.08 2.58
CA ALA A 57 -10.65 1.34 2.57
C ALA A 57 -11.91 2.17 2.40
N GLU A 58 -11.81 3.44 2.75
CA GLU A 58 -12.93 4.34 2.64
C GLU A 58 -12.58 5.53 1.78
N ALA A 59 -13.55 6.00 1.02
CA ALA A 59 -13.36 7.13 0.12
C ALA A 59 -13.23 8.44 0.91
N GLY A 60 -12.07 9.10 0.81
CA GLY A 60 -11.84 10.34 1.54
C GLY A 60 -11.52 10.08 2.99
N VAL A 61 -10.96 8.92 3.26
CA VAL A 61 -10.60 8.51 4.62
C VAL A 61 -9.25 7.83 4.57
N PRO A 62 -8.28 8.32 5.36
CA PRO A 62 -6.92 7.79 5.35
C PRO A 62 -6.82 6.34 5.78
N ALA A 63 -6.66 5.46 4.80
CA ALA A 63 -6.49 4.05 5.05
C ALA A 63 -5.01 3.74 5.15
N GLU A 64 -4.56 3.37 6.33
CA GLU A 64 -3.16 3.11 6.55
C GLU A 64 -2.90 1.62 6.67
N PHE A 65 -1.99 1.13 5.86
CA PHE A 65 -1.60 -0.25 5.92
C PHE A 65 -0.12 -0.37 6.25
N SER A 66 0.17 -0.95 7.39
CA SER A 66 1.52 -1.14 7.82
C SER A 66 2.14 -2.31 7.08
N ILE A 67 3.28 -2.06 6.46
CA ILE A 67 4.01 -3.09 5.75
C ILE A 67 5.02 -3.72 6.70
N TRP A 68 5.50 -2.90 7.64
CA TRP A 68 6.46 -3.31 8.68
C TRP A 68 7.85 -3.57 8.09
N THR A 69 7.95 -4.59 7.24
CA THR A 69 9.22 -5.00 6.65
C THR A 69 10.19 -5.44 7.74
N ARG A 70 10.10 -6.69 8.12
CA ARG A 70 10.92 -7.25 9.18
C ARG A 70 11.62 -8.50 8.68
N GLU A 71 12.91 -8.64 9.01
CA GLU A 71 13.71 -9.81 8.63
C GLU A 71 13.93 -9.84 7.10
N ALA A 72 13.69 -8.70 6.47
CA ALA A 72 13.85 -8.57 5.03
C ALA A 72 15.27 -8.14 4.69
N GLY A 73 15.92 -7.48 5.66
CA GLY A 73 17.30 -7.05 5.49
C GLY A 73 17.48 -6.00 4.41
N ALA A 74 16.40 -5.37 3.98
CA ALA A 74 16.45 -4.35 2.94
C ALA A 74 15.10 -3.68 2.82
N GLY A 75 15.05 -2.60 2.05
CA GLY A 75 13.82 -1.93 1.81
C GLY A 75 13.79 -1.33 0.43
N GLY A 76 12.73 -1.58 -0.26
CA GLY A 76 12.57 -1.05 -1.60
C GLY A 76 11.15 -1.18 -2.01
N LEU A 77 10.30 -0.51 -1.27
CA LEU A 77 8.87 -0.65 -1.43
C LEU A 77 8.31 0.29 -2.49
N ALA A 78 7.93 -0.27 -3.61
CA ALA A 78 7.33 0.48 -4.68
C ALA A 78 5.85 0.11 -4.77
N ILE A 79 5.00 0.97 -4.28
CA ILE A 79 3.58 0.71 -4.23
C ILE A 79 2.85 1.52 -5.27
N ALA A 80 1.87 0.92 -5.90
CA ALA A 80 1.06 1.62 -6.85
C ALA A 80 -0.41 1.32 -6.61
N VAL A 81 -1.19 2.36 -6.40
CA VAL A 81 -2.61 2.19 -6.21
C VAL A 81 -3.31 2.32 -7.55
N GLU A 82 -3.67 1.19 -8.10
CA GLU A 82 -4.32 1.17 -9.37
C GLU A 82 -5.81 1.01 -9.19
N GLY A 83 -6.56 1.96 -9.70
CA GLY A 83 -8.00 1.90 -9.59
C GLY A 83 -8.68 2.86 -10.52
N PRO A 84 -10.01 3.00 -10.42
CA PRO A 84 -10.79 3.89 -11.28
C PRO A 84 -10.62 5.37 -10.93
N SER A 85 -10.05 5.67 -9.77
CA SER A 85 -9.89 7.05 -9.34
C SER A 85 -8.58 7.25 -8.57
N LYS A 86 -8.30 8.51 -8.25
CA LYS A 86 -7.08 8.90 -7.56
C LYS A 86 -7.11 8.51 -6.09
N ALA A 87 -5.94 8.20 -5.55
CA ALA A 87 -5.80 7.91 -4.15
C ALA A 87 -4.66 8.74 -3.58
N GLU A 88 -4.94 9.51 -2.55
CA GLU A 88 -3.95 10.36 -1.95
C GLU A 88 -3.01 9.55 -1.10
N ILE A 89 -1.85 9.26 -1.63
CA ILE A 89 -0.90 8.43 -0.95
C ILE A 89 0.11 9.26 -0.19
N SER A 90 0.37 8.85 1.02
CA SER A 90 1.37 9.46 1.84
C SER A 90 2.15 8.37 2.56
N PHE A 91 3.40 8.64 2.83
CA PHE A 91 4.25 7.68 3.49
C PHE A 91 4.70 8.24 4.83
N GLU A 92 4.52 7.48 5.88
CA GLU A 92 4.90 7.91 7.18
C GLU A 92 5.56 6.79 7.95
N ASP A 93 6.68 7.09 8.56
CA ASP A 93 7.35 6.13 9.40
C ASP A 93 6.62 6.08 10.74
N ARG A 94 6.08 4.92 11.07
CA ARG A 94 5.35 4.77 12.32
C ARG A 94 6.34 4.84 13.49
N LYS A 95 5.88 5.30 14.64
CA LYS A 95 6.74 5.52 15.81
C LYS A 95 7.50 4.24 16.24
N ASP A 96 6.94 3.09 15.94
CA ASP A 96 7.58 1.81 16.28
C ASP A 96 8.79 1.53 15.40
N GLY A 97 8.98 2.35 14.38
CA GLY A 97 10.07 2.13 13.46
C GLY A 97 9.63 1.27 12.29
N SER A 98 8.33 1.12 12.15
CA SER A 98 7.76 0.31 11.10
C SER A 98 7.30 1.21 9.95
N CYS A 99 7.35 0.70 8.74
CA CYS A 99 6.93 1.46 7.59
C CYS A 99 5.46 1.20 7.26
N GLY A 100 4.73 2.25 6.96
CA GLY A 100 3.33 2.13 6.63
C GLY A 100 2.92 3.12 5.58
N VAL A 101 1.97 2.74 4.75
CA VAL A 101 1.49 3.61 3.69
C VAL A 101 0.05 4.01 3.94
N ALA A 102 -0.26 5.28 3.74
CA ALA A 102 -1.60 5.79 3.93
C ALA A 102 -2.14 6.36 2.63
N TYR A 103 -3.35 5.98 2.27
CA TYR A 103 -3.96 6.51 1.05
C TYR A 103 -5.39 6.76 1.23
N VAL A 104 -5.80 7.87 0.74
CA VAL A 104 -7.15 8.14 0.66
C VAL A 104 -7.58 8.08 -0.71
N VAL A 105 -8.43 7.24 -0.91
CA VAL A 105 -8.94 7.04 -2.15
C VAL A 105 -10.11 7.97 -2.31
N GLN A 106 -10.19 8.65 -3.44
CA GLN A 106 -11.20 9.68 -3.60
C GLN A 106 -12.55 9.12 -3.96
N GLU A 107 -12.55 7.97 -4.59
CA GLU A 107 -13.78 7.31 -4.94
C GLU A 107 -13.78 5.90 -4.43
N PRO A 108 -14.95 5.34 -4.12
CA PRO A 108 -15.07 3.98 -3.65
C PRO A 108 -15.02 2.97 -4.80
N GLY A 109 -14.97 1.71 -4.47
CA GLY A 109 -14.90 0.67 -5.49
C GLY A 109 -13.82 -0.33 -5.17
N ASP A 110 -13.23 -0.89 -6.20
CA ASP A 110 -12.14 -1.84 -6.03
C ASP A 110 -10.85 -1.17 -6.42
N TYR A 111 -9.83 -1.33 -5.59
CA TYR A 111 -8.54 -0.70 -5.85
C TYR A 111 -7.45 -1.69 -5.67
N GLU A 112 -6.62 -1.84 -6.66
CA GLU A 112 -5.59 -2.83 -6.61
C GLU A 112 -4.26 -2.20 -6.31
N VAL A 113 -3.80 -2.41 -5.10
CA VAL A 113 -2.54 -1.88 -4.65
C VAL A 113 -1.44 -2.85 -5.03
N SER A 114 -0.66 -2.48 -6.01
CA SER A 114 0.42 -3.32 -6.44
C SER A 114 1.69 -2.95 -5.70
N VAL A 115 2.17 -3.87 -4.91
CA VAL A 115 3.39 -3.64 -4.14
C VAL A 115 4.57 -4.26 -4.83
N LYS A 116 5.74 -3.81 -4.45
CA LYS A 116 6.99 -4.34 -4.93
C LYS A 116 8.08 -4.08 -3.93
N PHE A 117 8.67 -5.13 -3.46
CA PHE A 117 9.80 -5.05 -2.58
C PHE A 117 11.07 -5.35 -3.38
N ASN A 118 11.78 -4.30 -3.76
CA ASN A 118 12.99 -4.40 -4.56
C ASN A 118 12.71 -5.00 -5.93
N GLU A 119 11.80 -4.34 -6.66
CA GLU A 119 11.43 -4.72 -8.04
C GLU A 119 10.60 -6.02 -8.07
N GLU A 120 10.44 -6.63 -6.92
CA GLU A 120 9.68 -7.85 -6.79
C GLU A 120 8.46 -7.57 -5.98
N HIS A 121 7.30 -7.71 -6.60
CA HIS A 121 6.01 -7.35 -5.99
C HIS A 121 5.91 -7.75 -4.52
N ILE A 122 5.84 -9.04 -4.38
CA ILE A 122 5.79 -9.91 -3.17
C ILE A 122 4.63 -10.87 -3.38
N PRO A 123 4.56 -12.01 -2.68
CA PRO A 123 3.48 -12.98 -2.88
C PRO A 123 2.10 -12.41 -2.50
N ASP A 124 1.27 -12.31 -3.50
CA ASP A 124 -0.15 -11.87 -3.43
C ASP A 124 -0.25 -10.34 -3.43
N SER A 125 0.78 -9.72 -3.98
CA SER A 125 0.92 -8.28 -3.99
C SER A 125 -0.20 -7.50 -4.55
N PRO A 126 -0.85 -7.91 -5.65
CA PRO A 126 -1.85 -7.09 -6.15
C PRO A 126 -3.13 -7.21 -5.34
N PHE A 127 -3.11 -6.55 -4.22
CA PHE A 127 -4.20 -6.56 -3.26
C PHE A 127 -5.27 -5.57 -3.65
N VAL A 128 -6.44 -6.08 -3.97
CA VAL A 128 -7.54 -5.20 -4.28
C VAL A 128 -8.32 -4.91 -3.02
N VAL A 129 -8.33 -3.67 -2.64
CA VAL A 129 -8.98 -3.23 -1.45
C VAL A 129 -10.35 -2.65 -1.78
N PRO A 130 -11.42 -3.19 -1.20
CA PRO A 130 -12.74 -2.64 -1.36
C PRO A 130 -12.88 -1.32 -0.64
N VAL A 131 -12.96 -0.27 -1.39
CA VAL A 131 -13.14 1.02 -0.83
C VAL A 131 -14.60 1.35 -0.85
N ALA A 132 -15.07 1.91 0.23
CA ALA A 132 -16.46 2.21 0.35
C ALA A 132 -16.67 3.64 0.81
N SER A 133 -17.89 4.11 0.67
CA SER A 133 -18.24 5.46 1.04
C SER A 133 -18.66 5.53 2.51
N PRO A 134 -18.12 6.50 3.25
CA PRO A 134 -18.49 6.70 4.66
C PRO A 134 -19.92 7.23 4.78
N SER A 135 -20.57 6.93 5.88
CA SER A 135 -21.93 7.39 6.11
C SER A 135 -21.97 8.85 6.53
N PRO A 20 -5.44 2.62 -17.60
CA PRO A 20 -6.59 1.96 -16.98
C PRO A 20 -6.21 1.36 -15.63
N LEU A 21 -6.99 1.69 -14.59
CA LEU A 21 -6.80 1.19 -13.22
C LEU A 21 -5.55 1.79 -12.56
N PHE A 22 -4.39 1.55 -13.16
CA PHE A 22 -3.12 2.06 -12.60
C PHE A 22 -3.18 3.57 -12.42
N LYS A 23 -3.35 4.00 -11.19
CA LYS A 23 -3.44 5.42 -10.89
C LYS A 23 -2.21 5.98 -10.18
N SER A 24 -2.13 5.81 -8.87
CA SER A 24 -1.07 6.44 -8.10
C SER A 24 -0.01 5.43 -7.66
N ALA A 25 1.18 5.93 -7.32
CA ALA A 25 2.27 5.09 -6.86
C ALA A 25 3.23 5.86 -5.98
N THR A 26 3.85 5.16 -5.04
CA THR A 26 4.79 5.77 -4.12
C THR A 26 5.95 4.84 -3.81
N THR A 27 7.09 5.17 -4.33
CA THR A 27 8.29 4.42 -4.06
C THR A 27 9.11 5.06 -2.94
N THR A 28 9.47 4.26 -1.95
CA THR A 28 10.26 4.71 -0.83
C THR A 28 11.14 3.58 -0.31
N VAL A 29 12.44 3.74 -0.43
CA VAL A 29 13.39 2.74 0.00
C VAL A 29 13.67 2.87 1.51
N MET A 30 13.75 1.73 2.18
CA MET A 30 14.07 1.70 3.59
C MET A 30 15.18 0.71 3.83
N ASN A 31 16.40 1.21 3.84
CA ASN A 31 17.57 0.36 4.04
C ASN A 31 18.72 1.15 4.63
N GLY A 42 15.58 -10.38 2.55
CA GLY A 42 15.05 -11.77 2.61
C GLY A 42 14.46 -12.19 1.28
N GLY A 43 14.21 -11.23 0.42
CA GLY A 43 13.62 -11.52 -0.86
C GLY A 43 12.15 -11.16 -0.89
N ALA A 44 11.64 -10.89 -2.07
CA ALA A 44 10.25 -10.50 -2.25
C ALA A 44 9.28 -11.54 -1.70
N HIS A 45 9.60 -12.82 -1.89
CA HIS A 45 8.75 -13.90 -1.43
C HIS A 45 8.53 -13.85 0.10
N LYS A 46 9.46 -13.22 0.81
CA LYS A 46 9.38 -13.12 2.27
C LYS A 46 8.49 -11.96 2.70
N VAL A 47 8.42 -10.94 1.87
CA VAL A 47 7.70 -9.73 2.22
C VAL A 47 6.25 -9.78 1.79
N ARG A 48 5.37 -9.46 2.73
CA ARG A 48 3.95 -9.35 2.47
C ARG A 48 3.42 -8.14 3.22
N ALA A 49 2.34 -7.58 2.77
CA ALA A 49 1.80 -6.40 3.40
C ALA A 49 0.45 -6.69 4.03
N GLY A 50 0.14 -5.98 5.09
CA GLY A 50 -1.11 -6.16 5.77
C GLY A 50 -1.59 -4.86 6.37
N GLY A 51 -2.36 -4.94 7.43
CA GLY A 51 -2.86 -3.74 8.07
C GLY A 51 -4.25 -3.39 7.61
N PRO A 52 -4.96 -2.51 8.34
CA PRO A 52 -6.34 -2.13 8.03
C PRO A 52 -6.48 -1.48 6.65
N GLY A 53 -5.42 -0.82 6.21
CA GLY A 53 -5.43 -0.15 4.92
C GLY A 53 -5.63 -1.09 3.75
N LEU A 54 -5.18 -2.33 3.89
CA LEU A 54 -5.33 -3.31 2.82
C LEU A 54 -6.56 -4.17 3.05
N GLU A 55 -7.23 -3.96 4.17
CA GLU A 55 -8.41 -4.73 4.52
C GLU A 55 -9.64 -4.11 3.89
N ARG A 56 -9.89 -2.85 4.20
CA ARG A 56 -11.03 -2.12 3.67
C ARG A 56 -10.76 -0.63 3.77
N ALA A 57 -11.19 0.12 2.78
CA ALA A 57 -10.94 1.56 2.76
C ALA A 57 -12.21 2.35 2.51
N GLU A 58 -12.14 3.63 2.79
CA GLU A 58 -13.27 4.52 2.61
C GLU A 58 -12.93 5.63 1.65
N ALA A 59 -13.88 5.99 0.81
CA ALA A 59 -13.68 7.05 -0.15
C ALA A 59 -13.44 8.38 0.56
N GLY A 60 -12.30 8.98 0.29
CA GLY A 60 -11.95 10.25 0.91
C GLY A 60 -11.35 10.07 2.28
N VAL A 61 -10.81 8.90 2.53
CA VAL A 61 -10.23 8.57 3.81
C VAL A 61 -8.87 7.90 3.62
N PRO A 62 -7.83 8.40 4.31
CA PRO A 62 -6.49 7.82 4.21
C PRO A 62 -6.40 6.46 4.90
N ALA A 63 -6.41 5.41 4.11
CA ALA A 63 -6.30 4.06 4.60
C ALA A 63 -4.84 3.69 4.76
N GLU A 64 -4.43 3.39 5.98
CA GLU A 64 -3.06 3.09 6.25
C GLU A 64 -2.85 1.60 6.46
N PHE A 65 -1.92 1.05 5.71
CA PHE A 65 -1.57 -0.34 5.85
C PHE A 65 -0.09 -0.47 6.18
N SER A 66 0.25 -1.52 6.90
CA SER A 66 1.62 -1.74 7.31
C SER A 66 2.24 -2.88 6.52
N ILE A 67 3.35 -2.60 5.87
CA ILE A 67 4.04 -3.61 5.09
C ILE A 67 4.94 -4.43 5.99
N TRP A 68 4.57 -5.66 6.22
CA TRP A 68 5.32 -6.54 7.10
C TRP A 68 6.53 -7.11 6.38
N THR A 69 7.56 -6.29 6.26
CA THR A 69 8.79 -6.70 5.63
C THR A 69 9.79 -7.14 6.71
N ARG A 70 9.27 -7.51 7.87
CA ARG A 70 10.10 -7.97 8.99
C ARG A 70 10.71 -9.34 8.70
N GLU A 71 10.26 -9.94 7.61
CA GLU A 71 10.82 -11.21 7.17
C GLU A 71 12.09 -10.96 6.37
N ALA A 72 12.27 -9.71 5.96
CA ALA A 72 13.46 -9.30 5.24
C ALA A 72 14.30 -8.39 6.11
N GLY A 73 13.72 -7.26 6.50
CA GLY A 73 14.38 -6.33 7.40
C GLY A 73 14.68 -4.98 6.77
N ALA A 74 14.64 -4.93 5.44
CA ALA A 74 14.93 -3.68 4.71
C ALA A 74 14.75 -3.91 3.21
N GLY A 75 14.54 -2.82 2.47
CA GLY A 75 14.38 -2.94 1.03
C GLY A 75 13.68 -1.76 0.42
N GLY A 76 13.61 -1.75 -0.91
CA GLY A 76 12.94 -0.67 -1.61
C GLY A 76 11.47 -0.96 -1.81
N LEU A 77 10.63 -0.21 -1.14
CA LEU A 77 9.19 -0.44 -1.22
C LEU A 77 8.53 0.53 -2.19
N ALA A 78 8.05 -0.01 -3.30
CA ALA A 78 7.36 0.79 -4.30
C ALA A 78 5.91 0.34 -4.40
N ILE A 79 5.02 1.15 -3.89
CA ILE A 79 3.61 0.80 -3.84
C ILE A 79 2.83 1.51 -4.93
N ALA A 80 1.94 0.80 -5.60
CA ALA A 80 1.11 1.40 -6.60
C ALA A 80 -0.36 1.13 -6.29
N VAL A 81 -1.17 2.17 -6.26
CA VAL A 81 -2.58 2.03 -6.00
C VAL A 81 -3.35 2.16 -7.29
N GLU A 82 -3.95 1.07 -7.72
CA GLU A 82 -4.67 1.05 -8.96
C GLU A 82 -6.15 0.91 -8.70
N GLY A 83 -6.92 1.82 -9.24
CA GLY A 83 -8.34 1.78 -9.01
C GLY A 83 -9.12 2.83 -9.79
N PRO A 84 -10.45 2.88 -9.57
CA PRO A 84 -11.36 3.83 -10.25
C PRO A 84 -10.85 5.28 -10.26
N SER A 85 -10.19 5.69 -9.20
CA SER A 85 -9.73 7.08 -9.11
C SER A 85 -8.34 7.16 -8.54
N LYS A 86 -7.80 8.38 -8.51
CA LYS A 86 -6.49 8.62 -7.95
C LYS A 86 -6.53 8.45 -6.44
N ALA A 87 -5.42 8.04 -5.87
CA ALA A 87 -5.32 7.86 -4.46
C ALA A 87 -4.31 8.84 -3.87
N GLU A 88 -4.57 9.32 -2.67
CA GLU A 88 -3.65 10.23 -2.01
C GLU A 88 -2.78 9.45 -1.08
N ILE A 89 -1.64 9.08 -1.56
CA ILE A 89 -0.75 8.22 -0.83
C ILE A 89 0.31 9.01 -0.05
N SER A 90 0.61 8.54 1.13
CA SER A 90 1.64 9.12 1.95
C SER A 90 2.34 8.02 2.73
N PHE A 91 3.59 8.27 3.06
CA PHE A 91 4.39 7.29 3.78
C PHE A 91 4.71 7.81 5.18
N GLU A 92 4.08 7.22 6.18
CA GLU A 92 4.31 7.63 7.55
C GLU A 92 5.18 6.62 8.28
N ASP A 93 6.42 7.00 8.50
CA ASP A 93 7.38 6.15 9.18
C ASP A 93 7.32 6.33 10.68
N ARG A 94 7.71 5.30 11.41
CA ARG A 94 7.77 5.35 12.86
C ARG A 94 9.16 4.93 13.32
N LYS A 95 9.59 5.43 14.47
CA LYS A 95 10.93 5.09 15.01
C LYS A 95 10.99 3.61 15.37
N ASP A 96 9.83 3.02 15.60
CA ASP A 96 9.72 1.60 15.91
C ASP A 96 10.15 0.74 14.71
N GLY A 97 10.24 1.38 13.54
CA GLY A 97 10.61 0.68 12.33
C GLY A 97 9.40 0.35 11.50
N SER A 98 8.28 0.19 12.18
CA SER A 98 7.03 -0.11 11.53
C SER A 98 6.52 1.11 10.77
N CYS A 99 6.56 1.04 9.47
CA CYS A 99 6.13 2.14 8.63
C CYS A 99 4.78 1.81 8.00
N GLY A 100 3.94 2.82 7.89
CA GLY A 100 2.63 2.62 7.33
C GLY A 100 2.39 3.47 6.11
N VAL A 101 1.74 2.89 5.13
CA VAL A 101 1.42 3.60 3.91
C VAL A 101 -0.07 3.93 3.90
N ALA A 102 -0.37 5.20 3.84
CA ALA A 102 -1.75 5.65 3.88
C ALA A 102 -2.16 6.25 2.54
N TYR A 103 -3.36 5.95 2.10
CA TYR A 103 -3.86 6.48 0.84
C TYR A 103 -5.32 6.70 0.89
N VAL A 104 -5.73 7.77 0.28
CA VAL A 104 -7.10 8.04 0.15
C VAL A 104 -7.54 7.64 -1.16
N VAL A 105 -8.78 7.65 -1.30
CA VAL A 105 -9.42 7.35 -2.48
C VAL A 105 -10.39 8.42 -2.77
N GLN A 106 -10.48 8.85 -3.99
CA GLN A 106 -11.38 9.91 -4.27
C GLN A 106 -12.76 9.36 -4.64
N GLU A 107 -12.79 8.12 -5.14
CA GLU A 107 -14.05 7.50 -5.58
C GLU A 107 -14.10 6.05 -5.13
N PRO A 108 -15.21 5.63 -4.53
CA PRO A 108 -15.35 4.28 -3.99
C PRO A 108 -15.23 3.18 -5.05
N GLY A 109 -14.97 1.97 -4.61
CA GLY A 109 -14.78 0.86 -5.49
C GLY A 109 -13.66 -0.01 -5.01
N ASP A 110 -13.32 -1.03 -5.75
CA ASP A 110 -12.24 -1.92 -5.35
C ASP A 110 -10.94 -1.37 -5.86
N TYR A 111 -9.89 -1.55 -5.09
CA TYR A 111 -8.60 -0.97 -5.42
C TYR A 111 -7.52 -1.99 -5.28
N GLU A 112 -6.76 -2.17 -6.31
CA GLU A 112 -5.74 -3.16 -6.28
C GLU A 112 -4.40 -2.50 -6.04
N VAL A 113 -3.91 -2.65 -4.83
CA VAL A 113 -2.67 -2.08 -4.45
C VAL A 113 -1.55 -3.03 -4.77
N SER A 114 -0.81 -2.73 -5.80
CA SER A 114 0.29 -3.55 -6.19
C SER A 114 1.54 -3.04 -5.50
N VAL A 115 2.23 -3.89 -4.82
CA VAL A 115 3.44 -3.46 -4.12
C VAL A 115 4.65 -4.01 -4.78
N LYS A 116 5.79 -3.41 -4.50
CA LYS A 116 7.06 -3.87 -5.02
C LYS A 116 8.15 -3.78 -3.98
N PHE A 117 8.74 -4.90 -3.68
CA PHE A 117 9.87 -4.97 -2.77
C PHE A 117 11.13 -5.17 -3.60
N ASN A 118 11.92 -4.09 -3.71
CA ASN A 118 13.13 -4.08 -4.54
C ASN A 118 12.74 -4.24 -6.01
N GLU A 119 11.61 -3.60 -6.34
CA GLU A 119 10.99 -3.65 -7.68
C GLU A 119 10.36 -5.00 -7.96
N GLU A 120 10.37 -5.85 -6.97
CA GLU A 120 9.74 -7.15 -7.04
C GLU A 120 8.40 -7.06 -6.37
N HIS A 121 7.44 -6.94 -7.22
CA HIS A 121 6.01 -6.75 -6.94
C HIS A 121 5.37 -7.74 -5.90
N ILE A 122 6.16 -8.52 -5.22
CA ILE A 122 5.79 -9.68 -4.39
C ILE A 122 4.61 -10.55 -4.90
N PRO A 123 4.77 -11.87 -4.75
CA PRO A 123 3.80 -12.86 -5.27
C PRO A 123 2.37 -12.67 -4.79
N ASP A 124 2.20 -12.00 -3.65
CA ASP A 124 0.85 -11.80 -3.11
C ASP A 124 0.51 -10.34 -2.96
N SER A 125 1.25 -9.46 -3.63
CA SER A 125 1.02 -8.04 -3.52
C SER A 125 -0.29 -7.54 -3.99
N PRO A 126 -0.95 -8.12 -5.00
CA PRO A 126 -2.05 -7.46 -5.50
C PRO A 126 -3.27 -7.58 -4.59
N PHE A 127 -3.26 -6.75 -3.59
CA PHE A 127 -4.29 -6.69 -2.59
C PHE A 127 -5.37 -5.73 -3.03
N VAL A 128 -6.53 -6.25 -3.27
CA VAL A 128 -7.64 -5.39 -3.65
C VAL A 128 -8.40 -4.98 -2.42
N VAL A 129 -8.31 -3.73 -2.10
CA VAL A 129 -8.96 -3.19 -0.95
C VAL A 129 -10.30 -2.63 -1.33
N PRO A 130 -11.38 -3.18 -0.75
CA PRO A 130 -12.71 -2.70 -1.01
C PRO A 130 -12.93 -1.32 -0.40
N VAL A 131 -12.90 -0.30 -1.22
CA VAL A 131 -13.17 1.02 -0.76
C VAL A 131 -14.64 1.29 -0.92
N ALA A 132 -15.25 1.73 0.12
CA ALA A 132 -16.64 1.94 0.10
C ALA A 132 -17.02 3.37 0.41
N SER A 133 -18.26 3.70 0.11
CA SER A 133 -18.78 5.02 0.34
C SER A 133 -19.10 5.19 1.82
N PRO A 134 -18.69 6.32 2.43
CA PRO A 134 -18.98 6.61 3.83
C PRO A 134 -20.47 6.95 4.04
N SER A 135 -20.78 7.66 5.10
CA SER A 135 -22.15 8.05 5.37
C SER A 135 -22.43 9.42 4.77
N PRO A 20 -10.02 3.22 -13.53
CA PRO A 20 -10.12 1.86 -13.01
C PRO A 20 -8.74 1.27 -12.73
N LEU A 21 -7.69 1.86 -13.30
CA LEU A 21 -6.34 1.37 -13.07
C LEU A 21 -5.31 2.47 -13.28
N PHE A 22 -4.06 2.15 -12.90
CA PHE A 22 -2.92 3.06 -13.03
C PHE A 22 -3.21 4.47 -12.52
N LYS A 23 -3.52 4.59 -11.23
CA LYS A 23 -3.79 5.89 -10.64
C LYS A 23 -2.58 6.50 -9.93
N SER A 24 -2.37 6.12 -8.68
CA SER A 24 -1.31 6.71 -7.90
C SER A 24 -0.30 5.66 -7.48
N ALA A 25 0.87 6.08 -7.06
CA ALA A 25 1.91 5.16 -6.64
C ALA A 25 2.85 5.81 -5.64
N THR A 26 3.62 5.00 -4.95
CA THR A 26 4.58 5.51 -4.02
C THR A 26 5.85 4.65 -4.02
N THR A 27 6.85 5.12 -4.69
CA THR A 27 8.14 4.47 -4.69
C THR A 27 8.99 5.08 -3.58
N THR A 28 9.20 4.33 -2.54
CA THR A 28 9.93 4.82 -1.39
C THR A 28 10.89 3.77 -0.86
N VAL A 29 12.14 4.15 -0.70
CA VAL A 29 13.13 3.25 -0.15
C VAL A 29 13.09 3.35 1.37
N MET A 30 12.91 2.24 2.04
CA MET A 30 12.82 2.25 3.47
C MET A 30 14.07 1.64 4.06
N ASN A 31 14.96 2.49 4.55
CA ASN A 31 16.20 2.04 5.17
C ASN A 31 16.94 3.21 5.81
N GLY A 42 16.24 -10.72 3.18
CA GLY A 42 15.70 -12.10 3.11
C GLY A 42 14.95 -12.37 1.82
N GLY A 43 14.67 -11.31 1.07
CA GLY A 43 13.93 -11.45 -0.16
C GLY A 43 12.51 -10.98 0.00
N ALA A 44 11.87 -10.66 -1.12
CA ALA A 44 10.49 -10.19 -1.12
C ALA A 44 9.54 -11.24 -0.58
N HIS A 45 9.89 -12.51 -0.75
CA HIS A 45 9.05 -13.59 -0.27
C HIS A 45 9.00 -13.67 1.26
N LYS A 46 9.88 -12.90 1.91
CA LYS A 46 9.89 -12.83 3.36
C LYS A 46 9.08 -11.63 3.82
N VAL A 47 8.65 -10.84 2.86
CA VAL A 47 7.89 -9.64 3.13
C VAL A 47 6.40 -9.88 2.91
N ARG A 48 5.59 -9.40 3.82
CA ARG A 48 4.16 -9.55 3.71
C ARG A 48 3.49 -8.25 4.13
N ALA A 49 2.43 -7.90 3.45
CA ALA A 49 1.73 -6.67 3.74
C ALA A 49 0.34 -6.96 4.26
N GLY A 50 -0.10 -6.18 5.23
CA GLY A 50 -1.41 -6.36 5.80
C GLY A 50 -1.90 -5.10 6.48
N GLY A 51 -2.99 -5.20 7.19
CA GLY A 51 -3.55 -4.06 7.86
C GLY A 51 -4.94 -3.72 7.37
N PRO A 52 -5.64 -2.81 8.05
CA PRO A 52 -7.00 -2.40 7.69
C PRO A 52 -7.07 -1.79 6.29
N GLY A 53 -6.03 -1.05 5.93
CA GLY A 53 -5.99 -0.39 4.64
C GLY A 53 -5.93 -1.34 3.45
N LEU A 54 -5.61 -2.60 3.70
CA LEU A 54 -5.54 -3.58 2.62
C LEU A 54 -6.77 -4.47 2.56
N GLU A 55 -7.65 -4.35 3.55
CA GLU A 55 -8.88 -5.13 3.54
C GLU A 55 -10.06 -4.29 3.09
N ARG A 56 -10.09 -3.04 3.52
CA ARG A 56 -11.14 -2.11 3.15
C ARG A 56 -10.68 -0.69 3.30
N ALA A 57 -11.00 0.11 2.33
CA ALA A 57 -10.65 1.51 2.36
C ALA A 57 -11.89 2.34 2.29
N GLU A 58 -11.80 3.55 2.76
CA GLU A 58 -12.95 4.43 2.80
C GLU A 58 -12.76 5.61 1.88
N ALA A 59 -13.78 5.89 1.07
CA ALA A 59 -13.72 6.98 0.11
C ALA A 59 -13.54 8.32 0.81
N GLY A 60 -12.40 8.94 0.55
CA GLY A 60 -12.10 10.24 1.16
C GLY A 60 -11.52 10.10 2.54
N VAL A 61 -10.90 8.96 2.79
CA VAL A 61 -10.31 8.68 4.09
C VAL A 61 -8.96 7.99 3.90
N PRO A 62 -7.91 8.48 4.55
CA PRO A 62 -6.58 7.87 4.46
C PRO A 62 -6.53 6.51 5.15
N ALA A 63 -6.46 5.46 4.36
CA ALA A 63 -6.37 4.11 4.87
C ALA A 63 -4.91 3.74 5.07
N GLU A 64 -4.61 3.10 6.18
CA GLU A 64 -3.23 2.74 6.49
C GLU A 64 -3.02 1.25 6.50
N PHE A 65 -2.01 0.81 5.78
CA PHE A 65 -1.61 -0.58 5.79
C PHE A 65 -0.14 -0.70 6.18
N SER A 66 0.23 -1.81 6.76
CA SER A 66 1.59 -2.00 7.21
C SER A 66 2.30 -3.09 6.40
N ILE A 67 3.42 -2.73 5.81
CA ILE A 67 4.23 -3.66 5.07
C ILE A 67 5.34 -4.19 5.96
N TRP A 68 5.23 -5.45 6.34
CA TRP A 68 6.20 -6.05 7.24
C TRP A 68 7.44 -6.48 6.49
N THR A 69 8.46 -5.64 6.53
CA THR A 69 9.70 -5.88 5.84
C THR A 69 10.82 -6.27 6.81
N ARG A 70 10.45 -6.51 8.06
CA ARG A 70 11.44 -6.81 9.10
C ARG A 70 12.12 -8.17 8.85
N GLU A 71 11.39 -9.08 8.21
CA GLU A 71 11.94 -10.40 7.90
C GLU A 71 13.07 -10.27 6.86
N ALA A 72 12.93 -9.29 5.98
CA ALA A 72 13.92 -9.07 4.94
C ALA A 72 14.99 -8.10 5.38
N GLY A 73 14.61 -7.12 6.19
CA GLY A 73 15.57 -6.16 6.69
C GLY A 73 15.56 -4.86 5.91
N ALA A 74 14.36 -4.35 5.62
CA ALA A 74 14.18 -3.07 4.91
C ALA A 74 14.60 -3.14 3.44
N GLY A 75 14.21 -2.15 2.65
CA GLY A 75 14.55 -2.14 1.24
C GLY A 75 13.70 -1.17 0.45
N GLY A 76 13.69 -1.31 -0.86
CA GLY A 76 12.94 -0.41 -1.71
C GLY A 76 11.50 -0.83 -1.89
N LEU A 77 10.58 -0.02 -1.40
CA LEU A 77 9.17 -0.33 -1.49
C LEU A 77 8.49 0.50 -2.59
N ALA A 78 8.05 -0.16 -3.62
CA ALA A 78 7.36 0.49 -4.71
C ALA A 78 5.91 0.03 -4.76
N ILE A 79 5.02 0.88 -4.30
CA ILE A 79 3.60 0.55 -4.24
C ILE A 79 2.83 1.36 -5.25
N ALA A 80 1.82 0.76 -5.86
CA ALA A 80 0.97 1.48 -6.78
C ALA A 80 -0.51 1.20 -6.47
N VAL A 81 -1.28 2.25 -6.32
CA VAL A 81 -2.71 2.14 -6.06
C VAL A 81 -3.47 2.39 -7.34
N GLU A 82 -4.06 1.36 -7.88
CA GLU A 82 -4.77 1.47 -9.12
C GLU A 82 -6.27 1.33 -8.89
N GLY A 83 -7.02 2.34 -9.31
CA GLY A 83 -8.45 2.30 -9.12
C GLY A 83 -9.19 3.33 -9.96
N PRO A 84 -10.49 3.52 -9.72
CA PRO A 84 -11.32 4.47 -10.46
C PRO A 84 -10.91 5.93 -10.25
N SER A 85 -10.33 6.24 -9.11
CA SER A 85 -9.96 7.63 -8.83
C SER A 85 -8.56 7.73 -8.24
N LYS A 86 -8.07 8.96 -8.13
CA LYS A 86 -6.76 9.21 -7.57
C LYS A 86 -6.72 8.83 -6.10
N ALA A 87 -5.60 8.31 -5.67
CA ALA A 87 -5.43 7.93 -4.29
C ALA A 87 -4.36 8.81 -3.65
N GLU A 88 -4.70 9.46 -2.55
CA GLU A 88 -3.77 10.34 -1.87
C GLU A 88 -2.86 9.51 -1.00
N ILE A 89 -1.70 9.19 -1.52
CA ILE A 89 -0.77 8.32 -0.86
C ILE A 89 0.32 9.10 -0.12
N SER A 90 0.53 8.72 1.12
CA SER A 90 1.60 9.26 1.93
C SER A 90 2.36 8.11 2.56
N PHE A 91 3.65 8.27 2.69
CA PHE A 91 4.48 7.24 3.27
C PHE A 91 5.31 7.83 4.38
N GLU A 92 4.95 7.53 5.61
CA GLU A 92 5.69 8.02 6.76
C GLU A 92 5.97 6.90 7.73
N ASP A 93 7.23 6.59 7.92
CA ASP A 93 7.60 5.59 8.90
C ASP A 93 7.58 6.24 10.27
N ARG A 94 6.88 5.63 11.19
CA ARG A 94 6.70 6.20 12.52
C ARG A 94 7.93 6.03 13.39
N LYS A 95 8.97 5.40 12.82
CA LYS A 95 10.28 5.20 13.47
C LYS A 95 10.22 4.18 14.62
N ASP A 96 9.11 4.16 15.33
CA ASP A 96 8.90 3.25 16.46
C ASP A 96 8.87 1.78 15.99
N GLY A 97 8.69 1.58 14.69
CA GLY A 97 8.65 0.25 14.14
C GLY A 97 7.43 0.03 13.28
N SER A 98 6.52 0.98 13.34
CA SER A 98 5.31 0.92 12.56
C SER A 98 5.45 1.74 11.26
N CYS A 99 5.05 1.14 10.16
CA CYS A 99 5.10 1.81 8.88
C CYS A 99 3.73 2.38 8.57
N GLY A 100 3.66 3.68 8.34
CA GLY A 100 2.39 4.31 8.07
C GLY A 100 2.22 4.69 6.63
N VAL A 101 1.71 3.76 5.84
CA VAL A 101 1.41 4.03 4.46
C VAL A 101 -0.07 4.33 4.33
N ALA A 102 -0.41 5.59 4.15
CA ALA A 102 -1.80 6.01 4.10
C ALA A 102 -2.19 6.44 2.70
N TYR A 103 -3.39 6.09 2.29
CA TYR A 103 -3.91 6.49 1.01
C TYR A 103 -5.37 6.72 1.06
N VAL A 104 -5.78 7.77 0.43
CA VAL A 104 -7.15 8.04 0.31
C VAL A 104 -7.61 7.67 -1.02
N VAL A 105 -8.85 7.67 -1.12
CA VAL A 105 -9.50 7.40 -2.31
C VAL A 105 -10.47 8.49 -2.55
N GLN A 106 -10.59 8.96 -3.75
CA GLN A 106 -11.50 10.02 -3.98
C GLN A 106 -12.90 9.48 -4.27
N GLU A 107 -12.96 8.26 -4.79
CA GLU A 107 -14.24 7.64 -5.18
C GLU A 107 -14.23 6.15 -4.88
N PRO A 108 -15.32 5.62 -4.32
CA PRO A 108 -15.40 4.20 -3.92
C PRO A 108 -15.28 3.24 -5.11
N GLY A 109 -14.92 2.00 -4.81
CA GLY A 109 -14.74 1.00 -5.83
C GLY A 109 -13.63 0.03 -5.44
N ASP A 110 -13.15 -0.74 -6.40
CA ASP A 110 -12.08 -1.69 -6.10
C ASP A 110 -10.75 -1.06 -6.45
N TYR A 111 -9.76 -1.33 -5.64
CA TYR A 111 -8.46 -0.70 -5.81
C TYR A 111 -7.39 -1.72 -5.71
N GLU A 112 -6.56 -1.79 -6.70
CA GLU A 112 -5.54 -2.79 -6.72
C GLU A 112 -4.23 -2.18 -6.32
N VAL A 113 -3.81 -2.46 -5.10
CA VAL A 113 -2.58 -1.98 -4.58
C VAL A 113 -1.49 -2.97 -4.91
N SER A 114 -0.71 -2.63 -5.88
CA SER A 114 0.37 -3.46 -6.30
C SER A 114 1.64 -3.08 -5.55
N VAL A 115 2.14 -3.98 -4.73
CA VAL A 115 3.33 -3.69 -3.95
C VAL A 115 4.53 -4.30 -4.59
N LYS A 116 5.70 -3.81 -4.21
CA LYS A 116 6.97 -4.34 -4.69
C LYS A 116 8.09 -4.01 -3.73
N PHE A 117 8.68 -5.05 -3.20
CA PHE A 117 9.83 -4.92 -2.36
C PHE A 117 11.08 -5.27 -3.17
N ASN A 118 11.93 -4.27 -3.40
CA ASN A 118 13.15 -4.42 -4.20
C ASN A 118 12.81 -4.77 -5.65
N GLU A 119 11.68 -4.21 -6.10
CA GLU A 119 11.15 -4.40 -7.47
C GLU A 119 10.53 -5.79 -7.65
N GLU A 120 10.36 -6.47 -6.55
CA GLU A 120 9.69 -7.75 -6.51
C GLU A 120 8.49 -7.58 -5.63
N HIS A 121 7.29 -7.73 -6.21
CA HIS A 121 6.03 -7.38 -5.51
C HIS A 121 6.02 -7.84 -4.05
N ILE A 122 5.80 -9.10 -3.97
CA ILE A 122 5.81 -10.04 -2.84
C ILE A 122 4.79 -11.11 -3.23
N PRO A 123 4.81 -12.31 -2.63
CA PRO A 123 3.86 -13.38 -2.99
C PRO A 123 2.42 -12.91 -3.09
N ASP A 124 1.89 -12.41 -2.01
CA ASP A 124 0.55 -11.87 -2.04
C ASP A 124 0.64 -10.39 -2.09
N SER A 125 0.81 -9.86 -3.28
CA SER A 125 0.93 -8.42 -3.46
C SER A 125 -0.24 -7.70 -4.05
N PRO A 126 -0.88 -8.18 -5.12
CA PRO A 126 -1.88 -7.39 -5.71
C PRO A 126 -3.18 -7.42 -4.92
N PHE A 127 -3.21 -6.58 -3.93
CA PHE A 127 -4.36 -6.44 -3.05
C PHE A 127 -5.38 -5.52 -3.65
N VAL A 128 -6.53 -6.05 -3.94
CA VAL A 128 -7.61 -5.21 -4.40
C VAL A 128 -8.49 -4.90 -3.21
N VAL A 129 -8.37 -3.68 -2.75
CA VAL A 129 -9.07 -3.23 -1.59
C VAL A 129 -10.37 -2.57 -1.96
N PRO A 130 -11.51 -3.13 -1.54
CA PRO A 130 -12.80 -2.53 -1.77
C PRO A 130 -12.98 -1.27 -0.95
N VAL A 131 -12.97 -0.15 -1.62
CA VAL A 131 -13.20 1.10 -0.96
C VAL A 131 -14.68 1.35 -0.88
N ALA A 132 -15.13 1.69 0.30
CA ALA A 132 -16.51 1.89 0.52
C ALA A 132 -16.78 3.28 1.07
N SER A 133 -17.95 3.78 0.81
CA SER A 133 -18.34 5.09 1.27
C SER A 133 -18.64 5.06 2.78
N PRO A 134 -18.03 5.98 3.55
CA PRO A 134 -18.25 6.07 4.99
C PRO A 134 -19.72 6.33 5.32
N SER A 135 -20.28 5.49 6.17
CA SER A 135 -21.67 5.62 6.54
C SER A 135 -21.80 6.51 7.77
N PRO A 20 -8.68 1.84 -16.07
CA PRO A 20 -8.78 2.89 -15.04
C PRO A 20 -7.68 2.74 -13.99
N LEU A 21 -6.68 3.60 -14.06
CA LEU A 21 -5.56 3.60 -13.14
C LEU A 21 -5.10 5.03 -12.84
N PHE A 22 -6.08 5.90 -12.60
CA PHE A 22 -5.85 7.33 -12.35
C PHE A 22 -5.20 7.56 -10.96
N LYS A 23 -4.86 6.47 -10.29
CA LYS A 23 -4.22 6.53 -8.99
C LYS A 23 -2.74 6.91 -9.11
N SER A 24 -2.01 6.77 -8.03
CA SER A 24 -0.60 7.10 -8.01
C SER A 24 0.19 5.96 -7.36
N ALA A 25 1.49 6.14 -7.23
CA ALA A 25 2.34 5.11 -6.64
C ALA A 25 3.39 5.74 -5.73
N THR A 26 3.93 4.94 -4.83
CA THR A 26 4.94 5.39 -3.91
C THR A 26 6.14 4.45 -3.93
N THR A 27 7.16 4.87 -4.60
CA THR A 27 8.40 4.12 -4.69
C THR A 27 9.49 4.75 -3.83
N THR A 28 9.97 3.99 -2.86
CA THR A 28 11.01 4.49 -1.97
C THR A 28 11.86 3.35 -1.40
N VAL A 29 13.17 3.52 -1.44
CA VAL A 29 14.07 2.55 -0.87
C VAL A 29 14.25 2.82 0.62
N MET A 30 14.41 1.77 1.42
CA MET A 30 14.52 1.93 2.86
C MET A 30 15.93 1.59 3.33
N ASN A 31 16.44 0.47 2.81
CA ASN A 31 17.78 -0.03 3.17
C ASN A 31 17.95 -0.06 4.69
N GLY A 42 16.13 -12.46 2.56
CA GLY A 42 15.86 -11.02 2.78
C GLY A 42 15.26 -10.36 1.55
N GLY A 43 14.51 -11.13 0.79
CA GLY A 43 13.90 -10.63 -0.40
C GLY A 43 12.42 -10.35 -0.21
N ALA A 44 11.70 -10.21 -1.30
CA ALA A 44 10.28 -9.88 -1.28
C ALA A 44 9.46 -10.93 -0.53
N HIS A 45 9.85 -12.18 -0.67
CA HIS A 45 9.11 -13.27 0.00
C HIS A 45 9.31 -13.23 1.53
N LYS A 46 10.21 -12.37 1.98
CA LYS A 46 10.45 -12.20 3.41
C LYS A 46 9.66 -11.00 3.92
N VAL A 47 8.86 -10.42 3.04
CA VAL A 47 8.06 -9.25 3.37
C VAL A 47 6.59 -9.58 3.33
N ARG A 48 5.83 -9.03 4.26
CA ARG A 48 4.39 -9.22 4.29
C ARG A 48 3.70 -7.92 4.61
N ALA A 49 2.61 -7.65 3.92
CA ALA A 49 1.87 -6.43 4.13
C ALA A 49 0.50 -6.74 4.70
N GLY A 50 0.04 -5.92 5.62
CA GLY A 50 -1.24 -6.14 6.22
C GLY A 50 -1.88 -4.86 6.67
N GLY A 51 -2.96 -4.97 7.40
CA GLY A 51 -3.66 -3.81 7.85
C GLY A 51 -4.99 -3.66 7.15
N PRO A 52 -5.93 -2.90 7.74
CA PRO A 52 -7.27 -2.70 7.15
C PRO A 52 -7.20 -2.04 5.78
N GLY A 53 -6.13 -1.29 5.54
CA GLY A 53 -5.96 -0.59 4.28
C GLY A 53 -5.77 -1.52 3.08
N LEU A 54 -5.56 -2.79 3.35
CA LEU A 54 -5.40 -3.77 2.27
C LEU A 54 -6.59 -4.73 2.23
N GLU A 55 -7.58 -4.48 3.05
CA GLU A 55 -8.75 -5.34 3.12
C GLU A 55 -9.99 -4.62 2.61
N ARG A 56 -10.30 -3.49 3.22
CA ARG A 56 -11.44 -2.68 2.83
C ARG A 56 -11.24 -1.26 3.33
N ALA A 57 -11.57 -0.29 2.50
CA ALA A 57 -11.34 1.10 2.86
C ALA A 57 -12.56 1.97 2.68
N GLU A 58 -12.46 3.21 3.12
CA GLU A 58 -13.56 4.15 3.05
C GLU A 58 -13.19 5.39 2.26
N ALA A 59 -14.14 5.84 1.45
CA ALA A 59 -13.95 7.01 0.62
C ALA A 59 -13.76 8.26 1.48
N GLY A 60 -12.63 8.91 1.30
CA GLY A 60 -12.33 10.13 2.03
C GLY A 60 -11.61 9.84 3.32
N VAL A 61 -11.07 8.65 3.41
CA VAL A 61 -10.36 8.23 4.61
C VAL A 61 -9.00 7.66 4.25
N PRO A 62 -7.93 8.17 4.87
CA PRO A 62 -6.58 7.66 4.64
C PRO A 62 -6.41 6.26 5.21
N ALA A 63 -6.54 5.27 4.34
CA ALA A 63 -6.42 3.89 4.72
C ALA A 63 -4.97 3.52 4.91
N GLU A 64 -4.61 3.15 6.11
CA GLU A 64 -3.25 2.82 6.43
C GLU A 64 -3.01 1.32 6.44
N PHE A 65 -1.99 0.90 5.72
CA PHE A 65 -1.58 -0.48 5.72
C PHE A 65 -0.12 -0.57 6.14
N SER A 66 0.22 -1.60 6.87
CA SER A 66 1.57 -1.75 7.38
C SER A 66 2.32 -2.87 6.65
N ILE A 67 3.53 -2.56 6.24
CA ILE A 67 4.37 -3.52 5.56
C ILE A 67 5.50 -3.95 6.51
N TRP A 68 5.53 -5.23 6.83
CA TRP A 68 6.51 -5.75 7.76
C TRP A 68 7.62 -6.49 7.03
N THR A 69 8.83 -6.06 7.24
CA THR A 69 9.99 -6.68 6.66
C THR A 69 10.63 -7.64 7.65
N ARG A 70 10.73 -8.90 7.27
CA ARG A 70 11.31 -9.91 8.13
C ARG A 70 12.59 -10.47 7.52
N GLU A 71 13.68 -10.36 8.26
CA GLU A 71 14.99 -10.90 7.84
C GLU A 71 15.51 -10.24 6.56
N ALA A 72 14.94 -9.12 6.19
CA ALA A 72 15.36 -8.43 5.00
C ALA A 72 16.54 -7.51 5.33
N GLY A 73 16.31 -6.60 6.27
CA GLY A 73 17.35 -5.70 6.73
C GLY A 73 17.61 -4.52 5.80
N ALA A 74 17.15 -4.64 4.56
CA ALA A 74 17.32 -3.59 3.56
C ALA A 74 16.47 -3.89 2.35
N GLY A 75 16.04 -2.86 1.64
CA GLY A 75 15.26 -3.08 0.45
C GLY A 75 14.49 -1.84 0.05
N GLY A 76 13.82 -1.92 -1.08
CA GLY A 76 13.05 -0.81 -1.54
C GLY A 76 11.62 -1.18 -1.80
N LEU A 77 10.71 -0.36 -1.31
CA LEU A 77 9.29 -0.61 -1.45
C LEU A 77 8.69 0.30 -2.51
N ALA A 78 8.11 -0.31 -3.52
CA ALA A 78 7.42 0.41 -4.56
C ALA A 78 5.95 -0.01 -4.60
N ILE A 79 5.09 0.83 -4.07
CA ILE A 79 3.68 0.50 -3.98
C ILE A 79 2.89 1.33 -4.97
N ALA A 80 2.10 0.68 -5.78
CA ALA A 80 1.29 1.38 -6.73
C ALA A 80 -0.18 1.07 -6.50
N VAL A 81 -0.97 2.09 -6.30
CA VAL A 81 -2.39 1.92 -6.15
C VAL A 81 -3.04 2.06 -7.52
N GLU A 82 -3.97 1.19 -7.83
CA GLU A 82 -4.64 1.25 -9.13
C GLU A 82 -6.16 1.21 -8.96
N GLY A 83 -6.83 2.22 -9.50
CA GLY A 83 -8.27 2.29 -9.38
C GLY A 83 -8.87 3.33 -10.31
N PRO A 84 -10.21 3.37 -10.41
CA PRO A 84 -10.94 4.31 -11.30
C PRO A 84 -10.72 5.79 -10.95
N SER A 85 -10.28 6.08 -9.75
CA SER A 85 -10.07 7.46 -9.32
C SER A 85 -8.62 7.67 -8.90
N LYS A 86 -8.34 8.77 -8.21
CA LYS A 86 -6.99 9.01 -7.69
C LYS A 86 -6.98 8.77 -6.18
N ALA A 87 -5.82 8.44 -5.63
CA ALA A 87 -5.70 8.18 -4.19
C ALA A 87 -4.63 9.03 -3.58
N GLU A 88 -4.87 9.54 -2.37
CA GLU A 88 -3.89 10.35 -1.69
C GLU A 88 -2.93 9.46 -0.93
N ILE A 89 -1.85 9.11 -1.57
CA ILE A 89 -0.86 8.23 -0.97
C ILE A 89 0.13 9.00 -0.12
N SER A 90 0.19 8.65 1.13
CA SER A 90 1.10 9.27 2.05
C SER A 90 2.02 8.24 2.65
N PHE A 91 3.30 8.46 2.49
CA PHE A 91 4.30 7.57 3.02
C PHE A 91 5.08 8.28 4.11
N GLU A 92 4.83 7.89 5.33
CA GLU A 92 5.55 8.42 6.45
C GLU A 92 5.95 7.28 7.34
N ASP A 93 7.12 7.36 7.94
CA ASP A 93 7.57 6.31 8.82
C ASP A 93 6.66 6.25 10.04
N ARG A 94 6.22 5.07 10.39
CA ARG A 94 5.28 4.91 11.47
C ARG A 94 5.72 3.81 12.42
N LYS A 95 5.08 3.77 13.60
CA LYS A 95 5.39 2.79 14.63
C LYS A 95 6.85 2.96 15.11
N ASP A 96 7.53 1.85 15.38
CA ASP A 96 8.90 1.88 15.89
C ASP A 96 9.89 1.47 14.82
N GLY A 97 9.49 1.61 13.58
CA GLY A 97 10.36 1.22 12.48
C GLY A 97 9.64 0.33 11.51
N SER A 98 8.35 0.54 11.37
CA SER A 98 7.55 -0.22 10.46
C SER A 98 7.10 0.67 9.32
N CYS A 99 6.71 0.06 8.22
CA CYS A 99 6.28 0.83 7.08
C CYS A 99 4.77 1.01 7.12
N GLY A 100 4.35 2.25 7.25
CA GLY A 100 2.95 2.55 7.29
C GLY A 100 2.56 3.50 6.21
N VAL A 101 1.87 2.99 5.21
CA VAL A 101 1.44 3.80 4.09
C VAL A 101 -0.06 4.01 4.16
N ALA A 102 -0.50 5.24 4.00
CA ALA A 102 -1.91 5.55 4.05
C ALA A 102 -2.35 6.25 2.79
N TYR A 103 -3.42 5.77 2.20
CA TYR A 103 -3.95 6.36 0.97
C TYR A 103 -5.39 6.67 1.13
N VAL A 104 -5.78 7.80 0.64
CA VAL A 104 -7.13 8.12 0.64
C VAL A 104 -7.72 7.87 -0.65
N VAL A 105 -8.97 7.93 -0.65
CA VAL A 105 -9.73 7.77 -1.77
C VAL A 105 -10.74 8.84 -1.77
N GLN A 106 -10.98 9.43 -2.87
CA GLN A 106 -11.99 10.42 -2.89
C GLN A 106 -13.27 9.86 -3.53
N GLU A 107 -13.14 8.71 -4.20
CA GLU A 107 -14.28 8.11 -4.91
C GLU A 107 -14.28 6.60 -4.69
N PRO A 108 -15.35 6.08 -4.12
CA PRO A 108 -15.45 4.66 -3.73
C PRO A 108 -15.36 3.69 -4.92
N GLY A 109 -14.49 2.69 -4.78
CA GLY A 109 -14.31 1.68 -5.79
C GLY A 109 -13.30 0.65 -5.36
N ASP A 110 -13.09 -0.39 -6.14
CA ASP A 110 -12.11 -1.42 -5.80
C ASP A 110 -10.76 -0.99 -6.28
N TYR A 111 -9.75 -1.27 -5.49
CA TYR A 111 -8.42 -0.79 -5.77
C TYR A 111 -7.43 -1.88 -5.67
N GLU A 112 -6.65 -2.06 -6.69
CA GLU A 112 -5.68 -3.10 -6.68
C GLU A 112 -4.31 -2.49 -6.41
N VAL A 113 -3.84 -2.69 -5.19
CA VAL A 113 -2.57 -2.17 -4.77
C VAL A 113 -1.47 -3.13 -5.15
N SER A 114 -0.65 -2.73 -6.08
CA SER A 114 0.45 -3.53 -6.52
C SER A 114 1.73 -3.13 -5.79
N VAL A 115 2.22 -4.01 -4.94
CA VAL A 115 3.43 -3.72 -4.16
C VAL A 115 4.63 -4.32 -4.83
N LYS A 116 5.82 -3.86 -4.44
CA LYS A 116 7.08 -4.41 -4.91
C LYS A 116 8.20 -4.12 -3.93
N PHE A 117 8.76 -5.16 -3.39
CA PHE A 117 9.95 -5.05 -2.57
C PHE A 117 11.15 -5.55 -3.37
N ASN A 118 12.04 -4.64 -3.74
CA ASN A 118 13.23 -4.97 -4.53
C ASN A 118 12.87 -5.51 -5.90
N GLU A 119 11.99 -4.78 -6.59
CA GLU A 119 11.55 -5.12 -7.96
C GLU A 119 10.66 -6.38 -7.99
N GLU A 120 10.40 -6.93 -6.83
CA GLU A 120 9.55 -8.09 -6.70
C GLU A 120 8.37 -7.71 -5.86
N HIS A 121 7.19 -7.86 -6.40
CA HIS A 121 5.95 -7.45 -5.74
C HIS A 121 5.93 -7.79 -4.26
N ILE A 122 5.79 -9.06 -4.08
CA ILE A 122 5.82 -9.90 -2.85
C ILE A 122 4.70 -10.93 -3.03
N PRO A 123 4.73 -12.06 -2.33
CA PRO A 123 3.67 -13.08 -2.46
C PRO A 123 2.29 -12.57 -2.03
N ASP A 124 1.42 -12.46 -3.01
CA ASP A 124 0.00 -12.04 -2.86
C ASP A 124 -0.13 -10.54 -2.83
N SER A 125 0.72 -9.86 -3.59
CA SER A 125 0.79 -8.43 -3.61
C SER A 125 -0.38 -7.70 -4.16
N PRO A 126 -1.05 -8.15 -5.22
CA PRO A 126 -2.05 -7.34 -5.77
C PRO A 126 -3.34 -7.41 -4.97
N PHE A 127 -3.33 -6.68 -3.88
CA PHE A 127 -4.45 -6.59 -2.96
C PHE A 127 -5.49 -5.63 -3.47
N VAL A 128 -6.69 -6.12 -3.70
CA VAL A 128 -7.77 -5.25 -4.11
C VAL A 128 -8.57 -4.87 -2.90
N VAL A 129 -8.60 -3.60 -2.62
CA VAL A 129 -9.29 -3.07 -1.48
C VAL A 129 -10.60 -2.42 -1.91
N PRO A 130 -11.74 -3.04 -1.60
CA PRO A 130 -13.04 -2.48 -1.90
C PRO A 130 -13.31 -1.26 -1.04
N VAL A 131 -13.08 -0.10 -1.58
CA VAL A 131 -13.37 1.10 -0.86
C VAL A 131 -14.79 1.50 -1.10
N ALA A 132 -15.44 1.93 -0.04
CA ALA A 132 -16.81 2.32 -0.12
C ALA A 132 -17.06 3.57 0.70
N SER A 133 -18.19 4.20 0.48
CA SER A 133 -18.56 5.40 1.19
C SER A 133 -18.79 5.10 2.67
N PRO A 134 -18.44 6.05 3.57
CA PRO A 134 -18.63 5.89 5.02
C PRO A 134 -20.10 6.07 5.44
N SER A 135 -20.98 6.04 4.45
CA SER A 135 -22.42 6.18 4.66
C SER A 135 -22.75 7.50 5.34
N PRO A 20 -10.37 1.21 -15.25
CA PRO A 20 -9.64 2.26 -14.54
C PRO A 20 -8.44 1.67 -13.79
N LEU A 21 -7.24 2.02 -14.23
CA LEU A 21 -6.04 1.48 -13.63
C LEU A 21 -4.91 2.50 -13.77
N PHE A 22 -3.74 2.16 -13.21
CA PHE A 22 -2.54 3.03 -13.27
C PHE A 22 -2.82 4.42 -12.69
N LYS A 23 -3.28 4.48 -11.44
CA LYS A 23 -3.55 5.77 -10.84
C LYS A 23 -2.33 6.38 -10.13
N SER A 24 -2.18 6.15 -8.83
CA SER A 24 -1.11 6.77 -8.09
C SER A 24 -0.17 5.75 -7.46
N ALA A 25 1.13 6.01 -7.55
CA ALA A 25 2.12 5.10 -7.00
C ALA A 25 3.17 5.87 -6.22
N THR A 26 3.75 5.23 -5.22
CA THR A 26 4.75 5.87 -4.39
C THR A 26 5.86 4.90 -4.05
N THR A 27 7.00 5.09 -4.67
CA THR A 27 8.17 4.30 -4.38
C THR A 27 9.02 4.97 -3.31
N THR A 28 9.24 4.26 -2.23
CA THR A 28 10.03 4.79 -1.12
C THR A 28 10.83 3.64 -0.47
N VAL A 29 12.07 3.91 -0.10
CA VAL A 29 12.90 2.89 0.49
C VAL A 29 12.70 2.79 1.99
N MET A 30 12.84 1.60 2.51
CA MET A 30 12.71 1.35 3.93
C MET A 30 14.09 1.33 4.57
N ASN A 31 14.31 2.25 5.49
CA ASN A 31 15.59 2.33 6.17
C ASN A 31 15.41 2.17 7.67
N GLY A 42 15.60 -12.90 2.98
CA GLY A 42 15.62 -13.89 1.87
C GLY A 42 15.13 -13.31 0.57
N GLY A 43 14.35 -12.24 0.67
CA GLY A 43 13.81 -11.60 -0.49
C GLY A 43 12.43 -11.06 -0.22
N ALA A 44 11.73 -10.76 -1.27
CA ALA A 44 10.38 -10.22 -1.17
C ALA A 44 9.42 -11.21 -0.57
N HIS A 45 9.72 -12.50 -0.72
CA HIS A 45 8.86 -13.54 -0.16
C HIS A 45 8.90 -13.52 1.38
N LYS A 46 9.88 -12.80 1.93
CA LYS A 46 10.00 -12.64 3.36
C LYS A 46 9.16 -11.46 3.83
N VAL A 47 8.68 -10.67 2.86
CA VAL A 47 7.92 -9.47 3.16
C VAL A 47 6.46 -9.62 2.73
N ARG A 48 5.58 -9.39 3.67
CA ARG A 48 4.16 -9.42 3.42
C ARG A 48 3.49 -8.28 4.15
N ALA A 49 2.46 -7.70 3.55
CA ALA A 49 1.80 -6.54 4.13
C ALA A 49 0.38 -6.87 4.53
N GLY A 50 -0.14 -6.17 5.53
CA GLY A 50 -1.49 -6.39 5.99
C GLY A 50 -1.97 -5.29 6.90
N GLY A 51 -3.26 -5.07 6.93
CA GLY A 51 -3.82 -4.05 7.77
C GLY A 51 -5.07 -3.45 7.17
N PRO A 52 -5.71 -2.49 7.86
CA PRO A 52 -6.95 -1.84 7.38
C PRO A 52 -6.84 -1.35 5.93
N GLY A 53 -5.67 -0.82 5.58
CA GLY A 53 -5.43 -0.31 4.25
C GLY A 53 -5.55 -1.37 3.16
N LEU A 54 -5.41 -2.63 3.54
CA LEU A 54 -5.53 -3.73 2.60
C LEU A 54 -6.80 -4.55 2.90
N GLU A 55 -7.58 -4.10 3.87
CA GLU A 55 -8.81 -4.78 4.26
C GLU A 55 -10.02 -4.10 3.65
N ARG A 56 -10.19 -2.82 3.97
CA ARG A 56 -11.29 -2.03 3.47
C ARG A 56 -10.94 -0.57 3.58
N ALA A 57 -11.29 0.19 2.56
CA ALA A 57 -10.98 1.60 2.55
C ALA A 57 -12.23 2.42 2.36
N GLU A 58 -12.20 3.64 2.84
CA GLU A 58 -13.33 4.52 2.74
C GLU A 58 -13.03 5.67 1.81
N ALA A 59 -13.99 5.98 0.95
CA ALA A 59 -13.84 7.04 -0.02
C ALA A 59 -13.61 8.38 0.68
N GLY A 60 -12.43 8.95 0.47
CA GLY A 60 -12.10 10.23 1.09
C GLY A 60 -11.45 10.07 2.44
N VAL A 61 -10.95 8.87 2.72
CA VAL A 61 -10.32 8.57 4.00
C VAL A 61 -9.00 7.83 3.79
N PRO A 62 -7.93 8.27 4.48
CA PRO A 62 -6.62 7.64 4.38
C PRO A 62 -6.58 6.27 5.07
N ALA A 63 -6.54 5.23 4.28
CA ALA A 63 -6.46 3.88 4.80
C ALA A 63 -5.00 3.48 4.97
N GLU A 64 -4.66 2.93 6.12
CA GLU A 64 -3.28 2.56 6.41
C GLU A 64 -3.10 1.05 6.48
N PHE A 65 -2.12 0.55 5.74
CA PHE A 65 -1.77 -0.86 5.79
C PHE A 65 -0.32 -1.01 6.20
N SER A 66 -0.07 -1.92 7.11
CA SER A 66 1.25 -2.12 7.65
C SER A 66 2.11 -2.99 6.76
N ILE A 67 3.33 -2.54 6.51
CA ILE A 67 4.28 -3.28 5.71
C ILE A 67 5.48 -3.63 6.57
N TRP A 68 5.40 -4.75 7.25
CA TRP A 68 6.49 -5.18 8.10
C TRP A 68 7.48 -6.00 7.32
N THR A 69 8.60 -5.38 6.99
CA THR A 69 9.65 -6.06 6.26
C THR A 69 10.42 -6.99 7.19
N ARG A 70 9.84 -8.14 7.47
CA ARG A 70 10.47 -9.11 8.34
C ARG A 70 11.54 -9.86 7.57
N GLU A 71 12.79 -9.66 7.97
CA GLU A 71 13.94 -10.26 7.30
C GLU A 71 14.15 -9.59 5.94
N ALA A 72 14.88 -10.27 5.06
CA ALA A 72 15.18 -9.79 3.70
C ALA A 72 16.26 -8.71 3.71
N GLY A 73 16.25 -7.86 4.73
CA GLY A 73 17.23 -6.81 4.84
C GLY A 73 16.70 -5.47 4.38
N ALA A 74 15.37 -5.37 4.25
CA ALA A 74 14.70 -4.15 3.82
C ALA A 74 15.09 -3.78 2.40
N GLY A 75 14.71 -2.61 1.97
CA GLY A 75 15.04 -2.16 0.64
C GLY A 75 14.04 -1.17 0.11
N GLY A 76 13.78 -1.22 -1.18
CA GLY A 76 12.88 -0.27 -1.79
C GLY A 76 11.47 -0.78 -1.88
N LEU A 77 10.54 -0.04 -1.33
CA LEU A 77 9.13 -0.39 -1.36
C LEU A 77 8.41 0.47 -2.38
N ALA A 78 8.01 -0.13 -3.48
CA ALA A 78 7.29 0.59 -4.50
C ALA A 78 5.83 0.18 -4.48
N ILE A 79 4.98 1.09 -4.07
CA ILE A 79 3.56 0.81 -3.95
C ILE A 79 2.79 1.55 -5.02
N ALA A 80 1.92 0.85 -5.71
CA ALA A 80 1.12 1.47 -6.74
C ALA A 80 -0.36 1.19 -6.50
N VAL A 81 -1.13 2.25 -6.33
CA VAL A 81 -2.55 2.14 -6.11
C VAL A 81 -3.30 2.36 -7.42
N GLU A 82 -3.90 1.31 -7.94
CA GLU A 82 -4.63 1.40 -9.18
C GLU A 82 -6.12 1.20 -8.93
N GLY A 83 -6.94 2.12 -9.41
CA GLY A 83 -8.37 1.99 -9.15
C GLY A 83 -9.24 2.94 -9.97
N PRO A 84 -10.55 3.08 -9.63
CA PRO A 84 -11.50 3.93 -10.35
C PRO A 84 -11.10 5.39 -10.35
N SER A 85 -10.40 5.80 -9.33
CA SER A 85 -9.97 7.18 -9.19
C SER A 85 -8.58 7.22 -8.57
N LYS A 86 -8.08 8.40 -8.30
CA LYS A 86 -6.76 8.55 -7.73
C LYS A 86 -6.79 8.31 -6.23
N ALA A 87 -5.65 7.98 -5.69
CA ALA A 87 -5.52 7.73 -4.28
C ALA A 87 -4.45 8.63 -3.69
N GLU A 88 -4.76 9.27 -2.56
CA GLU A 88 -3.81 10.17 -1.93
C GLU A 88 -2.92 9.39 -1.01
N ILE A 89 -1.78 9.01 -1.53
CA ILE A 89 -0.84 8.22 -0.78
C ILE A 89 0.06 9.12 0.04
N SER A 90 0.13 8.84 1.33
CA SER A 90 0.96 9.59 2.23
C SER A 90 1.94 8.66 2.92
N PHE A 91 3.21 8.98 2.83
CA PHE A 91 4.24 8.18 3.44
C PHE A 91 5.06 9.05 4.37
N GLU A 92 4.92 8.81 5.65
CA GLU A 92 5.62 9.57 6.65
C GLU A 92 6.90 8.87 7.05
N ASP A 93 8.01 9.56 6.88
CA ASP A 93 9.29 9.04 7.27
C ASP A 93 9.50 9.27 8.76
N ARG A 94 10.69 8.91 9.28
CA ARG A 94 11.00 9.01 10.70
C ARG A 94 10.12 8.02 11.47
N LYS A 95 10.58 6.78 11.54
CA LYS A 95 9.79 5.74 12.16
C LYS A 95 10.50 5.08 13.34
N ASP A 96 9.71 4.54 14.24
CA ASP A 96 10.21 3.83 15.40
C ASP A 96 10.24 2.33 15.08
N GLY A 97 9.81 2.00 13.87
CA GLY A 97 9.77 0.62 13.43
C GLY A 97 8.42 0.25 12.87
N SER A 98 7.42 1.07 13.15
CA SER A 98 6.08 0.83 12.63
C SER A 98 5.95 1.41 11.22
N CYS A 99 5.82 0.54 10.23
CA CYS A 99 5.71 0.97 8.86
C CYS A 99 4.33 0.70 8.29
N GLY A 100 3.64 1.77 7.94
CA GLY A 100 2.33 1.66 7.34
C GLY A 100 2.11 2.72 6.30
N VAL A 101 1.52 2.35 5.19
CA VAL A 101 1.27 3.29 4.11
C VAL A 101 -0.18 3.75 4.14
N ALA A 102 -0.38 5.05 4.03
CA ALA A 102 -1.72 5.63 4.07
C ALA A 102 -2.12 6.13 2.70
N TYR A 103 -3.36 5.90 2.31
CA TYR A 103 -3.86 6.39 1.04
C TYR A 103 -5.33 6.61 1.10
N VAL A 104 -5.74 7.68 0.53
CA VAL A 104 -7.11 7.96 0.43
C VAL A 104 -7.56 7.59 -0.89
N VAL A 105 -8.80 7.53 -0.99
CA VAL A 105 -9.43 7.27 -2.19
C VAL A 105 -10.32 8.41 -2.49
N GLN A 106 -10.34 8.85 -3.68
CA GLN A 106 -11.19 9.95 -3.99
C GLN A 106 -12.59 9.47 -4.38
N GLU A 107 -12.65 8.24 -4.92
CA GLU A 107 -13.92 7.66 -5.39
C GLU A 107 -13.93 6.15 -5.17
N PRO A 108 -15.04 5.59 -4.68
CA PRO A 108 -15.14 4.16 -4.39
C PRO A 108 -15.17 3.30 -5.67
N GLY A 109 -14.95 1.99 -5.52
CA GLY A 109 -14.96 1.10 -6.68
C GLY A 109 -13.81 0.09 -6.67
N ASP A 110 -13.25 -0.13 -5.47
CA ASP A 110 -12.18 -1.08 -5.20
C ASP A 110 -10.86 -0.59 -5.76
N TYR A 111 -9.79 -0.93 -5.09
CA TYR A 111 -8.47 -0.43 -5.47
C TYR A 111 -7.46 -1.50 -5.35
N GLU A 112 -6.65 -1.65 -6.35
CA GLU A 112 -5.68 -2.67 -6.36
C GLU A 112 -4.32 -2.09 -6.05
N VAL A 113 -3.87 -2.33 -4.83
CA VAL A 113 -2.60 -1.84 -4.36
C VAL A 113 -1.54 -2.86 -4.67
N SER A 114 -0.79 -2.61 -5.70
CA SER A 114 0.26 -3.48 -6.09
C SER A 114 1.55 -3.02 -5.44
N VAL A 115 2.27 -3.93 -4.83
CA VAL A 115 3.49 -3.58 -4.13
C VAL A 115 4.70 -4.26 -4.73
N LYS A 116 5.85 -3.67 -4.50
CA LYS A 116 7.10 -4.21 -4.95
C LYS A 116 8.18 -3.98 -3.91
N PHE A 117 8.71 -5.06 -3.40
CA PHE A 117 9.81 -5.01 -2.46
C PHE A 117 11.08 -5.39 -3.18
N ASN A 118 11.93 -4.39 -3.41
CA ASN A 118 13.18 -4.60 -4.15
C ASN A 118 12.90 -5.16 -5.53
N GLU A 119 11.99 -4.49 -6.25
CA GLU A 119 11.62 -4.85 -7.63
C GLU A 119 10.72 -6.10 -7.67
N GLU A 120 10.35 -6.63 -6.53
CA GLU A 120 9.53 -7.83 -6.49
C GLU A 120 8.11 -7.57 -5.96
N HIS A 121 7.16 -7.98 -6.75
CA HIS A 121 5.70 -7.94 -6.49
C HIS A 121 5.26 -8.66 -5.20
N ILE A 122 6.20 -9.05 -4.37
CA ILE A 122 6.03 -10.03 -3.27
C ILE A 122 5.05 -11.19 -3.63
N PRO A 123 4.88 -12.18 -2.77
CA PRO A 123 3.87 -13.19 -3.01
C PRO A 123 2.46 -12.63 -2.89
N ASP A 124 1.94 -12.30 -4.03
CA ASP A 124 0.54 -11.90 -4.21
C ASP A 124 0.27 -10.45 -3.82
N SER A 125 1.14 -9.52 -4.26
CA SER A 125 0.94 -8.09 -3.97
C SER A 125 -0.29 -7.46 -4.49
N PRO A 126 -0.87 -7.85 -5.63
CA PRO A 126 -1.91 -7.08 -6.12
C PRO A 126 -3.21 -7.27 -5.32
N PHE A 127 -3.27 -6.56 -4.21
CA PHE A 127 -4.37 -6.60 -3.28
C PHE A 127 -5.41 -5.57 -3.63
N VAL A 128 -6.62 -6.01 -3.87
CA VAL A 128 -7.71 -5.07 -4.12
C VAL A 128 -8.44 -4.80 -2.83
N VAL A 129 -8.42 -3.57 -2.43
CA VAL A 129 -9.07 -3.14 -1.22
C VAL A 129 -10.42 -2.54 -1.55
N PRO A 130 -11.49 -3.13 -1.03
CA PRO A 130 -12.84 -2.62 -1.25
C PRO A 130 -13.05 -1.27 -0.60
N VAL A 131 -13.04 -0.23 -1.40
CA VAL A 131 -13.35 1.07 -0.89
C VAL A 131 -14.81 1.31 -1.02
N ALA A 132 -15.42 1.81 0.02
CA ALA A 132 -16.82 2.03 0.00
C ALA A 132 -17.14 3.48 0.32
N SER A 133 -18.32 3.90 -0.08
CA SER A 133 -18.76 5.26 0.13
C SER A 133 -19.21 5.44 1.57
N PRO A 134 -19.01 6.65 2.15
CA PRO A 134 -19.46 6.95 3.51
C PRO A 134 -20.96 6.79 3.63
N SER A 135 -21.38 5.61 4.06
CA SER A 135 -22.79 5.28 4.15
C SER A 135 -23.35 5.69 5.50
#